data_6IE9
# 
_entry.id   6IE9 
# 
_audit_conform.dict_name       mmcif_pdbx.dic 
_audit_conform.dict_version    5.380 
_audit_conform.dict_location   http://mmcif.pdb.org/dictionaries/ascii/mmcif_pdbx.dic 
# 
loop_
_database_2.database_id 
_database_2.database_code 
_database_2.pdbx_database_accession 
_database_2.pdbx_DOI 
PDB   6IE9         pdb_00006ie9 10.2210/pdb6ie9/pdb 
WWPDB D_1300009060 ?            ?                   
# 
_pdbx_database_related.db_name        PDB 
_pdbx_database_related.details        . 
_pdbx_database_related.db_id          6IE8 
_pdbx_database_related.content_type   unspecified 
# 
_pdbx_database_status.status_code                     REL 
_pdbx_database_status.status_code_sf                  REL 
_pdbx_database_status.status_code_mr                  ? 
_pdbx_database_status.entry_id                        6IE9 
_pdbx_database_status.recvd_initial_deposition_date   2018-09-13 
_pdbx_database_status.SG_entry                        N 
_pdbx_database_status.deposit_site                    PDBJ 
_pdbx_database_status.process_site                    PDBJ 
_pdbx_database_status.status_code_cs                  ? 
_pdbx_database_status.methods_development_category    ? 
_pdbx_database_status.pdb_format_compatible           Y 
_pdbx_database_status.status_code_nmr_data            ? 
# 
loop_
_audit_author.name 
_audit_author.pdbx_ordinal 
_audit_author.identifier_ORCID 
'Nakashima, R.' 1 ? 
'Sakurai, K.'   2 ? 
'Yamasaki, S.'  3 ? 
'Nishino, K.'   4 ? 
# 
_citation.abstract                  ? 
_citation.abstract_id_CAS           ? 
_citation.book_id_ISBN              ? 
_citation.book_publisher            ? 
_citation.book_publisher_city       ? 
_citation.book_title                ? 
_citation.coordinate_linkage        ? 
_citation.country                   UK 
_citation.database_id_Medline       ? 
_citation.details                   ? 
_citation.id                        primary 
_citation.journal_abbrev            'Sci Rep' 
_citation.journal_id_ASTM           ? 
_citation.journal_id_CSD            ? 
_citation.journal_id_ISSN           2045-2322 
_citation.journal_full              ? 
_citation.journal_issue             ? 
_citation.journal_volume            9 
_citation.language                  ? 
_citation.page_first                177 
_citation.page_last                 177 
_citation.title                     'Crystal structure of the multidrug resistance regulator RamR complexed with bile acids.' 
_citation.year                      2019 
_citation.database_id_CSD           ? 
_citation.pdbx_database_id_DOI      10.1038/s41598-018-36025-8 
_citation.pdbx_database_id_PubMed   30655545 
_citation.unpublished_flag          ? 
# 
loop_
_citation_author.citation_id 
_citation_author.name 
_citation_author.ordinal 
_citation_author.identifier_ORCID 
primary 'Yamasaki, S.'   1 0000-0003-3370-5851 
primary 'Nakashima, R.'  2 ?                   
primary 'Sakurai, K.'    3 0000-0002-6948-1899 
primary 'Baucheron, S.'  4 ?                   
primary 'Giraud, E.'     5 0000-0002-2534-4040 
primary 'Doublet, B.'    6 0000-0003-0531-0967 
primary 'Cloeckaert, A.' 7 ?                   
primary 'Nishino, K.'    8 0000-0003-3349-1769 
# 
_cell.angle_alpha                  90.000 
_cell.angle_alpha_esd              ? 
_cell.angle_beta                   93.290 
_cell.angle_beta_esd               ? 
_cell.angle_gamma                  90.000 
_cell.angle_gamma_esd              ? 
_cell.entry_id                     6IE9 
_cell.details                      ? 
_cell.formula_units_Z              ? 
_cell.length_a                     87.436 
_cell.length_a_esd                 ? 
_cell.length_b                     53.576 
_cell.length_b_esd                 ? 
_cell.length_c                     43.837 
_cell.length_c_esd                 ? 
_cell.volume                       ? 
_cell.volume_esd                   ? 
_cell.Z_PDB                        4 
_cell.reciprocal_angle_alpha       ? 
_cell.reciprocal_angle_beta        ? 
_cell.reciprocal_angle_gamma       ? 
_cell.reciprocal_angle_alpha_esd   ? 
_cell.reciprocal_angle_beta_esd    ? 
_cell.reciprocal_angle_gamma_esd   ? 
_cell.reciprocal_length_a          ? 
_cell.reciprocal_length_b          ? 
_cell.reciprocal_length_c          ? 
_cell.reciprocal_length_a_esd      ? 
_cell.reciprocal_length_b_esd      ? 
_cell.reciprocal_length_c_esd      ? 
_cell.pdbx_unique_axis             ? 
# 
_symmetry.entry_id                         6IE9 
_symmetry.cell_setting                     ? 
_symmetry.Int_Tables_number                5 
_symmetry.space_group_name_Hall            ? 
_symmetry.space_group_name_H-M             'C 1 2 1' 
_symmetry.pdbx_full_space_group_name_H-M   ? 
# 
loop_
_entity.id 
_entity.type 
_entity.src_method 
_entity.pdbx_description 
_entity.formula_weight 
_entity.pdbx_number_of_molecules 
_entity.pdbx_ec 
_entity.pdbx_mutation 
_entity.pdbx_fragment 
_entity.details 
1 polymer     man 'Regulatory protein'    22044.262 1  ? ? ? ? 
2 non-polymer syn 'CHENODEOXYCHOLIC ACID' 392.572   1  ? ? ? ? 
3 non-polymer syn 'SULFATE ION'           96.063    1  ? ? ? ? 
4 water       nat water                   18.015    35 ? ? ? ? 
# 
_entity_poly.entity_id                      1 
_entity_poly.type                           'polypeptide(L)' 
_entity_poly.nstd_linkage                   no 
_entity_poly.nstd_monomer                   no 
_entity_poly.pdbx_seq_one_letter_code       
;MVARPKSEDKKQALLEAATQAIAQSGIAASTAVIARNAGVAEGTLFRYFATKDELINTLYLHLKQDLCQSMIMELDRSIT
DAKMMTRFIWNSYISWGLNHPARHRAIRQLAVSEKLTKETEQRADDMFPELRDLCHRSVLMVFMSDEYRAFGDGLFLALA
ETTMDFAARDPARAGEYIALGFEAMWRALTREEQ
;
_entity_poly.pdbx_seq_one_letter_code_can   
;MVARPKSEDKKQALLEAATQAIAQSGIAASTAVIARNAGVAEGTLFRYFATKDELINTLYLHLKQDLCQSMIMELDRSIT
DAKMMTRFIWNSYISWGLNHPARHRAIRQLAVSEKLTKETEQRADDMFPELRDLCHRSVLMVFMSDEYRAFGDGLFLALA
ETTMDFAARDPARAGEYIALGFEAMWRALTREEQ
;
_entity_poly.pdbx_strand_id                 A 
_entity_poly.pdbx_target_identifier         ? 
# 
loop_
_entity_poly_seq.entity_id 
_entity_poly_seq.num 
_entity_poly_seq.mon_id 
_entity_poly_seq.hetero 
1 1   MET n 
1 2   VAL n 
1 3   ALA n 
1 4   ARG n 
1 5   PRO n 
1 6   LYS n 
1 7   SER n 
1 8   GLU n 
1 9   ASP n 
1 10  LYS n 
1 11  LYS n 
1 12  GLN n 
1 13  ALA n 
1 14  LEU n 
1 15  LEU n 
1 16  GLU n 
1 17  ALA n 
1 18  ALA n 
1 19  THR n 
1 20  GLN n 
1 21  ALA n 
1 22  ILE n 
1 23  ALA n 
1 24  GLN n 
1 25  SER n 
1 26  GLY n 
1 27  ILE n 
1 28  ALA n 
1 29  ALA n 
1 30  SER n 
1 31  THR n 
1 32  ALA n 
1 33  VAL n 
1 34  ILE n 
1 35  ALA n 
1 36  ARG n 
1 37  ASN n 
1 38  ALA n 
1 39  GLY n 
1 40  VAL n 
1 41  ALA n 
1 42  GLU n 
1 43  GLY n 
1 44  THR n 
1 45  LEU n 
1 46  PHE n 
1 47  ARG n 
1 48  TYR n 
1 49  PHE n 
1 50  ALA n 
1 51  THR n 
1 52  LYS n 
1 53  ASP n 
1 54  GLU n 
1 55  LEU n 
1 56  ILE n 
1 57  ASN n 
1 58  THR n 
1 59  LEU n 
1 60  TYR n 
1 61  LEU n 
1 62  HIS n 
1 63  LEU n 
1 64  LYS n 
1 65  GLN n 
1 66  ASP n 
1 67  LEU n 
1 68  CYS n 
1 69  GLN n 
1 70  SER n 
1 71  MET n 
1 72  ILE n 
1 73  MET n 
1 74  GLU n 
1 75  LEU n 
1 76  ASP n 
1 77  ARG n 
1 78  SER n 
1 79  ILE n 
1 80  THR n 
1 81  ASP n 
1 82  ALA n 
1 83  LYS n 
1 84  MET n 
1 85  MET n 
1 86  THR n 
1 87  ARG n 
1 88  PHE n 
1 89  ILE n 
1 90  TRP n 
1 91  ASN n 
1 92  SER n 
1 93  TYR n 
1 94  ILE n 
1 95  SER n 
1 96  TRP n 
1 97  GLY n 
1 98  LEU n 
1 99  ASN n 
1 100 HIS n 
1 101 PRO n 
1 102 ALA n 
1 103 ARG n 
1 104 HIS n 
1 105 ARG n 
1 106 ALA n 
1 107 ILE n 
1 108 ARG n 
1 109 GLN n 
1 110 LEU n 
1 111 ALA n 
1 112 VAL n 
1 113 SER n 
1 114 GLU n 
1 115 LYS n 
1 116 LEU n 
1 117 THR n 
1 118 LYS n 
1 119 GLU n 
1 120 THR n 
1 121 GLU n 
1 122 GLN n 
1 123 ARG n 
1 124 ALA n 
1 125 ASP n 
1 126 ASP n 
1 127 MET n 
1 128 PHE n 
1 129 PRO n 
1 130 GLU n 
1 131 LEU n 
1 132 ARG n 
1 133 ASP n 
1 134 LEU n 
1 135 CYS n 
1 136 HIS n 
1 137 ARG n 
1 138 SER n 
1 139 VAL n 
1 140 LEU n 
1 141 MET n 
1 142 VAL n 
1 143 PHE n 
1 144 MET n 
1 145 SER n 
1 146 ASP n 
1 147 GLU n 
1 148 TYR n 
1 149 ARG n 
1 150 ALA n 
1 151 PHE n 
1 152 GLY n 
1 153 ASP n 
1 154 GLY n 
1 155 LEU n 
1 156 PHE n 
1 157 LEU n 
1 158 ALA n 
1 159 LEU n 
1 160 ALA n 
1 161 GLU n 
1 162 THR n 
1 163 THR n 
1 164 MET n 
1 165 ASP n 
1 166 PHE n 
1 167 ALA n 
1 168 ALA n 
1 169 ARG n 
1 170 ASP n 
1 171 PRO n 
1 172 ALA n 
1 173 ARG n 
1 174 ALA n 
1 175 GLY n 
1 176 GLU n 
1 177 TYR n 
1 178 ILE n 
1 179 ALA n 
1 180 LEU n 
1 181 GLY n 
1 182 PHE n 
1 183 GLU n 
1 184 ALA n 
1 185 MET n 
1 186 TRP n 
1 187 ARG n 
1 188 ALA n 
1 189 LEU n 
1 190 THR n 
1 191 ARG n 
1 192 GLU n 
1 193 GLU n 
1 194 GLN n 
# 
_entity_src_gen.entity_id                          1 
_entity_src_gen.pdbx_src_id                        1 
_entity_src_gen.pdbx_alt_source_flag               sample 
_entity_src_gen.pdbx_seq_type                      'Biological sequence' 
_entity_src_gen.pdbx_beg_seq_num                   1 
_entity_src_gen.pdbx_end_seq_num                   194 
_entity_src_gen.gene_src_common_name               ? 
_entity_src_gen.gene_src_genus                     ? 
_entity_src_gen.pdbx_gene_src_gene                 STM14_0676 
_entity_src_gen.gene_src_species                   ? 
_entity_src_gen.gene_src_strain                    '14028s / SGSC 2262' 
_entity_src_gen.gene_src_tissue                    ? 
_entity_src_gen.gene_src_tissue_fraction           ? 
_entity_src_gen.gene_src_details                   ? 
_entity_src_gen.pdbx_gene_src_fragment             ? 
_entity_src_gen.pdbx_gene_src_scientific_name      'Salmonella typhimurium (strain 14028s / SGSC 2262)' 
_entity_src_gen.pdbx_gene_src_ncbi_taxonomy_id     588858 
_entity_src_gen.pdbx_gene_src_variant              ? 
_entity_src_gen.pdbx_gene_src_cell_line            ? 
_entity_src_gen.pdbx_gene_src_atcc                 ? 
_entity_src_gen.pdbx_gene_src_organ                ? 
_entity_src_gen.pdbx_gene_src_organelle            ? 
_entity_src_gen.pdbx_gene_src_cell                 ? 
_entity_src_gen.pdbx_gene_src_cellular_location    ? 
_entity_src_gen.host_org_common_name               ? 
_entity_src_gen.pdbx_host_org_scientific_name      'Escherichia coli' 
_entity_src_gen.pdbx_host_org_ncbi_taxonomy_id     562 
_entity_src_gen.host_org_genus                     ? 
_entity_src_gen.pdbx_host_org_gene                 ? 
_entity_src_gen.pdbx_host_org_organ                ? 
_entity_src_gen.host_org_species                   ? 
_entity_src_gen.pdbx_host_org_tissue               ? 
_entity_src_gen.pdbx_host_org_tissue_fraction      ? 
_entity_src_gen.pdbx_host_org_strain               ? 
_entity_src_gen.pdbx_host_org_variant              ? 
_entity_src_gen.pdbx_host_org_cell_line            ? 
_entity_src_gen.pdbx_host_org_atcc                 ? 
_entity_src_gen.pdbx_host_org_culture_collection   ? 
_entity_src_gen.pdbx_host_org_cell                 ? 
_entity_src_gen.pdbx_host_org_organelle            ? 
_entity_src_gen.pdbx_host_org_cellular_location    ? 
_entity_src_gen.pdbx_host_org_vector_type          ? 
_entity_src_gen.pdbx_host_org_vector               ? 
_entity_src_gen.host_org_details                   ? 
_entity_src_gen.expression_system_id               ? 
_entity_src_gen.plasmid_name                       ? 
_entity_src_gen.plasmid_details                    ? 
_entity_src_gen.pdbx_description                   ? 
# 
_struct_ref.id                         1 
_struct_ref.db_name                    UNP 
_struct_ref.db_code                    A0A0F6AY66_SALT1 
_struct_ref.pdbx_db_accession          A0A0F6AY66 
_struct_ref.pdbx_db_isoform            ? 
_struct_ref.entity_id                  1 
_struct_ref.pdbx_seq_one_letter_code   
;MARPKSEDKKQALLEAATQAIAQSGIAASTAVIARNAGVAEGTLFRYFATKDELINTLYLHLKQDLCQSMIMELDRSITD
AKMMTRFIWNSYISWGLNHPARHRAIRQLAVSEKLTKETEQRADDMFPELRDLCHRSVLMVFMSDEYRAFGDGLFLALAE
TTMDFAARDPARAGEYIALGFEAMWRALTREEQ
;
_struct_ref.pdbx_align_begin           1 
# 
_struct_ref_seq.align_id                      1 
_struct_ref_seq.ref_id                        1 
_struct_ref_seq.pdbx_PDB_id_code              6IE9 
_struct_ref_seq.pdbx_strand_id                A 
_struct_ref_seq.seq_align_beg                 1 
_struct_ref_seq.pdbx_seq_align_beg_ins_code   ? 
_struct_ref_seq.seq_align_end                 194 
_struct_ref_seq.pdbx_seq_align_end_ins_code   ? 
_struct_ref_seq.pdbx_db_accession             A0A0F6AY66 
_struct_ref_seq.db_align_beg                  1 
_struct_ref_seq.pdbx_db_align_beg_ins_code    ? 
_struct_ref_seq.db_align_end                  193 
_struct_ref_seq.pdbx_db_align_end_ins_code    ? 
_struct_ref_seq.pdbx_auth_seq_align_beg       0 
_struct_ref_seq.pdbx_auth_seq_align_end       193 
# 
_struct_ref_seq_dif.align_id                     1 
_struct_ref_seq_dif.pdbx_pdb_id_code             6IE9 
_struct_ref_seq_dif.mon_id                       VAL 
_struct_ref_seq_dif.pdbx_pdb_strand_id           A 
_struct_ref_seq_dif.seq_num                      2 
_struct_ref_seq_dif.pdbx_pdb_ins_code            ? 
_struct_ref_seq_dif.pdbx_seq_db_name             UNP 
_struct_ref_seq_dif.pdbx_seq_db_accession_code   A0A0F6AY66 
_struct_ref_seq_dif.db_mon_id                    ? 
_struct_ref_seq_dif.pdbx_seq_db_seq_num          ? 
_struct_ref_seq_dif.details                      insertion 
_struct_ref_seq_dif.pdbx_auth_seq_num            1 
_struct_ref_seq_dif.pdbx_ordinal                 1 
# 
loop_
_chem_comp.id 
_chem_comp.type 
_chem_comp.mon_nstd_flag 
_chem_comp.name 
_chem_comp.pdbx_synonyms 
_chem_comp.formula 
_chem_comp.formula_weight 
ALA 'L-peptide linking' y ALANINE                 ?                                                                      
'C3 H7 N O2'     89.093  
ARG 'L-peptide linking' y ARGININE                ?                                                                      
'C6 H15 N4 O2 1' 175.209 
ASN 'L-peptide linking' y ASPARAGINE              ?                                                                      
'C4 H8 N2 O3'    132.118 
ASP 'L-peptide linking' y 'ASPARTIC ACID'         ?                                                                      
'C4 H7 N O4'     133.103 
CYS 'L-peptide linking' y CYSTEINE                ?                                                                      
'C3 H7 N O2 S'   121.158 
GLN 'L-peptide linking' y GLUTAMINE               ?                                                                      
'C5 H10 N2 O3'   146.144 
GLU 'L-peptide linking' y 'GLUTAMIC ACID'         ?                                                                      
'C5 H9 N O4'     147.129 
GLY 'peptide linking'   y GLYCINE                 ?                                                                      
'C2 H5 N O2'     75.067  
HIS 'L-peptide linking' y HISTIDINE               ?                                                                      
'C6 H10 N3 O2 1' 156.162 
HOH non-polymer         . WATER                   ?                                                                      'H2 O' 
18.015  
ILE 'L-peptide linking' y ISOLEUCINE              ?                                                                      
'C6 H13 N O2'    131.173 
JN3 non-polymer         . 'CHENODEOXYCHOLIC ACID' '(3ALPHA,5ALPHA,7BETA,8ALPHA,17ALPHA)-3,7-DIHYDROXYCHOLAN-24-OIC ACID' 
'C24 H40 O4'     392.572 
LEU 'L-peptide linking' y LEUCINE                 ?                                                                      
'C6 H13 N O2'    131.173 
LYS 'L-peptide linking' y LYSINE                  ?                                                                      
'C6 H15 N2 O2 1' 147.195 
MET 'L-peptide linking' y METHIONINE              ?                                                                      
'C5 H11 N O2 S'  149.211 
PHE 'L-peptide linking' y PHENYLALANINE           ?                                                                      
'C9 H11 N O2'    165.189 
PRO 'L-peptide linking' y PROLINE                 ?                                                                      
'C5 H9 N O2'     115.130 
SER 'L-peptide linking' y SERINE                  ?                                                                      
'C3 H7 N O3'     105.093 
SO4 non-polymer         . 'SULFATE ION'           ?                                                                      'O4 S -2' 
96.063  
THR 'L-peptide linking' y THREONINE               ?                                                                      
'C4 H9 N O3'     119.119 
TRP 'L-peptide linking' y TRYPTOPHAN              ?                                                                      
'C11 H12 N2 O2'  204.225 
TYR 'L-peptide linking' y TYROSINE                ?                                                                      
'C9 H11 N O3'    181.189 
VAL 'L-peptide linking' y VALINE                  ?                                                                      
'C5 H11 N O2'    117.146 
# 
_exptl.absorpt_coefficient_mu     ? 
_exptl.absorpt_correction_T_max   ? 
_exptl.absorpt_correction_T_min   ? 
_exptl.absorpt_correction_type    ? 
_exptl.absorpt_process_details    ? 
_exptl.entry_id                   6IE9 
_exptl.crystals_number            1 
_exptl.details                    ? 
_exptl.method                     'X-RAY DIFFRACTION' 
_exptl.method_details             ? 
# 
_exptl_crystal.colour                      ? 
_exptl_crystal.density_diffrn              ? 
_exptl_crystal.density_Matthews            2.45 
_exptl_crystal.density_method              ? 
_exptl_crystal.density_percent_sol         49.88 
_exptl_crystal.description                 ? 
_exptl_crystal.F_000                       ? 
_exptl_crystal.id                          1 
_exptl_crystal.preparation                 ? 
_exptl_crystal.size_max                    ? 
_exptl_crystal.size_mid                    ? 
_exptl_crystal.size_min                    ? 
_exptl_crystal.size_rad                    ? 
_exptl_crystal.colour_lustre               ? 
_exptl_crystal.colour_modifier             ? 
_exptl_crystal.colour_primary              ? 
_exptl_crystal.density_meas                ? 
_exptl_crystal.density_meas_esd            ? 
_exptl_crystal.density_meas_gt             ? 
_exptl_crystal.density_meas_lt             ? 
_exptl_crystal.density_meas_temp           ? 
_exptl_crystal.density_meas_temp_esd       ? 
_exptl_crystal.density_meas_temp_gt        ? 
_exptl_crystal.density_meas_temp_lt        ? 
_exptl_crystal.pdbx_crystal_image_url      ? 
_exptl_crystal.pdbx_crystal_image_format   ? 
_exptl_crystal.pdbx_mosaicity              ? 
_exptl_crystal.pdbx_mosaicity_esd          ? 
# 
_exptl_crystal_grow.apparatus       ? 
_exptl_crystal_grow.atmosphere      ? 
_exptl_crystal_grow.crystal_id      1 
_exptl_crystal_grow.details         ? 
_exptl_crystal_grow.method          'VAPOR DIFFUSION, HANGING DROP' 
_exptl_crystal_grow.method_ref      ? 
_exptl_crystal_grow.pH              ? 
_exptl_crystal_grow.pressure        ? 
_exptl_crystal_grow.pressure_esd    ? 
_exptl_crystal_grow.seeding         ? 
_exptl_crystal_grow.seeding_ref     ? 
_exptl_crystal_grow.temp            298 
_exptl_crystal_grow.temp_details    ? 
_exptl_crystal_grow.temp_esd        ? 
_exptl_crystal_grow.time            ? 
_exptl_crystal_grow.pdbx_details    '0.1M MES pH6.5, 0.2M Ammonium Sulfate, 20% PEG6000' 
_exptl_crystal_grow.pdbx_pH_range   ? 
# 
_diffrn.ambient_environment              ? 
_diffrn.ambient_temp                     100 
_diffrn.ambient_temp_details             ? 
_diffrn.ambient_temp_esd                 ? 
_diffrn.crystal_id                       1 
_diffrn.crystal_support                  ? 
_diffrn.crystal_treatment                ? 
_diffrn.details                          ? 
_diffrn.id                               1 
_diffrn.ambient_pressure                 ? 
_diffrn.ambient_pressure_esd             ? 
_diffrn.ambient_pressure_gt              ? 
_diffrn.ambient_pressure_lt              ? 
_diffrn.ambient_temp_gt                  ? 
_diffrn.ambient_temp_lt                  ? 
_diffrn.pdbx_serial_crystal_experiment   ? 
# 
_diffrn_detector.details                      ? 
_diffrn_detector.detector                     CCD 
_diffrn_detector.diffrn_id                    1 
_diffrn_detector.type                         'ADSC QUANTUM 315' 
_diffrn_detector.area_resol_mean              ? 
_diffrn_detector.dtime                        ? 
_diffrn_detector.pdbx_frames_total            ? 
_diffrn_detector.pdbx_collection_time_total   ? 
_diffrn_detector.pdbx_collection_date         2013-02-01 
_diffrn_detector.pdbx_frequency               ? 
# 
_diffrn_radiation.collimation                      ? 
_diffrn_radiation.diffrn_id                        1 
_diffrn_radiation.filter_edge                      ? 
_diffrn_radiation.inhomogeneity                    ? 
_diffrn_radiation.monochromator                    ? 
_diffrn_radiation.polarisn_norm                    ? 
_diffrn_radiation.polarisn_ratio                   ? 
_diffrn_radiation.probe                            ? 
_diffrn_radiation.type                             ? 
_diffrn_radiation.xray_symbol                      ? 
_diffrn_radiation.wavelength_id                    1 
_diffrn_radiation.pdbx_monochromatic_or_laue_m_l   M 
_diffrn_radiation.pdbx_wavelength_list             ? 
_diffrn_radiation.pdbx_wavelength                  ? 
_diffrn_radiation.pdbx_diffrn_protocol             'SINGLE WAVELENGTH' 
_diffrn_radiation.pdbx_analyzer                    ? 
_diffrn_radiation.pdbx_scattering_type             x-ray 
# 
_diffrn_radiation_wavelength.id           1 
_diffrn_radiation_wavelength.wavelength   0.900 
_diffrn_radiation_wavelength.wt           1.0 
# 
_diffrn_source.current                     ? 
_diffrn_source.details                     ? 
_diffrn_source.diffrn_id                   1 
_diffrn_source.power                       ? 
_diffrn_source.size                        ? 
_diffrn_source.source                      SYNCHROTRON 
_diffrn_source.target                      ? 
_diffrn_source.type                        'SPRING-8 BEAMLINE BL44XU' 
_diffrn_source.voltage                     ? 
_diffrn_source.take-off_angle              ? 
_diffrn_source.pdbx_wavelength_list        0.900 
_diffrn_source.pdbx_wavelength             ? 
_diffrn_source.pdbx_synchrotron_beamline   BL44XU 
_diffrn_source.pdbx_synchrotron_site       SPring-8 
# 
_reflns.B_iso_Wilson_estimate            ? 
_reflns.entry_id                         6IE9 
_reflns.data_reduction_details           ? 
_reflns.data_reduction_method            ? 
_reflns.d_resolution_high                1.780 
_reflns.d_resolution_low                 100.000 
_reflns.details                          ? 
_reflns.limit_h_max                      ? 
_reflns.limit_h_min                      ? 
_reflns.limit_k_max                      ? 
_reflns.limit_k_min                      ? 
_reflns.limit_l_max                      ? 
_reflns.limit_l_min                      ? 
_reflns.number_all                       ? 
_reflns.number_obs                       18975 
_reflns.observed_criterion               ? 
_reflns.observed_criterion_F_max         ? 
_reflns.observed_criterion_F_min         ? 
_reflns.observed_criterion_I_max         ? 
_reflns.observed_criterion_I_min         ? 
_reflns.observed_criterion_sigma_F       ? 
_reflns.observed_criterion_sigma_I       ? 
_reflns.percent_possible_obs             97.900 
_reflns.R_free_details                   ? 
_reflns.Rmerge_F_all                     ? 
_reflns.Rmerge_F_obs                     ? 
_reflns.Friedel_coverage                 ? 
_reflns.number_gt                        ? 
_reflns.threshold_expression             ? 
_reflns.pdbx_redundancy                  7.700 
_reflns.pdbx_Rmerge_I_obs                0.040 
_reflns.pdbx_Rmerge_I_all                ? 
_reflns.pdbx_Rsym_value                  ? 
_reflns.pdbx_netI_over_av_sigmaI         51.869 
_reflns.pdbx_netI_over_sigmaI            15.900 
_reflns.pdbx_res_netI_over_av_sigmaI_2   ? 
_reflns.pdbx_res_netI_over_sigmaI_2      ? 
_reflns.pdbx_chi_squared                 1.155 
_reflns.pdbx_scaling_rejects             ? 
_reflns.pdbx_d_res_high_opt              ? 
_reflns.pdbx_d_res_low_opt               ? 
_reflns.pdbx_d_res_opt_method            ? 
_reflns.phase_calculation_details        ? 
_reflns.pdbx_Rrim_I_all                  ? 
_reflns.pdbx_Rpim_I_all                  ? 
_reflns.pdbx_d_opt                       ? 
_reflns.pdbx_number_measured_all         145509 
_reflns.pdbx_diffrn_id                   1 
_reflns.pdbx_ordinal                     1 
_reflns.pdbx_CC_half                     ? 
_reflns.pdbx_R_split                     ? 
# 
loop_
_reflns_shell.d_res_high 
_reflns_shell.d_res_low 
_reflns_shell.meanI_over_sigI_all 
_reflns_shell.meanI_over_sigI_obs 
_reflns_shell.number_measured_all 
_reflns_shell.number_measured_obs 
_reflns_shell.number_possible 
_reflns_shell.number_unique_all 
_reflns_shell.number_unique_obs 
_reflns_shell.percent_possible_all 
_reflns_shell.percent_possible_obs 
_reflns_shell.Rmerge_F_all 
_reflns_shell.Rmerge_F_obs 
_reflns_shell.Rmerge_I_all 
_reflns_shell.Rmerge_I_obs 
_reflns_shell.meanI_over_sigI_gt 
_reflns_shell.meanI_over_uI_all 
_reflns_shell.meanI_over_uI_gt 
_reflns_shell.number_measured_gt 
_reflns_shell.number_unique_gt 
_reflns_shell.percent_possible_gt 
_reflns_shell.Rmerge_F_gt 
_reflns_shell.Rmerge_I_gt 
_reflns_shell.pdbx_redundancy 
_reflns_shell.pdbx_Rsym_value 
_reflns_shell.pdbx_chi_squared 
_reflns_shell.pdbx_netI_over_sigmaI_all 
_reflns_shell.pdbx_netI_over_sigmaI_obs 
_reflns_shell.pdbx_Rrim_I_all 
_reflns_shell.pdbx_Rpim_I_all 
_reflns_shell.pdbx_rejects 
_reflns_shell.pdbx_ordinal 
_reflns_shell.pdbx_diffrn_id 
_reflns_shell.pdbx_CC_half 
_reflns_shell.pdbx_R_split 
1.780 1.810   ? ? ? ? ? ? 929 97.400 ? ? ? ? 0.392 ? ? ? ? ? ? ? ? 7.800 ? 0.983 ? ? ? ? ? 1  1 ? ? 
1.810 1.840   ? ? ? ? ? ? ?   97.900 ? ? ? ? 0.341 ? ? ? ? ? ? ? ? 7.800 ? 0.968 ? ? ? ? ? 2  1 ? ? 
1.840 1.880   ? ? ? ? ? ? ?   97.500 ? ? ? ? 0.279 ? ? ? ? ? ? ? ? 7.800 ? 0.972 ? ? ? ? ? 3  1 ? ? 
1.880 1.920   ? ? ? ? ? ? ?   98.300 ? ? ? ? 0.238 ? ? ? ? ? ? ? ? 7.800 ? 0.998 ? ? ? ? ? 4  1 ? ? 
1.920 1.960   ? ? ? ? ? ? ?   97.900 ? ? ? ? 0.199 ? ? ? ? ? ? ? ? 7.800 ? 0.988 ? ? ? ? ? 5  1 ? ? 
1.960 2.000   ? ? ? ? ? ? ?   98.100 ? ? ? ? 0.161 ? ? ? ? ? ? ? ? 7.800 ? 0.983 ? ? ? ? ? 6  1 ? ? 
2.000 2.050   ? ? ? ? ? ? ?   97.900 ? ? ? ? 0.123 ? ? ? ? ? ? ? ? 7.800 ? 0.964 ? ? ? ? ? 7  1 ? ? 
2.050 2.110   ? ? ? ? ? ? ?   98.400 ? ? ? ? 0.100 ? ? ? ? ? ? ? ? 7.800 ? 0.974 ? ? ? ? ? 8  1 ? ? 
2.110 2.170   ? ? ? ? ? ? ?   98.500 ? ? ? ? 0.084 ? ? ? ? ? ? ? ? 7.800 ? 0.963 ? ? ? ? ? 9  1 ? ? 
2.170 2.240   ? ? ? ? ? ? ?   98.300 ? ? ? ? 0.075 ? ? ? ? ? ? ? ? 7.800 ? 0.991 ? ? ? ? ? 10 1 ? ? 
2.240 2.320   ? ? ? ? ? ? ?   99.000 ? ? ? ? 0.063 ? ? ? ? ? ? ? ? 7.700 ? 0.999 ? ? ? ? ? 11 1 ? ? 
2.320 2.420   ? ? ? ? ? ? ?   98.600 ? ? ? ? 0.051 ? ? ? ? ? ? ? ? 7.800 ? 1.011 ? ? ? ? ? 12 1 ? ? 
2.420 2.530   ? ? ? ? ? ? ?   98.900 ? ? ? ? 0.052 ? ? ? ? ? ? ? ? 7.700 ? 1.161 ? ? ? ? ? 13 1 ? ? 
2.530 2.660   ? ? ? ? ? ? ?   99.000 ? ? ? ? 0.051 ? ? ? ? ? ? ? ? 7.700 ? 1.418 ? ? ? ? ? 14 1 ? ? 
2.660 2.830   ? ? ? ? ? ? ?   99.200 ? ? ? ? 0.047 ? ? ? ? ? ? ? ? 7.700 ? 1.655 ? ? ? ? ? 15 1 ? ? 
2.830 3.040   ? ? ? ? ? ? ?   99.300 ? ? ? ? 0.045 ? ? ? ? ? ? ? ? 7.700 ? 1.778 ? ? ? ? ? 16 1 ? ? 
3.040 3.350   ? ? ? ? ? ? ?   99.300 ? ? ? ? 0.034 ? ? ? ? ? ? ? ? 7.700 ? 1.527 ? ? ? ? ? 17 1 ? ? 
3.350 3.830   ? ? ? ? ? ? ?   99.400 ? ? ? ? 0.028 ? ? ? ? ? ? ? ? 7.600 ? 1.317 ? ? ? ? ? 18 1 ? ? 
3.830 4.830   ? ? ? ? ? ? ?   97.600 ? ? ? ? 0.024 ? ? ? ? ? ? ? ? 7.300 ? 1.158 ? ? ? ? ? 19 1 ? ? 
4.830 100.000 ? ? ? ? ? ? ?   88.500 ? ? ? ? 0.024 ? ? ? ? ? ? ? ? 6.700 ? 1.312 ? ? ? ? ? 20 1 ? ? 
# 
_refine.aniso_B[1][1]                            -0.0000 
_refine.aniso_B[1][2]                            0.0000 
_refine.aniso_B[1][3]                            -0.0000 
_refine.aniso_B[2][2]                            -0.0000 
_refine.aniso_B[2][3]                            -0.0000 
_refine.aniso_B[3][3]                            0.0000 
_refine.B_iso_max                                152.360 
_refine.B_iso_mean                               41.7400 
_refine.B_iso_min                                13.890 
_refine.correlation_coeff_Fo_to_Fc               0.9540 
_refine.correlation_coeff_Fo_to_Fc_free          0.9260 
_refine.details                                  
'HYDROGENS HAVE BEEN ADDED IN THE RIDING POSITIONS U VALUES      : REFINED INDIVIDUALLY' 
_refine.diff_density_max                         ? 
_refine.diff_density_max_esd                     ? 
_refine.diff_density_min                         ? 
_refine.diff_density_min_esd                     ? 
_refine.diff_density_rms                         ? 
_refine.diff_density_rms_esd                     ? 
_refine.entry_id                                 6IE9 
_refine.pdbx_refine_id                           'X-RAY DIFFRACTION' 
_refine.ls_abs_structure_details                 ? 
_refine.ls_abs_structure_Flack                   ? 
_refine.ls_abs_structure_Flack_esd               ? 
_refine.ls_abs_structure_Rogers                  ? 
_refine.ls_abs_structure_Rogers_esd              ? 
_refine.ls_d_res_high                            1.7800 
_refine.ls_d_res_low                             32.0800 
_refine.ls_extinction_coef                       ? 
_refine.ls_extinction_coef_esd                   ? 
_refine.ls_extinction_expression                 ? 
_refine.ls_extinction_method                     ? 
_refine.ls_goodness_of_fit_all                   ? 
_refine.ls_goodness_of_fit_all_esd               ? 
_refine.ls_goodness_of_fit_obs                   ? 
_refine.ls_goodness_of_fit_obs_esd               ? 
_refine.ls_hydrogen_treatment                    ? 
_refine.ls_matrix_type                           ? 
_refine.ls_number_constraints                    ? 
_refine.ls_number_parameters                     ? 
_refine.ls_number_reflns_all                     ? 
_refine.ls_number_reflns_obs                     18006 
_refine.ls_number_reflns_R_free                  969 
_refine.ls_number_reflns_R_work                  ? 
_refine.ls_number_restraints                     ? 
_refine.ls_percent_reflns_obs                    97.7900 
_refine.ls_percent_reflns_R_free                 5.1000 
_refine.ls_R_factor_all                          ? 
_refine.ls_R_factor_obs                          0.1990 
_refine.ls_R_factor_R_free                       0.2526 
_refine.ls_R_factor_R_free_error                 ? 
_refine.ls_R_factor_R_free_error_details         ? 
_refine.ls_R_factor_R_work                       0.1962 
_refine.ls_R_Fsqd_factor_obs                     ? 
_refine.ls_R_I_factor_obs                        ? 
_refine.ls_redundancy_reflns_all                 ? 
_refine.ls_redundancy_reflns_obs                 ? 
_refine.ls_restrained_S_all                      ? 
_refine.ls_restrained_S_obs                      ? 
_refine.ls_shift_over_esd_max                    ? 
_refine.ls_shift_over_esd_mean                   ? 
_refine.ls_structure_factor_coef                 ? 
_refine.ls_weighting_details                     ? 
_refine.ls_weighting_scheme                      ? 
_refine.ls_wR_factor_all                         ? 
_refine.ls_wR_factor_obs                         ? 
_refine.ls_wR_factor_R_free                      ? 
_refine.ls_wR_factor_R_work                      ? 
_refine.occupancy_max                            ? 
_refine.occupancy_min                            ? 
_refine.solvent_model_details                    ? 
_refine.solvent_model_param_bsol                 ? 
_refine.solvent_model_param_ksol                 ? 
_refine.ls_R_factor_gt                           ? 
_refine.ls_goodness_of_fit_gt                    ? 
_refine.ls_goodness_of_fit_ref                   ? 
_refine.ls_shift_over_su_max                     ? 
_refine.ls_shift_over_su_max_lt                  ? 
_refine.ls_shift_over_su_mean                    ? 
_refine.ls_shift_over_su_mean_lt                 ? 
_refine.pdbx_ls_sigma_I                          ? 
_refine.pdbx_ls_sigma_F                          0.000 
_refine.pdbx_ls_sigma_Fsqd                       ? 
_refine.pdbx_data_cutoff_high_absF               ? 
_refine.pdbx_data_cutoff_high_rms_absF           ? 
_refine.pdbx_data_cutoff_low_absF                ? 
_refine.pdbx_isotropic_thermal_model             ? 
_refine.pdbx_ls_cross_valid_method               THROUGHOUT 
_refine.pdbx_method_to_determine_struct          'MOLECULAR REPLACEMENT' 
_refine.pdbx_starting_model                      3VVX 
_refine.pdbx_stereochemistry_target_values       ? 
_refine.pdbx_R_Free_selection_details            RANDOM 
_refine.pdbx_stereochem_target_val_spec_case     ? 
_refine.pdbx_overall_ESU_R                       0.1300 
_refine.pdbx_overall_ESU_R_Free                  0.1360 
_refine.pdbx_solvent_vdw_probe_radii             1.2000 
_refine.pdbx_solvent_ion_probe_radii             0.8000 
_refine.pdbx_solvent_shrinkage_radii             0.8000 
_refine.pdbx_real_space_R                        ? 
_refine.pdbx_density_correlation                 ? 
_refine.pdbx_pd_number_of_powder_patterns        ? 
_refine.pdbx_pd_number_of_points                 ? 
_refine.pdbx_pd_meas_number_of_points            ? 
_refine.pdbx_pd_proc_ls_prof_R_factor            ? 
_refine.pdbx_pd_proc_ls_prof_wR_factor           ? 
_refine.pdbx_pd_Marquardt_correlation_coeff      ? 
_refine.pdbx_pd_Fsqrd_R_factor                   ? 
_refine.pdbx_pd_ls_matrix_band_width             ? 
_refine.pdbx_overall_phase_error                 ? 
_refine.pdbx_overall_SU_R_free_Cruickshank_DPI   ? 
_refine.pdbx_overall_SU_R_free_Blow_DPI          ? 
_refine.pdbx_overall_SU_R_Blow_DPI               ? 
_refine.pdbx_TLS_residual_ADP_flag               ? 
_refine.pdbx_diffrn_id                           1 
_refine.overall_SU_B                             2.4680 
_refine.overall_SU_ML                            0.0810 
_refine.overall_SU_R_Cruickshank_DPI             0.1304 
_refine.overall_SU_R_free                        ? 
_refine.overall_FOM_free_R_set                   ? 
_refine.overall_FOM_work_R_set                   ? 
_refine.pdbx_average_fsc_overall                 ? 
_refine.pdbx_average_fsc_work                    ? 
_refine.pdbx_average_fsc_free                    ? 
# 
_refine_hist.cycle_id                         final 
_refine_hist.pdbx_refine_id                   'X-RAY DIFFRACTION' 
_refine_hist.d_res_high                       1.7800 
_refine_hist.d_res_low                        32.0800 
_refine_hist.pdbx_number_atoms_ligand         33 
_refine_hist.number_atoms_solvent             36 
_refine_hist.number_atoms_total               1531 
_refine_hist.pdbx_number_residues_total       184 
_refine_hist.pdbx_B_iso_mean_ligand           33.98 
_refine_hist.pdbx_B_iso_mean_solvent          41.76 
_refine_hist.pdbx_number_atoms_protein        1462 
_refine_hist.pdbx_number_atoms_nucleic_acid   0 
# 
loop_
_refine_ls_restr.pdbx_refine_id 
_refine_ls_restr.criterion 
_refine_ls_restr.dev_ideal 
_refine_ls_restr.dev_ideal_target 
_refine_ls_restr.number 
_refine_ls_restr.rejects 
_refine_ls_restr.type 
_refine_ls_restr.weight 
_refine_ls_restr.pdbx_restraint_function 
'X-RAY DIFFRACTION' ? 0.020  0.019  1551 ? r_bond_refined_d       ? ? 
'X-RAY DIFFRACTION' ? 0.001  0.020  1487 ? r_bond_other_d         ? ? 
'X-RAY DIFFRACTION' ? 2.009  1.975  2103 ? r_angle_refined_deg    ? ? 
'X-RAY DIFFRACTION' ? 0.982  3.000  3409 ? r_angle_other_deg      ? ? 
'X-RAY DIFFRACTION' ? 6.846  5.000  189  ? r_dihedral_angle_1_deg ? ? 
'X-RAY DIFFRACTION' ? 31.015 22.838 74   ? r_dihedral_angle_2_deg ? ? 
'X-RAY DIFFRACTION' ? 17.353 15.000 270  ? r_dihedral_angle_3_deg ? ? 
'X-RAY DIFFRACTION' ? 19.128 15.000 16   ? r_dihedral_angle_4_deg ? ? 
'X-RAY DIFFRACTION' ? 0.121  0.200  237  ? r_chiral_restr         ? ? 
'X-RAY DIFFRACTION' ? 0.010  0.020  1737 ? r_gen_planes_refined   ? ? 
'X-RAY DIFFRACTION' ? 0.001  0.020  371  ? r_gen_planes_other     ? ? 
# 
_refine_ls_shell.pdbx_refine_id                   'X-RAY DIFFRACTION' 
_refine_ls_shell.d_res_high                       1.7830 
_refine_ls_shell.d_res_low                        1.8300 
_refine_ls_shell.number_reflns_all                1387 
_refine_ls_shell.number_reflns_obs                ? 
_refine_ls_shell.number_reflns_R_free             73 
_refine_ls_shell.number_reflns_R_work             1314 
_refine_ls_shell.percent_reflns_obs               95.9200 
_refine_ls_shell.percent_reflns_R_free            ? 
_refine_ls_shell.R_factor_all                     ? 
_refine_ls_shell.R_factor_obs                     ? 
_refine_ls_shell.R_factor_R_free                  0.2780 
_refine_ls_shell.R_factor_R_free_error            ? 
_refine_ls_shell.R_factor_R_work                  0.2120 
_refine_ls_shell.redundancy_reflns_all            ? 
_refine_ls_shell.redundancy_reflns_obs            ? 
_refine_ls_shell.wR_factor_all                    ? 
_refine_ls_shell.wR_factor_obs                    ? 
_refine_ls_shell.wR_factor_R_free                 ? 
_refine_ls_shell.wR_factor_R_work                 ? 
_refine_ls_shell.pdbx_total_number_of_bins_used   20 
_refine_ls_shell.pdbx_phase_error                 ? 
_refine_ls_shell.pdbx_fsc_work                    ? 
_refine_ls_shell.pdbx_fsc_free                    ? 
# 
_struct.entry_id                     6IE9 
_struct.title                        'RamR in complex with chenodeoxycholic acid' 
_struct.pdbx_model_details           ? 
_struct.pdbx_formula_weight          ? 
_struct.pdbx_formula_weight_method   ? 
_struct.pdbx_model_type_details      ? 
_struct.pdbx_CASP_flag               N 
# 
_struct_keywords.entry_id        6IE9 
_struct_keywords.text            'transcriptional regulator, TetR Family, TRANSCRIPTION' 
_struct_keywords.pdbx_keywords   TRANSCRIPTION 
# 
loop_
_struct_asym.id 
_struct_asym.pdbx_blank_PDB_chainid_flag 
_struct_asym.pdbx_modified 
_struct_asym.entity_id 
_struct_asym.details 
A N N 1 ? 
B N N 2 ? 
C N N 3 ? 
D N N 4 ? 
# 
loop_
_struct_conf.conf_type_id 
_struct_conf.id 
_struct_conf.pdbx_PDB_helix_id 
_struct_conf.beg_label_comp_id 
_struct_conf.beg_label_asym_id 
_struct_conf.beg_label_seq_id 
_struct_conf.pdbx_beg_PDB_ins_code 
_struct_conf.end_label_comp_id 
_struct_conf.end_label_asym_id 
_struct_conf.end_label_seq_id 
_struct_conf.pdbx_end_PDB_ins_code 
_struct_conf.beg_auth_comp_id 
_struct_conf.beg_auth_asym_id 
_struct_conf.beg_auth_seq_id 
_struct_conf.end_auth_comp_id 
_struct_conf.end_auth_asym_id 
_struct_conf.end_auth_seq_id 
_struct_conf.pdbx_PDB_helix_class 
_struct_conf.details 
_struct_conf.pdbx_PDB_helix_length 
HELX_P HELX_P1  AA1 ASP A 9   ? GLY A 26  ? ASP A 8   GLY A 25  1 ? 18 
HELX_P HELX_P2  AA2 SER A 30  ? ALA A 38  ? SER A 29  ALA A 37  1 ? 9  
HELX_P HELX_P3  AA3 ALA A 41  ? PHE A 49  ? ALA A 40  PHE A 48  1 ? 9  
HELX_P HELX_P4  AA4 THR A 51  ? LEU A 75  ? THR A 50  LEU A 74  1 ? 25 
HELX_P HELX_P5  AA5 ASP A 81  ? HIS A 100 ? ASP A 80  HIS A 99  1 ? 20 
HELX_P HELX_P6  AA6 HIS A 100 ? VAL A 112 ? HIS A 99  VAL A 111 1 ? 13 
HELX_P HELX_P7  AA7 THR A 117 ? PHE A 128 ? THR A 116 PHE A 127 1 ? 12 
HELX_P HELX_P8  AA8 PHE A 128 ? ASP A 133 ? PHE A 127 ASP A 132 1 ? 6  
HELX_P HELX_P9  AA9 SER A 145 ? GLU A 147 ? SER A 144 GLU A 146 5 ? 3  
HELX_P HELX_P10 AB1 TYR A 148 ? ASP A 170 ? TYR A 147 ASP A 169 1 ? 23 
HELX_P HELX_P11 AB2 ARG A 173 ? THR A 190 ? ARG A 172 THR A 189 1 ? 18 
# 
_struct_conf_type.id          HELX_P 
_struct_conf_type.criteria    ? 
_struct_conf_type.reference   ? 
# 
loop_
_struct_site.id 
_struct_site.pdbx_evidence_code 
_struct_site.pdbx_auth_asym_id 
_struct_site.pdbx_auth_comp_id 
_struct_site.pdbx_auth_seq_id 
_struct_site.pdbx_auth_ins_code 
_struct_site.pdbx_num_residues 
_struct_site.details 
AC1 Software A JN3 200 ? 8 'binding site for residue JN3 A 200' 
AC2 Software A SO4 201 ? 6 'binding site for residue SO4 A 201' 
# 
loop_
_struct_site_gen.id 
_struct_site_gen.site_id 
_struct_site_gen.pdbx_num_res 
_struct_site_gen.label_comp_id 
_struct_site_gen.label_asym_id 
_struct_site_gen.label_seq_id 
_struct_site_gen.pdbx_auth_ins_code 
_struct_site_gen.auth_comp_id 
_struct_site_gen.auth_asym_id 
_struct_site_gen.auth_seq_id 
_struct_site_gen.label_atom_id 
_struct_site_gen.label_alt_id 
_struct_site_gen.symmetry 
_struct_site_gen.details 
1  AC1 8 TYR A 60  ? TYR A 59  . ? 1_555 ? 
2  AC1 8 THR A 86  ? THR A 85  . ? 1_555 ? 
3  AC1 8 ILE A 89  ? ILE A 88  . ? 1_555 ? 
4  AC1 8 TYR A 93  ? TYR A 92  . ? 1_555 ? 
5  AC1 8 SER A 138 ? SER A 137 . ? 1_555 ? 
6  AC1 8 LEU A 140 ? LEU A 139 . ? 1_555 ? 
7  AC1 8 ARG A 149 ? ARG A 148 . ? 1_555 ? 
8  AC1 8 ASP A 153 ? ASP A 152 . ? 1_555 ? 
9  AC2 6 GLN A 20  ? GLN A 19  . ? 1_555 ? 
10 AC2 6 ASN A 99  ? ASN A 98  . ? 1_555 ? 
11 AC2 6 HIS A 100 ? HIS A 99  . ? 1_555 ? 
12 AC2 6 PRO A 101 ? PRO A 100 . ? 1_555 ? 
13 AC2 6 ALA A 102 ? ALA A 101 . ? 1_555 ? 
14 AC2 6 ARG A 103 ? ARG A 102 . ? 1_555 ? 
# 
_atom_sites.entry_id                    6IE9 
_atom_sites.fract_transf_matrix[1][1]   0.00735193 
_atom_sites.fract_transf_matrix[1][2]   -0.00782528 
_atom_sites.fract_transf_matrix[1][3]   0.00399402 
_atom_sites.fract_transf_matrix[2][1]   0.00150281 
_atom_sites.fract_transf_matrix[2][2]   0.00955848 
_atom_sites.fract_transf_matrix[2][3]   0.01596118 
_atom_sites.fract_transf_matrix[3][1]   -0.01655521 
_atom_sites.fract_transf_matrix[3][2]   -0.01277480 
_atom_sites.fract_transf_matrix[3][3]   0.00920904 
_atom_sites.fract_transf_vector[1]      -0.098989 
_atom_sites.fract_transf_vector[2]      -0.511263 
_atom_sites.fract_transf_vector[3]      0.239064 
# 
loop_
_atom_type.symbol 
C 
N 
O 
S 
# 
loop_
_atom_site.group_PDB 
_atom_site.id 
_atom_site.type_symbol 
_atom_site.label_atom_id 
_atom_site.label_alt_id 
_atom_site.label_comp_id 
_atom_site.label_asym_id 
_atom_site.label_entity_id 
_atom_site.label_seq_id 
_atom_site.pdbx_PDB_ins_code 
_atom_site.Cartn_x 
_atom_site.Cartn_y 
_atom_site.Cartn_z 
_atom_site.occupancy 
_atom_site.B_iso_or_equiv 
_atom_site.pdbx_formal_charge 
_atom_site.auth_seq_id 
_atom_site.auth_comp_id 
_atom_site.auth_asym_id 
_atom_site.auth_atom_id 
_atom_site.pdbx_PDB_model_num 
ATOM   1    N N   . ASP A 1 9   ? 7.141   20.757  5.860   1.00 80.10  ? 8   ASP A N   1 
ATOM   2    C CA  . ASP A 1 9   ? 7.723   20.299  7.159   1.00 79.91  ? 8   ASP A CA  1 
ATOM   3    C C   . ASP A 1 9   ? 6.642   19.680  8.030   1.00 76.37  ? 8   ASP A C   1 
ATOM   4    O O   . ASP A 1 9   ? 6.605   18.462  8.198   1.00 72.13  ? 8   ASP A O   1 
ATOM   5    C CB  . ASP A 1 9   ? 8.416   21.456  7.909   1.00 80.56  ? 8   ASP A CB  1 
ATOM   6    C CG  . ASP A 1 9   ? 9.013   21.023  9.265   1.00 82.96  ? 8   ASP A CG  1 
ATOM   7    O OD1 . ASP A 1 9   ? 10.170  21.415  9.535   1.00 85.07  ? 8   ASP A OD1 1 
ATOM   8    O OD2 . ASP A 1 9   ? 8.338   20.303  10.053  1.00 73.01  ? 8   ASP A OD2 1 
ATOM   9    N N   . LYS A 1 10  ? 5.772   20.524  8.585   1.00 68.35  ? 9   LYS A N   1 
ATOM   10   C CA  . LYS A 1 10  ? 4.778   20.064  9.546   1.00 65.98  ? 9   LYS A CA  1 
ATOM   11   C C   . LYS A 1 10  ? 3.791   19.058  8.943   1.00 57.52  ? 9   LYS A C   1 
ATOM   12   O O   . LYS A 1 10  ? 3.263   18.220  9.658   1.00 54.52  ? 9   LYS A O   1 
ATOM   13   C CB  . LYS A 1 10  ? 3.996   21.246  10.108  1.00 71.25  ? 9   LYS A CB  1 
ATOM   14   C CG  . LYS A 1 10  ? 4.545   21.871  11.385  1.00 78.86  ? 9   LYS A CG  1 
ATOM   15   C CD  . LYS A 1 10  ? 3.492   22.823  11.961  1.00 86.76  ? 9   LYS A CD  1 
ATOM   16   C CE  . LYS A 1 10  ? 4.016   23.797  13.020  1.00 90.94  ? 9   LYS A CE  1 
ATOM   17   N NZ  . LYS A 1 10  ? 2.975   24.783  13.458  1.00 87.07  ? 9   LYS A NZ  1 
ATOM   18   N N   . LYS A 1 11  ? 3.506   19.198  7.647   1.00 52.31  ? 10  LYS A N   1 
ATOM   19   C CA  . LYS A 1 11  ? 2.595   18.287  6.925   1.00 55.95  ? 10  LYS A CA  1 
ATOM   20   C C   . LYS A 1 11  ? 3.232   16.920  6.832   1.00 53.32  ? 10  LYS A C   1 
ATOM   21   O O   . LYS A 1 11  ? 2.592   15.908  7.121   1.00 47.32  ? 10  LYS A O   1 
ATOM   22   C CB  . LYS A 1 11  ? 2.363   18.788  5.510   1.00 58.22  ? 10  LYS A CB  1 
ATOM   23   C CG  . LYS A 1 11  ? 1.262   18.064  4.764   1.00 62.93  ? 10  LYS A CG  1 
ATOM   24   C CD  . LYS A 1 11  ? 1.097   18.648  3.376   1.00 66.49  ? 10  LYS A CD  1 
ATOM   25   C CE  . LYS A 1 11  ? 0.207   17.770  2.519   1.00 66.13  ? 10  LYS A CE  1 
ATOM   26   N NZ  . LYS A 1 11  ? -1.049  17.386  3.221   1.00 70.89  ? 10  LYS A NZ  1 
ATOM   27   N N   . GLN A 1 12  ? 4.497   16.909  6.411   1.00 51.84  ? 11  GLN A N   1 
ATOM   28   C CA  . GLN A 1 12  ? 5.269   15.673  6.340   1.00 56.08  ? 11  GLN A CA  1 
ATOM   29   C C   . GLN A 1 12  ? 5.419   15.031  7.730   1.00 52.49  ? 11  GLN A C   1 
ATOM   30   O O   . GLN A 1 12  ? 5.188   13.833  7.883   1.00 49.50  ? 11  GLN A O   1 
ATOM   31   C CB  . GLN A 1 12  ? 6.627   15.914  5.665   1.00 59.16  ? 11  GLN A CB  1 
ATOM   32   C CG  . GLN A 1 12  ? 7.467   14.648  5.478   1.00 66.48  ? 11  GLN A CG  1 
ATOM   33   C CD  . GLN A 1 12  ? 6.636   13.426  5.068   1.00 74.26  ? 11  GLN A CD  1 
ATOM   34   O OE1 . GLN A 1 12  ? 5.859   13.490  4.103   1.00 78.54  ? 11  GLN A OE1 1 
ATOM   35   N NE2 . GLN A 1 12  ? 6.793   12.308  5.801   1.00 68.78  ? 11  GLN A NE2 1 
ATOM   36   N N   . ALA A 1 13  ? 5.744   15.836  8.745   1.00 50.10  ? 12  ALA A N   1 
ATOM   37   C CA  . ALA A 1 13  ? 5.825   15.353  10.136  1.00 44.40  ? 12  ALA A CA  1 
ATOM   38   C C   . ALA A 1 13  ? 4.510   14.781  10.649  1.00 46.37  ? 12  ALA A C   1 
ATOM   39   O O   . ALA A 1 13  ? 4.495   13.786  11.408  1.00 40.13  ? 12  ALA A O   1 
ATOM   40   C CB  . ALA A 1 13  ? 6.296   16.467  11.063  1.00 53.93  ? 12  ALA A CB  1 
ATOM   41   N N   . LEU A 1 14  ? 3.388   15.421  10.290  1.00 39.53  ? 13  LEU A N   1 
ATOM   42   C CA  . LEU A 1 14  ? 2.086   14.899  10.728  1.00 35.63  ? 13  LEU A CA  1 
ATOM   43   C C   . LEU A 1 14  ? 1.795   13.550  9.992   1.00 30.42  ? 13  LEU A C   1 
ATOM   44   O O   . LEU A 1 14  ? 1.319   12.634  10.623  1.00 33.49  ? 13  LEU A O   1 
ATOM   45   C CB  . LEU A 1 14  ? 0.953   15.893  10.473  1.00 35.36  ? 13  LEU A CB  1 
ATOM   46   C CG  . LEU A 1 14  ? 0.786   16.993  11.580  1.00 37.54  ? 13  LEU A CG  1 
ATOM   47   C CD1 . LEU A 1 14  ? -0.028  18.161  11.016  1.00 41.70  ? 13  LEU A CD1 1 
ATOM   48   C CD2 . LEU A 1 14  ? 0.188   16.453  12.889  1.00 38.45  ? 13  LEU A CD2 1 
ATOM   49   N N   . LEU A 1 15  ? 2.086   13.494  8.707   1.00 35.63  ? 14  LEU A N   1 
ATOM   50   C CA  . LEU A 1 15  ? 1.795   12.262  7.910   1.00 33.30  ? 14  LEU A CA  1 
ATOM   51   C C   . LEU A 1 15  ? 2.640   11.079  8.414   1.00 37.93  ? 14  LEU A C   1 
ATOM   52   O O   . LEU A 1 15  ? 2.155   9.924   8.553   1.00 32.47  ? 14  LEU A O   1 
ATOM   53   C CB  . LEU A 1 15  ? 2.018   12.559  6.439   1.00 34.82  ? 14  LEU A CB  1 
ATOM   54   C CG  . LEU A 1 15  ? 0.978   13.446  5.737   1.00 34.48  ? 14  LEU A CG  1 
ATOM   55   C CD1 . LEU A 1 15  ? 1.350   13.744  4.302   1.00 38.49  ? 14  LEU A CD1 1 
ATOM   56   C CD2 . LEU A 1 15  ? -0.399  12.752  5.782   1.00 36.74  ? 14  LEU A CD2 1 
ATOM   57   N N   . GLU A 1 16  ? 3.900   11.365  8.748   1.00 37.41  ? 15  GLU A N   1 
ATOM   58   C CA  . GLU A 1 16  ? 4.778   10.355  9.355   1.00 39.03  ? 15  GLU A CA  1 
ATOM   59   C C   . GLU A 1 16  ? 4.275   9.917   10.726  1.00 34.33  ? 15  GLU A C   1 
ATOM   60   O O   . GLU A 1 16  ? 4.242   8.732   11.106  1.00 32.29  ? 15  GLU A O   1 
ATOM   61   C CB  . GLU A 1 16  ? 6.244   10.866  9.407   1.00 40.06  ? 15  GLU A CB  1 
ATOM   62   C CG  . GLU A 1 16  ? 7.192   10.032  10.260  1.00 41.83  ? 15  GLU A CG  1 
ATOM   63   C CD  . GLU A 1 16  ? 7.373   8.604   9.780   1.00 48.40  ? 15  GLU A CD  1 
ATOM   64   O OE1 . GLU A 1 16  ? 7.725   7.747   10.641  1.00 50.75  ? 15  GLU A OE1 1 
ATOM   65   O OE2 . GLU A 1 16  ? 7.137   8.359   8.571   1.00 47.43  ? 15  GLU A OE2 1 
ATOM   66   N N   . ALA A 1 17  ? 3.738   10.853  11.501  1.00 33.81  ? 16  ALA A N   1 
ATOM   67   C CA  . ALA A 1 17  ? 3.271   10.465  12.791  1.00 33.45  ? 16  ALA A CA  1 
ATOM   68   C C   . ALA A 1 17  ? 1.945   9.661   12.692  1.00 32.37  ? 16  ALA A C   1 
ATOM   69   O O   . ALA A 1 17  ? 1.647   8.762   13.494  1.00 30.60  ? 16  ALA A O   1 
ATOM   70   C CB  . ALA A 1 17  ? 3.138   11.753  13.647  1.00 39.20  ? 16  ALA A CB  1 
ATOM   71   N N   . ALA A 1 18  ? 1.128   9.995   11.693  1.00 30.89  ? 17  ALA A N   1 
ATOM   72   C CA  . ALA A 1 18  ? -0.141  9.286   11.485  1.00 30.93  ? 17  ALA A CA  1 
ATOM   73   C C   . ALA A 1 18  ? 0.154   7.836   10.974  1.00 25.10  ? 17  ALA A C   1 
ATOM   74   O O   . ALA A 1 18  ? -0.494  6.891   11.379  1.00 27.51  ? 17  ALA A O   1 
ATOM   75   C CB  . ALA A 1 18  ? -0.975  10.009  10.492  1.00 32.82  ? 17  ALA A CB  1 
ATOM   76   N N   . THR A 1 19  ? 1.176   7.755   10.158  1.00 30.94  ? 18  THR A N   1 
ATOM   77   C CA  . THR A 1 19  ? 1.623   6.430   9.664   1.00 27.97  ? 18  THR A CA  1 
ATOM   78   C C   . THR A 1 19  ? 1.994   5.545   10.857  1.00 30.89  ? 18  THR A C   1 
ATOM   79   O O   . THR A 1 19  ? 1.512   4.426   11.050  1.00 26.85  ? 18  THR A O   1 
ATOM   80   C CB  . THR A 1 19  ? 2.815   6.581   8.729   1.00 25.43  ? 18  THR A CB  1 
ATOM   81   O OG1 . THR A 1 19  ? 2.508   7.360   7.583   1.00 25.92  ? 18  THR A OG1 1 
ATOM   82   C CG2 . THR A 1 19  ? 3.356   5.145   8.306   1.00 26.07  ? 18  THR A CG2 1 
ATOM   83   N N   . GLN A 1 20  ? 2.821   6.029   11.752  1.00 34.30  ? 19  GLN A N   1 
ATOM   84   C CA  . GLN A 1 20  ? 3.194   5.174   12.868  1.00 36.72  ? 19  GLN A CA  1 
ATOM   85   C C   . GLN A 1 20  ? 1.987   4.790   13.726  1.00 35.85  ? 19  GLN A C   1 
ATOM   86   O O   . GLN A 1 20  ? 1.866   3.672   14.210  1.00 31.22  ? 19  GLN A O   1 
ATOM   87   C CB  . GLN A 1 20  ? 4.264   5.884   13.707  1.00 39.30  ? 19  GLN A CB  1 
ATOM   88   C CG  . GLN A 1 20  ? 5.546   6.191   12.952  1.00 40.41  ? 19  GLN A CG  1 
ATOM   89   C CD  . GLN A 1 20  ? 6.302   4.909   12.544  1.00 36.87  ? 19  GLN A CD  1 
ATOM   90   O OE1 . GLN A 1 20  ? 6.115   3.845   13.108  1.00 37.54  ? 19  GLN A OE1 1 
ATOM   91   N NE2 . GLN A 1 20  ? 7.060   5.023   11.542  1.00 38.91  ? 19  GLN A NE2 1 
ATOM   92   N N   . ALA A 1 21  ? 1.076   5.750   13.933  1.00 38.83  ? 20  ALA A N   1 
ATOM   93   C CA  . ALA A 1 21  ? -0.019  5.538   14.870  1.00 39.81  ? 20  ALA A CA  1 
ATOM   94   C C   . ALA A 1 21  ? -0.995  4.551   14.348  1.00 39.58  ? 20  ALA A C   1 
ATOM   95   O O   . ALA A 1 21  ? -1.411  3.661   15.054  1.00 38.14  ? 20  ALA A O   1 
ATOM   96   C CB  . ALA A 1 21  ? -0.715  6.851   15.201  1.00 41.17  ? 20  ALA A CB  1 
ATOM   97   N N   . ILE A 1 22  ? -1.372  4.701   13.086  1.00 34.78  ? 21  ILE A N   1 
ATOM   98   C CA  . ILE A 1 22  ? -2.298  3.742   12.468  1.00 33.04  ? 21  ILE A CA  1 
ATOM   99   C C   . ILE A 1 22  ? -1.669  2.321   12.327  1.00 32.78  ? 21  ILE A C   1 
ATOM   100  O O   . ILE A 1 22  ? -2.359  1.320   12.471  1.00 37.98  ? 21  ILE A O   1 
ATOM   101  C CB  . ILE A 1 22  ? -2.810  4.326   11.152  1.00 31.91  ? 21  ILE A CB  1 
ATOM   102  C CG1 . ILE A 1 22  ? -3.789  5.467   11.469  1.00 32.79  ? 21  ILE A CG1 1 
ATOM   103  C CG2 . ILE A 1 22  ? -3.532  3.319   10.266  1.00 31.35  ? 21  ILE A CG2 1 
ATOM   104  C CD1 . ILE A 1 22  ? -3.997  6.455   10.377  1.00 33.96  ? 21  ILE A CD1 1 
ATOM   105  N N   . ALA A 1 23  ? -0.380  2.267   11.992  1.00 38.73  ? 22  ALA A N   1 
ATOM   106  C CA  . ALA A 1 23  ? 0.328   0.970   11.901  1.00 33.34  ? 22  ALA A CA  1 
ATOM   107  C C   . ALA A 1 23  ? 0.184   0.264   13.251  1.00 41.08  ? 22  ALA A C   1 
ATOM   108  O O   . ALA A 1 23  ? -0.054  -0.966  13.300  1.00 40.73  ? 22  ALA A O   1 
ATOM   109  C CB  . ALA A 1 23  ? 1.797   1.181   11.589  1.00 32.77  ? 22  ALA A CB  1 
ATOM   110  N N   . GLN A 1 24  ? 0.341   1.042   14.326  1.00 40.62  ? 23  GLN A N   1 
ATOM   111  C CA  . GLN A 1 24  ? 0.220   0.501   15.692  1.00 48.13  ? 23  GLN A CA  1 
ATOM   112  C C   . GLN A 1 24  ? -1.233  0.284   16.122  1.00 49.24  ? 23  GLN A C   1 
ATOM   113  O O   . GLN A 1 24  ? -1.533  -0.709  16.757  1.00 47.85  ? 23  GLN A O   1 
ATOM   114  C CB  . GLN A 1 24  ? 0.908   1.418   16.689  1.00 54.91  ? 23  GLN A CB  1 
ATOM   115  C CG  . GLN A 1 24  ? 0.918   0.900   18.119  1.00 61.65  ? 23  GLN A CG  1 
ATOM   116  C CD  . GLN A 1 24  ? 2.156   1.362   18.863  1.00 70.35  ? 23  GLN A CD  1 
ATOM   117  O OE1 . GLN A 1 24  ? 2.451   2.563   18.930  1.00 71.93  ? 23  GLN A OE1 1 
ATOM   118  N NE2 . GLN A 1 24  ? 2.902   0.411   19.409  1.00 73.73  ? 23  GLN A NE2 1 
ATOM   119  N N   . SER A 1 25  ? -2.144  1.197   15.760  1.00 49.89  ? 24  SER A N   1 
ATOM   120  C CA  . SER A 1 25  ? -3.493  1.178   16.380  1.00 55.56  ? 24  SER A CA  1 
ATOM   121  C C   . SER A 1 25  ? -4.692  1.010   15.435  1.00 54.56  ? 24  SER A C   1 
ATOM   122  O O   . SER A 1 25  ? -5.753  0.568   15.864  1.00 59.19  ? 24  SER A O   1 
ATOM   123  C CB  . SER A 1 25  ? -3.666  2.423   17.265  1.00 54.02  ? 24  SER A CB  1 
ATOM   124  O OG  . SER A 1 25  ? -2.528  2.646   18.098  1.00 50.11  ? 24  SER A OG  1 
ATOM   125  N N   . GLY A 1 26  ? -4.541  1.305   14.151  1.00 47.28  ? 25  GLY A N   1 
ATOM   126  C CA  . GLY A 1 26  ? -5.633  1.075   13.208  1.00 41.72  ? 25  GLY A CA  1 
ATOM   127  C C   . GLY A 1 26  ? -6.230  2.420   12.963  1.00 40.59  ? 25  GLY A C   1 
ATOM   128  O O   . GLY A 1 26  ? -5.707  3.391   13.492  1.00 45.26  ? 25  GLY A O   1 
ATOM   129  N N   . ILE A 1 27  ? -7.291  2.495   12.154  1.00 39.28  ? 26  ILE A N   1 
ATOM   130  C CA  . ILE A 1 27  ? -7.826  3.797   11.765  1.00 45.07  ? 26  ILE A CA  1 
ATOM   131  C C   . ILE A 1 27  ? -8.329  4.563   12.990  1.00 48.73  ? 26  ILE A C   1 
ATOM   132  O O   . ILE A 1 27  ? -8.394  5.803   12.949  1.00 52.12  ? 26  ILE A O   1 
ATOM   133  C CB  . ILE A 1 27  ? -8.873  3.719   10.628  1.00 43.89  ? 26  ILE A CB  1 
ATOM   134  C CG1 . ILE A 1 27  ? -10.032 2.759   10.974  1.00 49.63  ? 26  ILE A CG1 1 
ATOM   135  C CG2 . ILE A 1 27  ? -8.232  3.238   9.322   1.00 42.42  ? 26  ILE A CG2 1 
ATOM   136  C CD1 . ILE A 1 27  ? -11.330 3.413   11.406  1.00 53.40  ? 26  ILE A CD1 1 
ATOM   137  N N   . ALA A 1 28  ? -8.584  3.828   14.086  1.00 53.72  ? 27  ALA A N   1 
ATOM   138  C CA  . ALA A 1 28  ? -8.935  4.389   15.426  1.00 56.21  ? 27  ALA A CA  1 
ATOM   139  C C   . ALA A 1 28  ? -7.918  5.325   16.117  1.00 52.96  ? 27  ALA A C   1 
ATOM   140  O O   . ALA A 1 28  ? -8.292  6.065   17.036  1.00 54.31  ? 27  ALA A O   1 
ATOM   141  C CB  . ALA A 1 28  ? -9.296  3.241   16.374  1.00 53.74  ? 27  ALA A CB  1 
ATOM   142  N N   . ALA A 1 29  ? -6.647  5.312   15.716  1.00 46.32  ? 28  ALA A N   1 
ATOM   143  C CA  . ALA A 1 29  ? -5.642  6.135   16.368  1.00 44.36  ? 28  ALA A CA  1 
ATOM   144  C C   . ALA A 1 29  ? -6.109  7.564   16.586  1.00 46.06  ? 28  ALA A C   1 
ATOM   145  O O   . ALA A 1 29  ? -6.781  8.108   15.718  1.00 50.41  ? 28  ALA A O   1 
ATOM   146  C CB  . ALA A 1 29  ? -4.382  6.170   15.547  1.00 43.20  ? 28  ALA A CB  1 
ATOM   147  N N   . SER A 1 30  ? -5.704  8.198   17.690  1.00 47.85  ? 29  SER A N   1 
ATOM   148  C CA  . SER A 1 30  ? -6.271  9.529   18.040  1.00 42.53  ? 29  SER A CA  1 
ATOM   149  C C   . SER A 1 30  ? -5.466  10.650  17.427  1.00 41.00  ? 29  SER A C   1 
ATOM   150  O O   . SER A 1 30  ? -4.236  10.598  17.430  1.00 43.09  ? 29  SER A O   1 
ATOM   151  C CB  . SER A 1 30  ? -6.332  9.728   19.581  1.00 47.82  ? 29  SER A CB  1 
ATOM   152  O OG  . SER A 1 30  ? -5.268  10.569  20.043  1.00 48.07  ? 29  SER A OG  1 
ATOM   153  N N   . THR A 1 31  ? -6.145  11.728  16.987  1.00 40.17  ? 30  THR A N   1 
ATOM   154  C CA  . THR A 1 31  ? -5.435  12.873  16.444  1.00 40.42  ? 30  THR A CA  1 
ATOM   155  C C   . THR A 1 31  ? -4.508  13.535  17.453  1.00 42.55  ? 30  THR A C   1 
ATOM   156  O O   . THR A 1 31  ? -3.489  14.162  17.093  1.00 43.19  ? 30  THR A O   1 
ATOM   157  C CB  . THR A 1 31  ? -6.430  13.901  15.860  1.00 42.65  ? 30  THR A CB  1 
ATOM   158  O OG1 . THR A 1 31  ? -7.370  14.243  16.883  1.00 41.51  ? 30  THR A OG1 1 
ATOM   159  C CG2 . THR A 1 31  ? -7.175  13.295  14.634  1.00 41.78  ? 30  THR A CG2 1 
ATOM   160  N N   . ALA A 1 32  ? -4.871  13.430  18.732  1.00 52.01  ? 31  ALA A N   1 
ATOM   161  C CA  . ALA A 1 32  ? -4.084  14.051  19.805  1.00 51.82  ? 31  ALA A CA  1 
ATOM   162  C C   . ALA A 1 32  ? -2.706  13.430  19.845  1.00 50.76  ? 31  ALA A C   1 
ATOM   163  O O   . ALA A 1 32  ? -1.681  14.128  19.899  1.00 48.41  ? 31  ALA A O   1 
ATOM   164  C CB  . ALA A 1 32  ? -4.788  13.867  21.155  1.00 56.07  ? 31  ALA A CB  1 
ATOM   165  N N   . VAL A 1 33  ? -2.710  12.097  19.762  1.00 56.70  ? 32  VAL A N   1 
ATOM   166  C CA  . VAL A 1 33  ? -1.501  11.282  19.770  1.00 48.96  ? 32  VAL A CA  1 
ATOM   167  C C   . VAL A 1 33  ? -0.652  11.663  18.554  1.00 46.31  ? 32  VAL A C   1 
ATOM   168  O O   . VAL A 1 33  ? 0.532   12.015  18.667  1.00 47.86  ? 32  VAL A O   1 
ATOM   169  C CB  . VAL A 1 33  ? -1.864  9.776   19.746  1.00 51.76  ? 32  VAL A CB  1 
ATOM   170  C CG1 . VAL A 1 33  ? -0.613  8.913   19.731  1.00 51.52  ? 32  VAL A CG1 1 
ATOM   171  C CG2 . VAL A 1 33  ? -2.747  9.392   20.933  1.00 54.14  ? 32  VAL A CG2 1 
ATOM   172  N N   . ILE A 1 34  ? -1.297  11.664  17.390  1.00 40.98  ? 33  ILE A N   1 
ATOM   173  C CA  . ILE A 1 34  ? -0.624  12.050  16.168  1.00 41.38  ? 33  ILE A CA  1 
ATOM   174  C C   . ILE A 1 34  ? -0.042  13.472  16.260  1.00 42.93  ? 33  ILE A C   1 
ATOM   175  O O   . ILE A 1 34  ? 1.071   13.727  15.810  1.00 40.32  ? 33  ILE A O   1 
ATOM   176  C CB  . ILE A 1 34  ? -1.585  11.893  14.936  1.00 34.50  ? 33  ILE A CB  1 
ATOM   177  C CG1 . ILE A 1 34  ? -2.068  10.465  14.840  1.00 34.81  ? 33  ILE A CG1 1 
ATOM   178  C CG2 . ILE A 1 34  ? -0.924  12.371  13.664  1.00 37.93  ? 33  ILE A CG2 1 
ATOM   179  C CD1 . ILE A 1 34  ? -3.116  10.191  13.810  1.00 35.51  ? 33  ILE A CD1 1 
ATOM   180  N N   . ALA A 1 35  ? -0.784  14.421  16.848  1.00 41.59  ? 34  ALA A N   1 
ATOM   181  C CA  . ALA A 1 35  ? -0.304  15.782  16.872  1.00 43.04  ? 34  ALA A CA  1 
ATOM   182  C C   . ALA A 1 35  ? 0.914   15.920  17.774  1.00 44.43  ? 34  ALA A C   1 
ATOM   183  O O   . ALA A 1 35  ? 1.874   16.605  17.423  1.00 46.44  ? 34  ALA A O   1 
ATOM   184  C CB  . ALA A 1 35  ? -1.408  16.726  17.351  1.00 47.25  ? 34  ALA A CB  1 
ATOM   185  N N   . ARG A 1 36  ? 0.884   15.259  18.923  1.00 44.93  ? 35  ARG A N   1 
ATOM   186  C CA  . ARG A 1 36  ? 1.980   15.427  19.859  1.00 56.76  ? 35  ARG A CA  1 
ATOM   187  C C   . ARG A 1 36  ? 3.183   14.732  19.266  1.00 54.26  ? 35  ARG A C   1 
ATOM   188  O O   . ARG A 1 36  ? 4.235   15.332  19.205  1.00 52.27  ? 35  ARG A O   1 
ATOM   189  C CB  . ARG A 1 36  ? 1.660   14.901  21.252  1.00 68.06  ? 35  ARG A CB  1 
ATOM   190  C CG  . ARG A 1 36  ? 2.624   15.425  22.339  1.00 74.87  ? 35  ARG A CG  1 
ATOM   191  C CD  . ARG A 1 36  ? 2.211   15.078  23.772  1.00 78.40  ? 35  ARG A CD  1 
ATOM   192  N NE  . ARG A 1 36  ? 1.248   13.974  23.851  1.00 82.34  ? 35  ARG A NE  1 
ATOM   193  C CZ  . ARG A 1 36  ? 1.498   12.695  23.549  1.00 84.51  ? 35  ARG A CZ  1 
ATOM   194  N NH1 . ARG A 1 36  ? 2.695   12.304  23.116  1.00 84.65  ? 35  ARG A NH1 1 
ATOM   195  N NH2 . ARG A 1 36  ? 0.529   11.793  23.665  1.00 84.29  ? 35  ARG A NH2 1 
ATOM   196  N N   . ASN A 1 37  ? 3.010   13.527  18.722  1.00 54.54  ? 36  ASN A N   1 
ATOM   197  C CA  . ASN A 1 37  ? 4.152   12.822  18.165  1.00 50.94  ? 36  ASN A CA  1 
ATOM   198  C C   . ASN A 1 37  ? 4.743   13.597  16.999  1.00 49.62  ? 36  ASN A C   1 
ATOM   199  O O   . ASN A 1 37  ? 5.934   13.507  16.756  1.00 52.71  ? 36  ASN A O   1 
ATOM   200  C CB  . ASN A 1 37  ? 3.807   11.372  17.826  1.00 53.02  ? 36  ASN A CB  1 
ATOM   201  C CG  . ASN A 1 37  ? 3.278   10.607  19.033  1.00 55.17  ? 36  ASN A CG  1 
ATOM   202  O OD1 . ASN A 1 37  ? 3.340   11.087  20.170  1.00 61.32  ? 36  ASN A OD1 1 
ATOM   203  N ND2 . ASN A 1 37  ? 2.739   9.428   18.797  1.00 48.20  ? 36  ASN A ND2 1 
ATOM   204  N N   . ALA A 1 38  ? 3.937   14.406  16.300  1.00 50.31  ? 37  ALA A N   1 
ATOM   205  C CA  . ALA A 1 38  ? 4.475   15.314  15.271  1.00 52.62  ? 37  ALA A CA  1 
ATOM   206  C C   . ALA A 1 38  ? 4.997   16.620  15.866  1.00 56.21  ? 37  ALA A C   1 
ATOM   207  O O   . ALA A 1 38  ? 5.529   17.459  15.138  1.00 51.02  ? 37  ALA A O   1 
ATOM   208  C CB  . ALA A 1 38  ? 3.423   15.630  14.222  1.00 56.95  ? 37  ALA A CB  1 
ATOM   209  N N   . GLY A 1 39  ? 4.816   16.792  17.178  1.00 61.73  ? 38  GLY A N   1 
ATOM   210  C CA  . GLY A 1 39  ? 5.200   18.026  17.883  1.00 63.90  ? 38  GLY A CA  1 
ATOM   211  C C   . GLY A 1 39  ? 4.469   19.253  17.353  1.00 61.85  ? 38  GLY A C   1 
ATOM   212  O O   . GLY A 1 39  ? 5.099   20.286  17.091  1.00 59.52  ? 38  GLY A O   1 
ATOM   213  N N   . VAL A 1 40  ? 3.150   19.126  17.150  1.00 55.72  ? 39  VAL A N   1 
ATOM   214  C CA  . VAL A 1 40  ? 2.298   20.279  16.793  1.00 53.19  ? 39  VAL A CA  1 
ATOM   215  C C   . VAL A 1 40  ? 1.063   20.244  17.660  1.00 48.02  ? 39  VAL A C   1 
ATOM   216  O O   . VAL A 1 40  ? 0.739   19.235  18.325  1.00 46.39  ? 39  VAL A O   1 
ATOM   217  C CB  . VAL A 1 40  ? 1.868   20.388  15.283  1.00 54.71  ? 39  VAL A CB  1 
ATOM   218  C CG1 . VAL A 1 40  ? 3.064   20.558  14.356  1.00 59.28  ? 39  VAL A CG1 1 
ATOM   219  C CG2 . VAL A 1 40  ? 1.013   19.197  14.855  1.00 55.64  ? 39  VAL A CG2 1 
ATOM   220  N N   . ALA A 1 41  ? 0.390   21.384  17.682  1.00 54.43  ? 40  ALA A N   1 
ATOM   221  C CA  . ALA A 1 41  ? -0.857  21.504  18.413  1.00 55.13  ? 40  ALA A CA  1 
ATOM   222  C C   . ALA A 1 41  ? -1.935  20.704  17.669  1.00 49.41  ? 40  ALA A C   1 
ATOM   223  O O   . ALA A 1 41  ? -1.972  20.729  16.445  1.00 55.04  ? 40  ALA A O   1 
ATOM   224  C CB  . ALA A 1 41  ? -1.247  22.970  18.529  1.00 53.10  ? 40  ALA A CB  1 
ATOM   225  N N   . GLU A 1 42  ? -2.804  20.001  18.403  1.00 50.80  ? 41  GLU A N   1 
ATOM   226  C CA  . GLU A 1 42  ? -3.932  19.304  17.766  1.00 47.10  ? 41  GLU A CA  1 
ATOM   227  C C   . GLU A 1 42  ? -4.786  20.226  16.852  1.00 50.81  ? 41  GLU A C   1 
ATOM   228  O O   . GLU A 1 42  ? -5.290  19.784  15.807  1.00 41.49  ? 41  GLU A O   1 
ATOM   229  C CB  . GLU A 1 42  ? -4.776  18.576  18.820  1.00 46.64  ? 41  GLU A CB  1 
ATOM   230  C CG  . GLU A 1 42  ? -5.873  17.714  18.248  1.00 50.87  ? 41  GLU A CG  1 
ATOM   231  C CD  . GLU A 1 42  ? -6.621  16.885  19.281  1.00 56.05  ? 41  GLU A CD  1 
ATOM   232  O OE1 . GLU A 1 42  ? -6.543  17.215  20.492  1.00 62.58  ? 41  GLU A OE1 1 
ATOM   233  O OE2 . GLU A 1 42  ? -7.293  15.903  18.887  1.00 50.80  ? 41  GLU A OE2 1 
ATOM   234  N N   . GLY A 1 43  ? -4.961  21.499  17.233  1.00 42.57  ? 42  GLY A N   1 
ATOM   235  C CA  . GLY A 1 43  ? -5.689  22.442  16.377  1.00 42.02  ? 42  GLY A CA  1 
ATOM   236  C C   . GLY A 1 43  ? -4.946  22.677  15.084  1.00 42.36  ? 42  GLY A C   1 
ATOM   237  O O   . GLY A 1 43  ? -5.548  22.889  14.012  1.00 46.85  ? 42  GLY A O   1 
ATOM   238  N N   . THR A 1 44  ? -3.614  22.610  15.175  1.00 43.53  ? 43  THR A N   1 
ATOM   239  C CA  . THR A 1 44  ? -2.756  22.743  14.002  1.00 43.98  ? 43  THR A CA  1 
ATOM   240  C C   . THR A 1 44  ? -2.944  21.527  13.066  1.00 41.47  ? 43  THR A C   1 
ATOM   241  O O   . THR A 1 44  ? -2.996  21.658  11.833  1.00 39.45  ? 43  THR A O   1 
ATOM   242  C CB  . THR A 1 44  ? -1.261  22.865  14.409  1.00 54.74  ? 43  THR A CB  1 
ATOM   243  O OG1 . THR A 1 44  ? -1.096  23.913  15.388  1.00 60.43  ? 43  THR A OG1 1 
ATOM   244  C CG2 . THR A 1 44  ? -0.397  23.157  13.205  1.00 56.03  ? 43  THR A CG2 1 
ATOM   245  N N   . LEU A 1 45  ? -3.102  20.360  13.667  1.00 37.90  ? 44  LEU A N   1 
ATOM   246  C CA  . LEU A 1 45  ? -3.393  19.135  12.872  1.00 36.85  ? 44  LEU A CA  1 
ATOM   247  C C   . LEU A 1 45  ? -4.719  19.318  12.102  1.00 34.59  ? 44  LEU A C   1 
ATOM   248  O O   . LEU A 1 45  ? -4.812  18.989  10.939  1.00 33.25  ? 44  LEU A O   1 
ATOM   249  C CB  . LEU A 1 45  ? -3.478  17.906  13.769  1.00 33.12  ? 44  LEU A CB  1 
ATOM   250  C CG  . LEU A 1 45  ? -3.747  16.540  13.081  1.00 34.74  ? 44  LEU A CG  1 
ATOM   251  C CD1 . LEU A 1 45  ? -3.162  15.359  13.851  1.00 39.76  ? 44  LEU A CD1 1 
ATOM   252  C CD2 . LEU A 1 45  ? -5.237  16.280  12.940  1.00 36.06  ? 44  LEU A CD2 1 
ATOM   253  N N   . PHE A 1 46  ? -5.736  19.898  12.755  1.00 39.43  ? 45  PHE A N   1 
ATOM   254  C CA  . PHE A 1 46  ? -6.996  20.124  12.094  1.00 32.02  ? 45  PHE A CA  1 
ATOM   255  C C   . PHE A 1 46  ? -6.892  21.089  10.933  1.00 33.20  ? 45  PHE A C   1 
ATOM   256  O O   . PHE A 1 46  ? -7.652  21.010  10.022  1.00 32.71  ? 45  PHE A O   1 
ATOM   257  C CB  . PHE A 1 46  ? -8.050  20.619  13.056  1.00 33.69  ? 45  PHE A CB  1 
ATOM   258  C CG  . PHE A 1 46  ? -8.298  19.720  14.218  1.00 35.35  ? 45  PHE A CG  1 
ATOM   259  C CD1 . PHE A 1 46  ? -8.237  18.342  14.078  1.00 39.58  ? 45  PHE A CD1 1 
ATOM   260  C CD2 . PHE A 1 46  ? -8.619  20.247  15.457  1.00 42.98  ? 45  PHE A CD2 1 
ATOM   261  C CE1 . PHE A 1 46  ? -8.467  17.499  15.153  1.00 39.91  ? 45  PHE A CE1 1 
ATOM   262  C CE2 . PHE A 1 46  ? -8.853  19.423  16.543  1.00 42.13  ? 45  PHE A CE2 1 
ATOM   263  C CZ  . PHE A 1 46  ? -8.773  18.038  16.390  1.00 42.64  ? 45  PHE A CZ  1 
ATOM   264  N N   . ARG A 1 47  ? -5.915  21.992  10.966  1.00 42.10  ? 46  ARG A N   1 
ATOM   265  C CA  . ARG A 1 47  ? -5.651  22.853  9.805   1.00 39.83  ? 46  ARG A CA  1 
ATOM   266  C C   . ARG A 1 47  ? -5.214  22.089  8.568   1.00 43.66  ? 46  ARG A C   1 
ATOM   267  O O   . ARG A 1 47  ? -5.553  22.461  7.413   1.00 40.02  ? 46  ARG A O   1 
ATOM   268  C CB  . ARG A 1 47  ? -4.680  23.992  10.186  1.00 45.96  ? 46  ARG A CB  1 
ATOM   269  C CG  . ARG A 1 47  ? -5.327  25.051  11.097  1.00 47.74  ? 46  ARG A CG  1 
ATOM   270  C CD  . ARG A 1 47  ? -4.554  26.375  11.204  1.00 50.76  ? 46  ARG A CD  1 
ATOM   271  N NE  . ARG A 1 47  ? -5.143  27.280  12.209  1.00 47.02  ? 46  ARG A NE  1 
ATOM   272  C CZ  . ARG A 1 47  ? -6.189  28.101  12.001  1.00 43.30  ? 46  ARG A CZ  1 
ATOM   273  N NH1 . ARG A 1 47  ? -6.767  28.193  10.812  1.00 40.75  ? 46  ARG A NH1 1 
ATOM   274  N NH2 . ARG A 1 47  ? -6.632  28.861  13.012  1.00 45.58  ? 46  ARG A NH2 1 
ATOM   275  N N   . TYR A 1 48  ? -4.486  20.992  8.807   1.00 40.22  ? 47  TYR A N   1 
ATOM   276  C CA  . TYR A 1 48  ? -4.054  20.099  7.754   1.00 36.03  ? 47  TYR A CA  1 
ATOM   277  C C   . TYR A 1 48  ? -5.100  19.057  7.406   1.00 30.04  ? 47  TYR A C   1 
ATOM   278  O O   . TYR A 1 48  ? -5.290  18.717  6.217   1.00 34.87  ? 47  TYR A O   1 
ATOM   279  C CB  . TYR A 1 48  ? -2.742  19.410  8.162   1.00 36.12  ? 47  TYR A CB  1 
ATOM   280  C CG  . TYR A 1 48  ? -1.521  20.314  8.181   1.00 42.49  ? 47  TYR A CG  1 
ATOM   281  C CD1 . TYR A 1 48  ? -0.715  20.451  7.043   1.00 47.23  ? 47  TYR A CD1 1 
ATOM   282  C CD2 . TYR A 1 48  ? -1.138  20.975  9.345   1.00 46.77  ? 47  TYR A CD2 1 
ATOM   283  C CE1 . TYR A 1 48  ? 0.413   21.265  7.058   1.00 52.11  ? 47  TYR A CE1 1 
ATOM   284  C CE2 . TYR A 1 48  ? -0.001  21.798  9.371   1.00 50.52  ? 47  TYR A CE2 1 
ATOM   285  C CZ  . TYR A 1 48  ? 0.768   21.936  8.220   1.00 52.16  ? 47  TYR A CZ  1 
ATOM   286  O OH  . TYR A 1 48  ? 1.892   22.750  8.234   1.00 59.16  ? 47  TYR A OH  1 
ATOM   287  N N   . PHE A 1 49  ? -5.739  18.474  8.413   1.00 32.15  ? 48  PHE A N   1 
ATOM   288  C CA  . PHE A 1 49  ? -6.792  17.502  8.178   1.00 30.90  ? 48  PHE A CA  1 
ATOM   289  C C   . PHE A 1 49  ? -7.944  17.808  9.120   1.00 28.08  ? 48  PHE A C   1 
ATOM   290  O O   . PHE A 1 49  ? -7.824  17.670  10.337  1.00 26.65  ? 48  PHE A O   1 
ATOM   291  C CB  . PHE A 1 49  ? -6.287  16.082  8.458   1.00 35.04  ? 48  PHE A CB  1 
ATOM   292  C CG  . PHE A 1 49  ? -4.859  15.907  8.098   1.00 30.59  ? 48  PHE A CG  1 
ATOM   293  C CD1 . PHE A 1 49  ? -4.510  15.691  6.776   1.00 36.29  ? 48  PHE A CD1 1 
ATOM   294  C CD2 . PHE A 1 49  ? -3.886  16.035  9.053   1.00 34.68  ? 48  PHE A CD2 1 
ATOM   295  C CE1 . PHE A 1 49  ? -3.176  15.551  6.415   1.00 38.99  ? 48  PHE A CE1 1 
ATOM   296  C CE2 . PHE A 1 49  ? -2.541  15.908  8.702   1.00 33.75  ? 48  PHE A CE2 1 
ATOM   297  C CZ  . PHE A 1 49  ? -2.201  15.686  7.385   1.00 33.14  ? 48  PHE A CZ  1 
ATOM   298  N N   . ALA A 1 50  ? -9.041  18.290  8.594   1.00 29.62  ? 49  ALA A N   1 
ATOM   299  C CA  . ALA A 1 50  ? -10.085 18.794  9.532   1.00 27.00  ? 49  ALA A CA  1 
ATOM   300  C C   . ALA A 1 50  ? -10.801 17.657  10.208  1.00 27.64  ? 49  ALA A C   1 
ATOM   301  O O   . ALA A 1 50  ? -11.434 17.772  11.308  1.00 26.76  ? 49  ALA A O   1 
ATOM   302  C CB  . ALA A 1 50  ? -11.085 19.702  8.800   1.00 28.88  ? 49  ALA A CB  1 
ATOM   303  N N   . THR A 1 51  ? -10.729 16.501  9.535   1.00 26.98  ? 50  THR A N   1 
ATOM   304  C CA  . THR A 1 51  ? -11.439 15.335  10.026  1.00 26.31  ? 50  THR A CA  1 
ATOM   305  C C   . THR A 1 51  ? -10.542 14.081  9.976   1.00 28.41  ? 50  THR A C   1 
ATOM   306  O O   . THR A 1 51  ? -9.661  14.018  9.136   1.00 27.34  ? 50  THR A O   1 
ATOM   307  C CB  . THR A 1 51  ? -12.665 14.992  9.165   1.00 26.63  ? 50  THR A CB  1 
ATOM   308  O OG1 . THR A 1 51  ? -12.339 14.628  7.774   1.00 26.20  ? 50  THR A OG1 1 
ATOM   309  C CG2 . THR A 1 51  ? -13.743 16.195  9.282   1.00 27.80  ? 50  THR A CG2 1 
ATOM   310  N N   . LYS A 1 52  ? -10.901 13.085  10.753  1.00 28.13  ? 51  LYS A N   1 
ATOM   311  C CA  . LYS A 1 52  ? -10.192 11.794  10.692  1.00 30.46  ? 51  LYS A CA  1 
ATOM   312  C C   . LYS A 1 52  ? -10.364 11.170  9.300   1.00 29.07  ? 51  LYS A C   1 
ATOM   313  O O   . LYS A 1 52  ? -9.381  10.652  8.725   1.00 29.07  ? 51  LYS A O   1 
ATOM   314  C CB  . LYS A 1 52  ? -10.660 10.877  11.842  1.00 33.83  ? 51  LYS A CB  1 
ATOM   315  C CG  . LYS A 1 52  ? -10.190 9.434   11.607  1.00 43.55  ? 51  LYS A CG  1 
ATOM   316  C CD  . LYS A 1 52  ? -10.712 8.463   12.636  1.00 52.78  ? 51  LYS A CD  1 
ATOM   317  C CE  . LYS A 1 52  ? -9.783  8.351   13.839  1.00 59.06  ? 51  LYS A CE  1 
ATOM   318  N NZ  . LYS A 1 52  ? -10.479 7.504   14.858  1.00 63.49  ? 51  LYS A NZ  1 
ATOM   319  N N   . ASP A 1 53  ? -11.553 11.234  8.708   1.00 24.77  ? 52  ASP A N   1 
ATOM   320  C CA  . ASP A 1 53  ? -11.809 10.806  7.319   1.00 29.15  ? 52  ASP A CA  1 
ATOM   321  C C   . ASP A 1 53  ? -10.864 11.468  6.343   1.00 29.49  ? 52  ASP A C   1 
ATOM   322  O O   . ASP A 1 53  ? -10.311 10.836  5.437   1.00 26.23  ? 52  ASP A O   1 
ATOM   323  C CB  . ASP A 1 53  ? -13.238 11.145  6.847   1.00 33.21  ? 52  ASP A CB  1 
ATOM   324  C CG  . ASP A 1 53  ? -14.360 10.369  7.602   1.00 43.00  ? 52  ASP A CG  1 
ATOM   325  O OD1 . ASP A 1 53  ? -14.130 9.245   8.134   1.00 38.84  ? 52  ASP A OD1 1 
ATOM   326  O OD2 . ASP A 1 53  ? -15.504 10.914  7.612   1.00 44.50  ? 52  ASP A OD2 1 
ATOM   327  N N   . GLU A 1 54  ? -10.646 12.776  6.480   1.00 25.62  ? 53  GLU A N   1 
ATOM   328  C CA  . GLU A 1 54  ? -9.698  13.429  5.599   1.00 28.89  ? 53  GLU A CA  1 
ATOM   329  C C   . GLU A 1 54  ? -8.244  12.955  5.782   1.00 25.76  ? 53  GLU A C   1 
ATOM   330  O O   . GLU A 1 54  ? -7.539  12.722  4.770   1.00 27.26  ? 53  GLU A O   1 
ATOM   331  C CB  . GLU A 1 54  ? -9.717  14.957  5.829   1.00 35.09  ? 53  GLU A CB  1 
ATOM   332  C CG  . GLU A 1 54  ? -10.872 15.682  5.142   1.00 46.37  ? 53  GLU A CG  1 
ATOM   333  C CD  . GLU A 1 54  ? -10.745 17.206  5.307   1.00 55.69  ? 53  GLU A CD  1 
ATOM   334  O OE1 . GLU A 1 54  ? -9.597  17.697  5.484   1.00 57.09  ? 53  GLU A OE1 1 
ATOM   335  O OE2 . GLU A 1 54  ? -11.774 17.912  5.256   1.00 63.43  ? 53  GLU A OE2 1 
ATOM   336  N N   . LEU A 1 55  ? -7.822  12.842  7.027   1.00 26.77  ? 54  LEU A N   1 
ATOM   337  C CA  . LEU A 1 55  ? -6.505  12.260  7.377   1.00 26.97  ? 54  LEU A CA  1 
ATOM   338  C C   . LEU A 1 55  ? -6.343  10.881  6.772   1.00 28.70  ? 54  LEU A C   1 
ATOM   339  O O   . LEU A 1 55  ? -5.340  10.619  6.134   1.00 29.91  ? 54  LEU A O   1 
ATOM   340  C CB  . LEU A 1 55  ? -6.315  12.211  8.859   1.00 25.52  ? 54  LEU A CB  1 
ATOM   341  C CG  . LEU A 1 55  ? -5.006  11.599  9.337   1.00 31.32  ? 54  LEU A CG  1 
ATOM   342  C CD1 . LEU A 1 55  ? -3.819  12.258  8.674   1.00 34.75  ? 54  LEU A CD1 1 
ATOM   343  C CD2 . LEU A 1 55  ? -5.006  11.694  10.841  1.00 33.66  ? 54  LEU A CD2 1 
ATOM   344  N N   . ILE A 1 56  ? -7.338  10.019  6.917   1.00 27.84  ? 55  ILE A N   1 
ATOM   345  C CA  . ILE A 1 56  ? -7.324  8.691   6.230   1.00 30.27  ? 55  ILE A CA  1 
ATOM   346  C C   . ILE A 1 56  ? -7.079  8.779   4.739   1.00 28.79  ? 55  ILE A C   1 
ATOM   347  O O   . ILE A 1 56  ? -6.221  8.062   4.188   1.00 25.59  ? 55  ILE A O   1 
ATOM   348  C CB  . ILE A 1 56  ? -8.609  7.905   6.535   1.00 30.57  ? 55  ILE A CB  1 
ATOM   349  C CG1 . ILE A 1 56  ? -8.618  7.539   7.981   1.00 32.31  ? 55  ILE A CG1 1 
ATOM   350  C CG2 . ILE A 1 56  ? -8.828  6.686   5.659   1.00 31.75  ? 55  ILE A CG2 1 
ATOM   351  C CD1 . ILE A 1 56  ? -9.965  6.956   8.391   1.00 33.29  ? 55  ILE A CD1 1 
ATOM   352  N N   . ASN A 1 57  ? -7.796  9.651   4.026   1.00 23.36  ? 56  ASN A N   1 
ATOM   353  C CA  . ASN A 1 57  ? -7.701  9.695   2.603   1.00 25.70  ? 56  ASN A CA  1 
ATOM   354  C C   . ASN A 1 57  ? -6.371  10.307  2.168   1.00 25.00  ? 56  ASN A C   1 
ATOM   355  O O   . ASN A 1 57  ? -5.768  9.812   1.230   1.00 26.14  ? 56  ASN A O   1 
ATOM   356  C CB  . ASN A 1 57  ? -8.870  10.470  2.029   1.00 24.95  ? 56  ASN A CB  1 
ATOM   357  C CG  . ASN A 1 57  ? -10.092 9.621   1.915   1.00 24.03  ? 56  ASN A CG  1 
ATOM   358  O OD1 . ASN A 1 57  ? -10.395 9.097   0.850   1.00 30.97  ? 56  ASN A OD1 1 
ATOM   359  N ND2 . ASN A 1 57  ? -10.745 9.406   3.022   1.00 26.88  ? 56  ASN A ND2 1 
ATOM   360  N N   . THR A 1 58  ? -5.958  11.364  2.874   1.00 25.38  ? 57  THR A N   1 
ATOM   361  C CA  . THR A 1 58  ? -4.697  12.117  2.536   1.00 25.79  ? 57  THR A CA  1 
ATOM   362  C C   . THR A 1 58  ? -3.486  11.208  2.831   1.00 26.92  ? 57  THR A C   1 
ATOM   363  O O   . THR A 1 58  ? -2.564  11.109  2.002   1.00 28.44  ? 57  THR A O   1 
ATOM   364  C CB  . THR A 1 58  ? -4.559  13.417  3.309   1.00 31.76  ? 57  THR A CB  1 
ATOM   365  O OG1 . THR A 1 58  ? -5.640  14.247  2.900   1.00 28.36  ? 57  THR A OG1 1 
ATOM   366  C CG2 . THR A 1 58  ? -3.215  14.131  2.977   1.00 32.72  ? 57  THR A CG2 1 
ATOM   367  N N   . LEU A 1 59  ? -3.587  10.479  3.927   1.00 24.59  ? 58  LEU A N   1 
ATOM   368  C CA  . LEU A 1 59  ? -2.492  9.538   4.305   1.00 25.47  ? 58  LEU A CA  1 
ATOM   369  C C   . LEU A 1 59  ? -2.416  8.383   3.343   1.00 25.12  ? 58  LEU A C   1 
ATOM   370  O O   . LEU A 1 59  ? -1.311  7.951   2.912   1.00 23.96  ? 58  LEU A O   1 
ATOM   371  C CB  . LEU A 1 59  ? -2.654  9.106   5.730   1.00 24.11  ? 58  LEU A CB  1 
ATOM   372  C CG  . LEU A 1 59  ? -1.578  8.108   6.205   1.00 24.22  ? 58  LEU A CG  1 
ATOM   373  C CD1 . LEU A 1 59  ? -0.163  8.720   6.080   1.00 25.82  ? 58  LEU A CD1 1 
ATOM   374  C CD2 . LEU A 1 59  ? -1.755  7.536   7.570   1.00 26.90  ? 58  LEU A CD2 1 
ATOM   375  N N   . TYR A 1 60  ? -3.562  7.856   2.961   1.00 24.63  ? 59  TYR A N   1 
ATOM   376  C CA  . TYR A 1 60  ? -3.557  6.762   1.967   1.00 24.16  ? 59  TYR A CA  1 
ATOM   377  C C   . TYR A 1 60  ? -2.885  7.204   0.662   1.00 25.59  ? 59  TYR A C   1 
ATOM   378  O O   . TYR A 1 60  ? -2.076  6.511   0.060   1.00 25.96  ? 59  TYR A O   1 
ATOM   379  C CB  . TYR A 1 60  ? -4.978  6.355   1.681   1.00 24.96  ? 59  TYR A CB  1 
ATOM   380  C CG  . TYR A 1 60  ? -5.065  5.428   0.538   1.00 25.71  ? 59  TYR A CG  1 
ATOM   381  C CD1 . TYR A 1 60  ? -4.814  4.080   0.704   1.00 27.48  ? 59  TYR A CD1 1 
ATOM   382  C CD2 . TYR A 1 60  ? -5.323  5.887   -0.733  1.00 27.46  ? 59  TYR A CD2 1 
ATOM   383  C CE1 . TYR A 1 60  ? -4.917  3.205   -0.336  1.00 26.43  ? 59  TYR A CE1 1 
ATOM   384  C CE2 . TYR A 1 60  ? -5.355  5.037   -1.801  1.00 30.67  ? 59  TYR A CE2 1 
ATOM   385  C CZ  . TYR A 1 60  ? -5.143  3.685   -1.595  1.00 32.46  ? 59  TYR A CZ  1 
ATOM   386  O OH  . TYR A 1 60  ? -5.213  2.862   -2.662  1.00 36.98  ? 59  TYR A OH  1 
ATOM   387  N N   . LEU A 1 61  ? -3.218  8.425   0.213   1.00 25.79  ? 60  LEU A N   1 
ATOM   388  C CA  . LEU A 1 61  ? -2.632  8.907   -1.020  1.00 27.99  ? 60  LEU A CA  1 
ATOM   389  C C   . LEU A 1 61  ? -1.144  9.102   -0.893  1.00 25.65  ? 60  LEU A C   1 
ATOM   390  O O   . LEU A 1 61  ? -0.443  8.786   -1.859  1.00 30.92  ? 60  LEU A O   1 
ATOM   391  C CB  . LEU A 1 61  ? -3.369  10.188  -1.502  1.00 31.46  ? 60  LEU A CB  1 
ATOM   392  C CG  . LEU A 1 61  ? -4.766  9.926   -2.084  1.00 32.02  ? 60  LEU A CG  1 
ATOM   393  C CD1 . LEU A 1 61  ? -5.439  11.312  -2.211  1.00 39.56  ? 60  LEU A CD1 1 
ATOM   394  C CD2 . LEU A 1 61  ? -4.833  9.156   -3.422  1.00 38.79  ? 60  LEU A CD2 1 
ATOM   395  N N   . HIS A 1 62  ? -0.686  9.616   0.257   1.00 28.48  ? 61  HIS A N   1 
ATOM   396  C CA  . HIS A 1 62  ? 0.703   9.853   0.584   0.70 27.56  ? 61  HIS A CA  1 
ATOM   397  C C   . HIS A 1 62  ? 1.473   8.535   0.493   1.00 29.63  ? 61  HIS A C   1 
ATOM   398  O O   . HIS A 1 62  ? 2.561   8.453   -0.112  1.00 26.34  ? 61  HIS A O   1 
ATOM   399  C CB  . HIS A 1 62  ? 0.823   10.485  1.945   0.70 28.73  ? 61  HIS A CB  1 
ATOM   400  C CG  . HIS A 1 62  ? 2.228   10.675  2.433   0.70 33.65  ? 61  HIS A CG  1 
ATOM   401  N ND1 . HIS A 1 62  ? 3.115   11.564  1.858   0.70 37.16  ? 61  HIS A ND1 1 
ATOM   402  C CD2 . HIS A 1 62  ? 2.888   10.103  3.465   0.70 38.11  ? 61  HIS A CD2 1 
ATOM   403  C CE1 . HIS A 1 62  ? 4.261   11.517  2.508   0.70 37.71  ? 61  HIS A CE1 1 
ATOM   404  N NE2 . HIS A 1 62  ? 4.149   10.646  3.492   0.70 42.21  ? 61  HIS A NE2 1 
ATOM   405  N N   . LEU A 1 63  ? 0.912   7.516   1.090   1.00 23.06  ? 62  LEU A N   1 
ATOM   406  C CA  . LEU A 1 63  ? 1.634   6.174   1.143   1.00 24.60  ? 62  LEU A CA  1 
ATOM   407  C C   . LEU A 1 63  ? 1.559   5.546   -0.163  1.00 21.02  ? 62  LEU A C   1 
ATOM   408  O O   . LEU A 1 63  ? 2.577   4.934   -0.700  1.00 25.49  ? 62  LEU A O   1 
ATOM   409  C CB  . LEU A 1 63  ? 1.023   5.287   2.276   1.00 21.23  ? 62  LEU A CB  1 
ATOM   410  C CG  . LEU A 1 63  ? 1.206   5.786   3.704   1.00 22.48  ? 62  LEU A CG  1 
ATOM   411  C CD1 . LEU A 1 63  ? 0.429   4.909   4.621   1.00 22.79  ? 62  LEU A CD1 1 
ATOM   412  C CD2 . LEU A 1 63  ? 2.669   5.850   4.142   1.00 26.79  ? 62  LEU A CD2 1 
ATOM   413  N N   . LYS A 1 64  ? 0.417   5.631   -0.834  1.00 21.33  ? 63  LYS A N   1 
ATOM   414  C CA  . LYS A 1 64  ? 0.293   5.070   -2.139  1.00 26.52  ? 63  LYS A CA  1 
ATOM   415  C C   . LYS A 1 64  ? 1.286   5.720   -3.168  1.00 26.79  ? 63  LYS A C   1 
ATOM   416  O O   . LYS A 1 64  ? 1.899   5.036   -3.942  1.00 26.91  ? 63  LYS A O   1 
ATOM   417  C CB  . LYS A 1 64  ? -1.086  5.067   -2.721  1.00 29.74  ? 63  LYS A CB  1 
ATOM   418  C CG  . LYS A 1 64  ? -1.091  4.049   -3.889  1.00 34.40  ? 63  LYS A CG  1 
ATOM   419  C CD  . LYS A 1 64  ? -2.403  3.769   -4.602  1.00 44.40  ? 63  LYS A CD  1 
ATOM   420  C CE  . LYS A 1 64  ? -2.102  2.858   -5.768  1.00 46.65  ? 63  LYS A CE  1 
ATOM   421  N NZ  . LYS A 1 64  ? -1.161  3.553   -6.708  1.00 49.65  ? 63  LYS A NZ  1 
ATOM   422  N N   . GLN A 1 65  ? 1.518   7.003   -3.007  1.00 27.82  ? 64  GLN A N   1 
ATOM   423  C CA  . GLN A 1 65  ? 2.463   7.745   -3.907  1.00 29.23  ? 64  GLN A CA  1 
ATOM   424  C C   . GLN A 1 65  ? 3.872   7.214   -3.684  1.00 27.90  ? 64  GLN A C   1 
ATOM   425  O O   . GLN A 1 65  ? 4.622   6.955   -4.638  1.00 30.09  ? 64  GLN A O   1 
ATOM   426  C CB  . GLN A 1 65  ? 2.401   9.254   -3.538  1.00 33.75  ? 64  GLN A CB  1 
ATOM   427  C CG  . GLN A 1 65  ? 3.741   9.991   -3.561  1.00 49.09  ? 64  GLN A CG  1 
ATOM   428  C CD  . GLN A 1 65  ? 3.961   10.828  -2.278  1.00 56.86  ? 64  GLN A CD  1 
ATOM   429  O OE1 . GLN A 1 65  ? 4.325   10.310  -1.177  1.00 41.11  ? 64  GLN A OE1 1 
ATOM   430  N NE2 . GLN A 1 65  ? 3.756   12.151  -2.420  1.00 59.85  ? 64  GLN A NE2 1 
ATOM   431  N N   . ASP A 1 66  ? 4.215   7.072   -2.433  1.00 27.17  ? 65  ASP A N   1 
ATOM   432  C CA  . ASP A 1 66  ? 5.511   6.571   -2.009  1.00 26.69  ? 65  ASP A CA  1 
ATOM   433  C C   . ASP A 1 66  ? 5.765   5.178   -2.545  1.00 25.74  ? 65  ASP A C   1 
ATOM   434  O O   . ASP A 1 66  ? 6.850   4.862   -3.122  1.00 25.03  ? 65  ASP A O   1 
ATOM   435  C CB  . ASP A 1 66  ? 5.641   6.570   -0.498  1.00 27.12  ? 65  ASP A CB  1 
ATOM   436  C CG  . ASP A 1 66  ? 7.015   6.229   -0.050  1.00 34.82  ? 65  ASP A CG  1 
ATOM   437  O OD1 . ASP A 1 66  ? 7.987   6.952   -0.424  1.00 37.47  ? 65  ASP A OD1 1 
ATOM   438  O OD2 . ASP A 1 66  ? 7.197   5.208   0.637   1.00 29.12  ? 65  ASP A OD2 1 
ATOM   439  N N   . LEU A 1 67  ? 4.831   4.270   -2.248  1.00 22.34  ? 66  LEU A N   1 
ATOM   440  C CA  . LEU A 1 67  ? 4.901   2.942   -2.862  1.00 24.45  ? 66  LEU A CA  1 
ATOM   441  C C   . LEU A 1 67  ? 5.041   2.943   -4.379  1.00 23.34  ? 66  LEU A C   1 
ATOM   442  O O   . LEU A 1 67  ? 5.987   2.290   -4.936  1.00 26.79  ? 66  LEU A O   1 
ATOM   443  C CB  . LEU A 1 67  ? 3.686   2.065   -2.395  1.00 25.13  ? 66  LEU A CB  1 
ATOM   444  C CG  . LEU A 1 67  ? 3.449   0.922   -3.291  1.00 26.29  ? 66  LEU A CG  1 
ATOM   445  C CD1 . LEU A 1 67  ? 4.597   -0.023  -2.918  1.00 27.57  ? 66  LEU A CD1 1 
ATOM   446  C CD2 . LEU A 1 67  ? 2.084   0.257   -3.036  1.00 26.68  ? 66  LEU A CD2 1 
ATOM   447  N N   . CYS A 1 68  ? 4.199   3.670   -5.117  1.00 26.25  ? 67  CYS A N   1 
ATOM   448  C CA  . CYS A 1 68  ? 4.219   3.548   -6.553  1.00 31.90  ? 67  CYS A CA  1 
ATOM   449  C C   . CYS A 1 68  ? 5.532   4.213   -7.135  1.00 29.37  ? 67  CYS A C   1 
ATOM   450  O O   . CYS A 1 68  ? 6.076   3.732   -8.154  1.00 30.51  ? 67  CYS A O   1 
ATOM   451  C CB  . CYS A 1 68  ? 2.936   4.118   -7.166  1.00 34.54  ? 67  CYS A CB  1 
ATOM   452  S SG  . CYS A 1 68  ? 1.493   3.045   -6.851  1.00 40.01  ? 67  CYS A SG  1 
ATOM   453  N N   . GLN A 1 69  ? 6.023   5.210   -6.455  1.00 27.60  ? 68  GLN A N   1 
ATOM   454  C CA  . GLN A 1 69  ? 7.329   5.866   -6.845  1.00 30.31  ? 68  GLN A CA  1 
ATOM   455  C C   . GLN A 1 69  ? 8.457   4.847   -6.727  1.00 31.52  ? 68  GLN A C   1 
ATOM   456  O O   . GLN A 1 69  ? 9.292   4.684   -7.644  1.00 30.43  ? 68  GLN A O   1 
ATOM   457  C CB  . GLN A 1 69  ? 7.642   7.093   -6.055  1.00 30.24  ? 68  GLN A CB  1 
ATOM   458  C CG  . GLN A 1 69  ? 8.946   7.755   -6.540  1.00 30.35  ? 68  GLN A CG  1 
ATOM   459  C CD  . GLN A 1 69  ? 8.860   8.359   -7.963  1.00 33.74  ? 68  GLN A CD  1 
ATOM   460  O OE1 . GLN A 1 69  ? 9.887   8.611   -8.664  1.00 36.57  ? 68  GLN A OE1 1 
ATOM   461  N NE2 . GLN A 1 69  ? 7.690   8.680   -8.357  1.00 34.88  ? 68  GLN A NE2 1 
ATOM   462  N N   . SER A 1 70  ? 8.424   4.058   -5.669  1.00 31.15  ? 69  SER A N   1 
ATOM   463  C CA  . SER A 1 70  ? 9.291   2.880   -5.554  1.00 34.57  ? 69  SER A CA  1 
ATOM   464  C C   . SER A 1 70  ? 9.162   1.903   -6.706  1.00 31.93  ? 69  SER A C   1 
ATOM   465  O O   . SER A 1 70  ? 10.160  1.426   -7.265  1.00 27.44  ? 69  SER A O   1 
ATOM   466  C CB  . SER A 1 70  ? 8.994   2.186   -4.183  1.00 38.70  ? 69  SER A CB  1 
ATOM   467  O OG  . SER A 1 70  ? 10.094  1.470   -3.755  1.00 42.22  ? 69  SER A OG  1 
ATOM   468  N N   . MET A 1 71  ? 7.927   1.503   -7.039  1.00 28.23  ? 70  MET A N   1 
ATOM   469  C CA  . MET A 1 71  ? 7.686   0.570   -8.129  1.00 31.30  ? 70  MET A CA  1 
ATOM   470  C C   . MET A 1 71  ? 8.194   1.105   -9.456  1.00 36.62  ? 70  MET A C   1 
ATOM   471  O O   . MET A 1 71  ? 8.879   0.376   -10.170 1.00 35.20  ? 70  MET A O   1 
ATOM   472  C CB  . MET A 1 71  ? 6.218   0.252   -8.254  1.00 33.09  ? 70  MET A CB  1 
ATOM   473  C CG  . MET A 1 71  ? 5.708   -0.634  -7.186  1.00 38.30  ? 70  MET A CG  1 
ATOM   474  S SD  . MET A 1 71  ? 3.877   -0.782  -7.229  1.00 40.09  ? 70  MET A SD  1 
ATOM   475  C CE  . MET A 1 71  ? 3.748   -1.967  -5.919  1.00 40.66  ? 70  MET A CE  1 
ATOM   476  N N   . ILE A 1 72  ? 7.915   2.396   -9.731  1.00 36.17  ? 71  ILE A N   1 
ATOM   477  C CA  . ILE A 1 72  ? 8.374   3.066   -10.970 1.00 43.87  ? 71  ILE A CA  1 
ATOM   478  C C   . ILE A 1 72  ? 9.883   2.951   -11.163 1.00 41.23  ? 71  ILE A C   1 
ATOM   479  O O   . ILE A 1 72  ? 10.386  2.640   -12.258 1.00 42.92  ? 71  ILE A O   1 
ATOM   480  C CB  . ILE A 1 72  ? 7.888   4.552   -10.990 1.00 42.88  ? 71  ILE A CB  1 
ATOM   481  C CG1 . ILE A 1 72  ? 6.829   4.720   -12.061 1.00 48.17  ? 71  ILE A CG1 1 
ATOM   482  C CG2 . ILE A 1 72  ? 9.020   5.549   -11.202 1.00 50.39  ? 71  ILE A CG2 1 
ATOM   483  C CD1 . ILE A 1 72  ? 5.794   3.606   -12.080 1.00 45.38  ? 71  ILE A CD1 1 
ATOM   484  N N   . MET A 1 73  ? 10.607  3.099   -10.086 1.00 39.05  ? 72  MET A N   1 
ATOM   485  C CA  . MET A 1 73  ? 12.072  3.017   -10.163 1.00 39.18  ? 72  MET A CA  1 
ATOM   486  C C   . MET A 1 73  ? 12.666  1.627   -10.317 1.00 38.75  ? 72  MET A C   1 
ATOM   487  O O   . MET A 1 73  ? 13.800  1.484   -10.795 1.00 34.75  ? 72  MET A O   1 
ATOM   488  C CB  . MET A 1 73  ? 12.690  3.678   -8.982  1.00 38.77  ? 72  MET A CB  1 
ATOM   489  C CG  . MET A 1 73  ? 12.067  5.031   -8.828  1.00 43.02  ? 72  MET A CG  1 
ATOM   490  S SD  . MET A 1 73  ? 13.186  6.126   -8.035  1.00 43.01  ? 72  MET A SD  1 
ATOM   491  C CE  . MET A 1 73  ? 12.152  7.476   -7.548  1.00 44.76  ? 72  MET A CE  1 
ATOM   492  N N   . GLU A 1 74  ? 11.934  0.581   -9.907  1.00 37.45  ? 73  GLU A N   1 
ATOM   493  C CA  . GLU A 1 74  ? 12.425  -0.780  -10.075 1.00 36.25  ? 73  GLU A CA  1 
ATOM   494  C C   . GLU A 1 74  ? 11.986  -1.420  -11.407 1.00 39.80  ? 73  GLU A C   1 
ATOM   495  O O   . GLU A 1 74  ? 12.608  -2.406  -11.863 1.00 47.56  ? 73  GLU A O   1 
ATOM   496  C CB  . GLU A 1 74  ? 11.938  -1.648  -8.895  1.00 38.55  ? 73  GLU A CB  1 
ATOM   497  C CG  . GLU A 1 74  ? 12.609  -1.320  -7.589  1.00 48.59  ? 73  GLU A CG  1 
ATOM   498  C CD  . GLU A 1 74  ? 13.956  -1.998  -7.459  1.00 48.18  ? 73  GLU A CD  1 
ATOM   499  O OE1 . GLU A 1 74  ? 14.594  -1.655  -6.465  1.00 57.03  ? 73  GLU A OE1 1 
ATOM   500  O OE2 . GLU A 1 74  ? 14.342  -2.882  -8.296  1.00 51.43  ? 73  GLU A OE2 1 
ATOM   501  N N   . LEU A 1 75  ? 10.941  -0.842  -12.018 1.00 38.08  ? 74  LEU A N   1 
ATOM   502  C CA  . LEU A 1 75  ? 10.301  -1.350  -13.229 1.00 44.05  ? 74  LEU A CA  1 
ATOM   503  C C   . LEU A 1 75  ? 11.186  -1.235  -14.458 1.00 47.12  ? 74  LEU A C   1 
ATOM   504  O O   . LEU A 1 75  ? 11.812  -0.211  -14.680 1.00 47.91  ? 74  LEU A O   1 
ATOM   505  C CB  . LEU A 1 75  ? 8.998   -0.584  -13.539 1.00 54.79  ? 74  LEU A CB  1 
ATOM   506  C CG  . LEU A 1 75  ? 7.733   -1.389  -13.871 1.00 65.27  ? 74  LEU A CG  1 
ATOM   507  C CD1 . LEU A 1 75  ? 6.901   -1.639  -12.613 1.00 67.75  ? 74  LEU A CD1 1 
ATOM   508  C CD2 . LEU A 1 75  ? 6.911   -0.666  -14.943 1.00 67.77  ? 74  LEU A CD2 1 
ATOM   509  N N   . ASP A 1 76  ? 11.213  -2.304  -15.243 1.00 49.03  ? 75  ASP A N   1 
ATOM   510  C CA  . ASP A 1 76  ? 11.825  -2.294  -16.584 1.00 51.67  ? 75  ASP A CA  1 
ATOM   511  C C   . ASP A 1 76  ? 10.675  -2.415  -17.613 1.00 58.38  ? 75  ASP A C   1 
ATOM   512  O O   . ASP A 1 76  ? 10.004  -3.452  -17.715 1.00 53.92  ? 75  ASP A O   1 
ATOM   513  C CB  . ASP A 1 76  ? 12.855  -3.433  -16.667 1.00 48.74  ? 75  ASP A CB  1 
ATOM   514  C CG  . ASP A 1 76  ? 13.363  -3.708  -18.080 1.00 51.71  ? 75  ASP A CG  1 
ATOM   515  O OD1 . ASP A 1 76  ? 13.060  -2.930  -19.009 1.00 43.17  ? 75  ASP A OD1 1 
ATOM   516  O OD2 . ASP A 1 76  ? 14.059  -4.745  -18.220 1.00 49.16  ? 75  ASP A OD2 1 
ATOM   517  N N   . ARG A 1 77  ? 10.448  -1.342  -18.366 1.00 65.35  ? 76  ARG A N   1 
ATOM   518  C CA  . ARG A 1 77  ? 9.265   -1.258  -19.229 1.00 65.67  ? 76  ARG A CA  1 
ATOM   519  C C   . ARG A 1 77  ? 9.433   -2.017  -20.551 1.00 63.68  ? 76  ARG A C   1 
ATOM   520  O O   . ARG A 1 77  ? 8.473   -2.134  -21.310 1.00 65.26  ? 76  ARG A O   1 
ATOM   521  C CB  . ARG A 1 77  ? 8.877   0.208   -19.464 1.00 69.40  ? 76  ARG A CB  1 
ATOM   522  C CG  . ARG A 1 77  ? 8.597   0.996   -18.183 1.00 73.35  ? 76  ARG A CG  1 
ATOM   523  C CD  . ARG A 1 77  ? 8.766   2.520   -18.322 1.00 76.06  ? 76  ARG A CD  1 
ATOM   524  N NE  . ARG A 1 77  ? 10.013  2.948   -18.993 1.00 75.91  ? 76  ARG A NE  1 
ATOM   525  C CZ  . ARG A 1 77  ? 10.689  4.074   -18.737 1.00 73.00  ? 76  ARG A CZ  1 
ATOM   526  N NH1 . ARG A 1 77  ? 10.280  4.925   -17.802 1.00 70.02  ? 76  ARG A NH1 1 
ATOM   527  N NH2 . ARG A 1 77  ? 11.793  4.353   -19.428 1.00 69.54  ? 76  ARG A NH2 1 
ATOM   528  N N   . SER A 1 78  ? 10.627  -2.555  -20.833 1.00 65.11  ? 77  SER A N   1 
ATOM   529  C CA  . SER A 1 78  ? 10.758  -3.509  -21.944 1.00 67.11  ? 77  SER A CA  1 
ATOM   530  C C   . SER A 1 78  ? 9.778   -4.667  -21.714 1.00 67.18  ? 77  SER A C   1 
ATOM   531  O O   . SER A 1 78  ? 9.030   -5.042  -22.619 1.00 65.89  ? 77  SER A O   1 
ATOM   532  C CB  . SER A 1 78  ? 12.215  -3.993  -22.162 1.00 65.77  ? 77  SER A CB  1 
ATOM   533  O OG  . SER A 1 78  ? 12.607  -5.086  -21.345 1.00 66.22  ? 77  SER A OG  1 
ATOM   534  N N   . ILE A 1 79  ? 9.738   -5.168  -20.475 1.00 64.50  ? 78  ILE A N   1 
ATOM   535  C CA  . ILE A 1 79  ? 8.855   -6.277  -20.089 1.00 58.50  ? 78  ILE A CA  1 
ATOM   536  C C   . ILE A 1 79  ? 7.390   -6.013  -20.436 1.00 57.24  ? 78  ILE A C   1 
ATOM   537  O O   . ILE A 1 79  ? 6.769   -5.050  -19.971 1.00 54.76  ? 78  ILE A O   1 
ATOM   538  C CB  . ILE A 1 79  ? 8.989   -6.610  -18.581 1.00 58.57  ? 78  ILE A CB  1 
ATOM   539  C CG1 . ILE A 1 79  ? 10.443  -7.005  -18.280 1.00 57.35  ? 78  ILE A CG1 1 
ATOM   540  C CG2 . ILE A 1 79  ? 8.040   -7.741  -18.180 1.00 55.75  ? 78  ILE A CG2 1 
ATOM   541  C CD1 . ILE A 1 79  ? 10.668  -7.592  -16.907 1.00 61.58  ? 78  ILE A CD1 1 
ATOM   542  N N   . THR A 1 80  ? 6.853   -6.891  -21.267 1.00 57.54  ? 79  THR A N   1 
ATOM   543  C CA  . THR A 1 80  ? 5.461   -6.826  -21.686 1.00 60.81  ? 79  THR A CA  1 
ATOM   544  C C   . THR A 1 80  ? 4.646   -7.982  -21.101 1.00 58.44  ? 79  THR A C   1 
ATOM   545  O O   . THR A 1 80  ? 3.457   -7.802  -20.806 1.00 61.97  ? 79  THR A O   1 
ATOM   546  C CB  . THR A 1 80  ? 5.377   -6.903  -23.214 1.00 62.53  ? 79  THR A CB  1 
ATOM   547  O OG1 . THR A 1 80  ? 6.132   -8.041  -23.663 1.00 67.73  ? 79  THR A OG1 1 
ATOM   548  C CG2 . THR A 1 80  ? 5.957   -5.629  -23.834 1.00 67.30  ? 79  THR A CG2 1 
ATOM   549  N N   . ASP A 1 81  ? 5.274   -9.158  -20.955 1.00 52.83  ? 80  ASP A N   1 
ATOM   550  C CA  . ASP A 1 81  ? 4.618   -10.339 -20.344 1.00 45.98  ? 80  ASP A CA  1 
ATOM   551  C C   . ASP A 1 81  ? 4.008   -9.993  -18.976 1.00 47.07  ? 80  ASP A C   1 
ATOM   552  O O   . ASP A 1 81  ? 4.743   -9.586  -18.091 1.00 41.38  ? 80  ASP A O   1 
ATOM   553  C CB  . ASP A 1 81  ? 5.626   -11.460 -20.183 1.00 46.11  ? 80  ASP A CB  1 
ATOM   554  C CG  . ASP A 1 81  ? 5.023   -12.683 -19.563 1.00 53.71  ? 80  ASP A CG  1 
ATOM   555  O OD1 . ASP A 1 81  ? 4.277   -13.390 -20.269 1.00 58.65  ? 80  ASP A OD1 1 
ATOM   556  O OD2 . ASP A 1 81  ? 5.267   -12.947 -18.367 1.00 50.96  ? 80  ASP A OD2 1 
ATOM   557  N N   . ALA A 1 82  ? 2.684   -10.146 -18.825 1.00 47.86  ? 81  ALA A N   1 
ATOM   558  C CA  . ALA A 1 82  ? 1.964   -9.672  -17.612 1.00 46.51  ? 81  ALA A CA  1 
ATOM   559  C C   . ALA A 1 82  ? 2.440   -10.344 -16.314 1.00 39.49  ? 81  ALA A C   1 
ATOM   560  O O   . ALA A 1 82  ? 2.585   -9.658  -15.299 1.00 37.23  ? 81  ALA A O   1 
ATOM   561  C CB  . ALA A 1 82  ? 0.447   -9.790  -17.772 1.00 49.85  ? 81  ALA A CB  1 
ATOM   562  N N   . LYS A 1 83  ? 2.759   -11.631 -16.373 1.00 38.52  ? 82  LYS A N   1 
ATOM   563  C CA  . LYS A 1 83  ? 3.146   -12.378 -15.195 1.00 40.77  ? 82  LYS A CA  1 
ATOM   564  C C   . LYS A 1 83  ? 4.496   -11.893 -14.767 1.00 40.31  ? 82  LYS A C   1 
ATOM   565  O O   . LYS A 1 83  ? 4.765   -11.743 -13.610 1.00 30.89  ? 82  LYS A O   1 
ATOM   566  C CB  . LYS A 1 83  ? 3.188   -13.890 -15.440 1.00 42.98  ? 82  LYS A CB  1 
ATOM   567  C CG  . LYS A 1 83  ? 3.359   -14.713 -14.165 1.00 39.76  ? 82  LYS A CG  1 
ATOM   568  C CD  . LYS A 1 83  ? 3.324   -16.222 -14.329 1.00 41.74  ? 82  LYS A CD  1 
ATOM   569  C CE  . LYS A 1 83  ? 3.506   -16.893 -12.977 1.00 42.97  ? 82  LYS A CE  1 
ATOM   570  N NZ  . LYS A 1 83  ? 3.560   -18.378 -12.950 1.00 43.02  ? 82  LYS A NZ  1 
ATOM   571  N N   . MET A 1 84  ? 5.368   -11.614 -15.718 1.00 34.93  ? 83  MET A N   1 
ATOM   572  C CA  . MET A 1 84  ? 6.702   -11.196 -15.315 1.00 29.22  ? 83  MET A CA  1 
ATOM   573  C C   . MET A 1 84  ? 6.630   -9.796  -14.742 1.00 26.57  ? 83  MET A C   1 
ATOM   574  O O   . MET A 1 84  ? 7.389   -9.446  -13.820 1.00 28.56  ? 83  MET A O   1 
ATOM   575  C CB  . MET A 1 84  ? 7.687   -11.301 -16.512 1.00 33.58  ? 83  MET A CB  1 
ATOM   576  C CG  . MET A 1 84  ? 9.128   -11.473 -16.068 1.00 36.05  ? 83  MET A CG  1 
ATOM   577  S SD  . MET A 1 84  ? 10.367  -11.456 -17.441 1.00 55.47  ? 83  MET A SD  1 
ATOM   578  C CE  . MET A 1 84  ? 9.726   -12.910 -18.263 1.00 41.62  ? 83  MET A CE  1 
ATOM   579  N N   . MET A 1 85  ? 5.789   -8.962  -15.328 1.00 28.95  ? 84  MET A N   1 
ATOM   580  C CA  . MET A 1 85  ? 5.695   -7.590  -14.925 0.70 26.18  ? 84  MET A CA  1 
ATOM   581  C C   . MET A 1 85  ? 5.076   -7.637  -13.509 1.00 27.88  ? 84  MET A C   1 
ATOM   582  O O   . MET A 1 85  ? 5.438   -6.876  -12.669 1.00 25.54  ? 84  MET A O   1 
ATOM   583  C CB  . MET A 1 85  ? 4.765   -6.834  -15.826 0.70 30.80  ? 84  MET A CB  1 
ATOM   584  C CG  . MET A 1 85  ? 4.535   -5.429  -15.379 0.70 35.00  ? 84  MET A CG  1 
ATOM   585  S SD  . MET A 1 85  ? 6.060   -4.459  -15.313 0.70 41.68  ? 84  MET A SD  1 
ATOM   586  C CE  . MET A 1 85  ? 6.390   -4.159  -17.053 0.70 42.00  ? 84  MET A CE  1 
ATOM   587  N N   . THR A 1 86  ? 4.146   -8.558  -13.324 1.00 27.40  ? 85  THR A N   1 
ATOM   588  C CA  . THR A 1 86  ? 3.462   -8.659  -12.016 1.00 27.72  ? 85  THR A CA  1 
ATOM   589  C C   . THR A 1 86  ? 4.419   -9.183  -10.981 1.00 23.37  ? 85  THR A C   1 
ATOM   590  O O   . THR A 1 86  ? 4.328   -8.740  -9.810  1.00 24.09  ? 85  THR A O   1 
ATOM   591  C CB  . THR A 1 86  ? 2.195   -9.499  -12.104 1.00 28.34  ? 85  THR A CB  1 
ATOM   592  O OG1 . THR A 1 86  ? 1.327   -8.976  -13.133 1.00 29.18  ? 85  THR A OG1 1 
ATOM   593  C CG2 . THR A 1 86  ? 1.435   -9.450  -10.767 1.00 30.93  ? 85  THR A CG2 1 
ATOM   594  N N   . ARG A 1 87  ? 5.342   -10.052 -11.335 1.00 23.65  ? 86  ARG A N   1 
ATOM   595  C CA  . ARG A 1 87  ? 6.322   -10.513 -10.389 1.00 24.12  ? 86  ARG A CA  1 
ATOM   596  C C   . ARG A 1 87  ? 7.186   -9.373  -9.944  1.00 25.97  ? 86  ARG A C   1 
ATOM   597  O O   . ARG A 1 87  ? 7.544   -9.247  -8.805  1.00 20.16  ? 86  ARG A O   1 
ATOM   598  C CB  . ARG A 1 87  ? 7.163   -11.659 -10.908 1.00 25.67  ? 86  ARG A CB  1 
ATOM   599  C CG  . ARG A 1 87  ? 8.282   -12.094 -10.055 1.00 28.91  ? 86  ARG A CG  1 
ATOM   600  C CD  . ARG A 1 87  ? 7.936   -12.608 -8.692  1.00 32.55  ? 86  ARG A CD  1 
ATOM   601  N NE  . ARG A 1 87  ? 9.184   -12.760 -7.933  1.00 38.95  ? 86  ARG A NE  1 
ATOM   602  C CZ  . ARG A 1 87  ? 9.982   -13.829 -7.952  1.00 44.29  ? 86  ARG A CZ  1 
ATOM   603  N NH1 . ARG A 1 87  ? 9.666   -14.936 -8.654  1.00 45.46  ? 86  ARG A NH1 1 
ATOM   604  N NH2 . ARG A 1 87  ? 11.108  -13.799 -7.247  1.00 48.00  ? 86  ARG A NH2 1 
ATOM   605  N N   . PHE A 1 88  ? 7.671   -8.577  -10.883 1.00 26.13  ? 87  PHE A N   1 
ATOM   606  C CA  . PHE A 1 88  ? 8.436   -7.415  -10.475 1.00 30.94  ? 87  PHE A CA  1 
ATOM   607  C C   . PHE A 1 88  ? 7.771   -6.405  -9.533  1.00 24.20  ? 87  PHE A C   1 
ATOM   608  O O   . PHE A 1 88  ? 8.440   -5.899  -8.587  1.00 24.45  ? 87  PHE A O   1 
ATOM   609  C CB  . PHE A 1 88  ? 9.061   -6.763  -11.737 1.00 33.75  ? 87  PHE A CB  1 
ATOM   610  C CG  . PHE A 1 88  ? 10.170  -7.613  -12.281 1.00 46.07  ? 87  PHE A CG  1 
ATOM   611  C CD1 . PHE A 1 88  ? 11.315  -7.836  -11.488 1.00 57.42  ? 87  PHE A CD1 1 
ATOM   612  C CD2 . PHE A 1 88  ? 10.049  -8.280  -13.497 1.00 56.65  ? 87  PHE A CD2 1 
ATOM   613  C CE1 . PHE A 1 88  ? 12.350  -8.655  -11.933 1.00 59.95  ? 87  PHE A CE1 1 
ATOM   614  C CE2 . PHE A 1 88  ? 11.084  -9.108  -13.947 1.00 67.02  ? 87  PHE A CE2 1 
ATOM   615  C CZ  . PHE A 1 88  ? 12.230  -9.287  -13.165 1.00 66.62  ? 87  PHE A CZ  1 
ATOM   616  N N   . ILE A 1 89  ? 6.498   -6.156  -9.765  1.00 23.01  ? 88  ILE A N   1 
ATOM   617  C CA  . ILE A 1 89  ? 5.663   -5.290  -9.005  1.00 27.35  ? 88  ILE A CA  1 
ATOM   618  C C   . ILE A 1 89  ? 5.516   -5.922  -7.593  1.00 25.55  ? 88  ILE A C   1 
ATOM   619  O O   . ILE A 1 89  ? 5.716   -5.233  -6.640  1.00 24.27  ? 88  ILE A O   1 
ATOM   620  C CB  . ILE A 1 89  ? 4.299   -5.117  -9.683  1.00 31.99  ? 88  ILE A CB  1 
ATOM   621  C CG1 . ILE A 1 89  ? 4.507   -4.120  -10.825 1.00 36.83  ? 88  ILE A CG1 1 
ATOM   622  C CG2 . ILE A 1 89  ? 3.241   -4.513  -8.752  1.00 31.79  ? 88  ILE A CG2 1 
ATOM   623  C CD1 . ILE A 1 89  ? 3.337   -4.025  -11.734 1.00 42.71  ? 88  ILE A CD1 1 
ATOM   624  N N   . TRP A 1 90  ? 5.222   -7.205  -7.532  1.00 23.41  ? 89  TRP A N   1 
ATOM   625  C CA  . TRP A 1 90  ? 5.243   -7.922  -6.189  1.00 20.27  ? 89  TRP A CA  1 
ATOM   626  C C   . TRP A 1 90  ? 6.536   -7.804  -5.434  1.00 17.80  ? 89  TRP A C   1 
ATOM   627  O O   . TRP A 1 90  ? 6.608   -7.449  -4.245  1.00 17.83  ? 89  TRP A O   1 
ATOM   628  C CB  . TRP A 1 90  ? 4.864   -9.381  -6.405  1.00 20.42  ? 89  TRP A CB  1 
ATOM   629  C CG  . TRP A 1 90  ? 5.072   -10.273 -5.281  1.00 18.70  ? 89  TRP A CG  1 
ATOM   630  C CD1 . TRP A 1 90  ? 6.131   -11.078 -5.024  1.00 18.00  ? 89  TRP A CD1 1 
ATOM   631  C CD2 . TRP A 1 90  ? 4.075   -10.585 -4.228  1.00 17.39  ? 89  TRP A CD2 1 
ATOM   632  N NE1 . TRP A 1 90  ? 5.909   -11.811 -3.900  1.00 19.14  ? 89  TRP A NE1 1 
ATOM   633  C CE2 . TRP A 1 90  ? 4.651   -11.541 -3.417  1.00 16.03  ? 89  TRP A CE2 1 
ATOM   634  C CE3 . TRP A 1 90  ? 2.760   -10.133 -3.988  1.00 18.49  ? 89  TRP A CE3 1 
ATOM   635  C CZ2 . TRP A 1 90  ? 3.976   -12.086 -2.281  1.00 16.02  ? 89  TRP A CZ2 1 
ATOM   636  C CZ3 . TRP A 1 90  ? 2.116   -10.623 -2.871  1.00 16.93  ? 89  TRP A CZ3 1 
ATOM   637  C CH2 . TRP A 1 90  ? 2.692   -11.624 -2.117  1.00 17.11  ? 89  TRP A CH2 1 
ATOM   638  N N   . ASN A 1 91  ? 7.672   -8.031  -6.106  1.00 18.33  ? 90  ASN A N   1 
ATOM   639  C CA  . ASN A 1 91  ? 8.924   -8.017  -5.452  1.00 20.19  ? 90  ASN A CA  1 
ATOM   640  C C   . ASN A 1 91  ? 9.169   -6.592  -4.903  1.00 19.23  ? 90  ASN A C   1 
ATOM   641  O O   . ASN A 1 91  ? 9.741   -6.453  -3.845  1.00 19.85  ? 90  ASN A O   1 
ATOM   642  C CB  . ASN A 1 91  ? 10.095  -8.384  -6.386  1.00 21.34  ? 90  ASN A CB  1 
ATOM   643  C CG  . ASN A 1 91  ? 10.101  -9.822  -6.811  1.00 21.37  ? 90  ASN A CG  1 
ATOM   644  O OD1 . ASN A 1 91  ? 9.278   -10.668 -6.387  1.00 22.47  ? 90  ASN A OD1 1 
ATOM   645  N ND2 . ASN A 1 91  ? 10.993  -10.108 -7.779  1.00 25.96  ? 90  ASN A ND2 1 
ATOM   646  N N   A SER A 1 92  ? 8.787   -5.571  -5.665  0.50 23.13  ? 91  SER A N   1 
ATOM   647  N N   B SER A 1 92  ? 8.776   -5.602  -5.686  0.50 22.32  ? 91  SER A N   1 
ATOM   648  C CA  A SER A 1 92  ? 8.934   -4.153  -5.196  0.50 22.07  ? 91  SER A CA  1 
ATOM   649  C CA  B SER A 1 92  ? 8.895   -4.179  -5.285  0.50 21.01  ? 91  SER A CA  1 
ATOM   650  C C   A SER A 1 92  ? 8.025   -3.804  -4.067  0.50 22.00  ? 91  SER A C   1 
ATOM   651  C C   B SER A 1 92  ? 8.077   -3.875  -4.068  0.50 21.45  ? 91  SER A C   1 
ATOM   652  O O   A SER A 1 92  ? 8.404   -3.032  -3.243  0.50 21.25  ? 91  SER A O   1 
ATOM   653  O O   B SER A 1 92  ? 8.614   -3.278  -3.158  0.50 20.43  ? 91  SER A O   1 
ATOM   654  C CB  A SER A 1 92  ? 8.805   -3.114  -6.293  0.50 24.66  ? 91  SER A CB  1 
ATOM   655  C CB  B SER A 1 92  ? 8.579   -3.273  -6.443  0.50 22.98  ? 91  SER A CB  1 
ATOM   656  O OG  A SER A 1 92  ? 7.846   -3.442  -7.274  0.50 27.23  ? 91  SER A OG  1 
ATOM   657  O OG  B SER A 1 92  ? 9.604   -3.395  -7.430  0.50 23.74  ? 91  SER A OG  1 
ATOM   658  N N   . TYR A 1 93  ? 6.836   -4.401  -4.015  1.00 20.82  ? 92  TYR A N   1 
ATOM   659  C CA  . TYR A 1 93  ? 5.943   -4.263  -2.869  1.00 20.18  ? 92  TYR A CA  1 
ATOM   660  C C   . TYR A 1 93  ? 6.538   -4.915  -1.628  1.00 19.20  ? 92  TYR A C   1 
ATOM   661  O O   . TYR A 1 93  ? 6.564   -4.273  -0.549  1.00 17.21  ? 92  TYR A O   1 
ATOM   662  C CB  . TYR A 1 93  ? 4.500   -4.802  -3.151  1.00 18.26  ? 92  TYR A CB  1 
ATOM   663  C CG  . TYR A 1 93  ? 3.621   -4.394  -2.005  1.00 20.89  ? 92  TYR A CG  1 
ATOM   664  C CD1 . TYR A 1 93  ? 3.171   -3.116  -1.918  1.00 21.45  ? 92  TYR A CD1 1 
ATOM   665  C CD2 . TYR A 1 93  ? 3.315   -5.237  -0.972  1.00 22.12  ? 92  TYR A CD2 1 
ATOM   666  C CE1 . TYR A 1 93  ? 2.459   -2.685  -0.824  1.00 21.08  ? 92  TYR A CE1 1 
ATOM   667  C CE2 . TYR A 1 93  ? 2.552   -4.827  0.130   1.00 22.04  ? 92  TYR A CE2 1 
ATOM   668  C CZ  . TYR A 1 93  ? 2.162   -3.508  0.207   1.00 22.13  ? 92  TYR A CZ  1 
ATOM   669  O OH  . TYR A 1 93  ? 1.505   -3.019  1.294   1.00 20.83  ? 92  TYR A OH  1 
ATOM   670  N N   . ILE A 1 94  ? 7.023   -6.186  -1.731  1.00 15.22  ? 93  ILE A N   1 
ATOM   671  C CA  . ILE A 1 94  ? 7.663   -6.844  -0.609  1.00 18.56  ? 93  ILE A CA  1 
ATOM   672  C C   . ILE A 1 94  ? 8.868   -6.049  -0.138  1.00 18.89  ? 93  ILE A C   1 
ATOM   673  O O   . ILE A 1 94  ? 8.974   -5.818  1.066   1.00 18.22  ? 93  ILE A O   1 
ATOM   674  C CB  . ILE A 1 94  ? 8.077   -8.299  -0.870  1.00 19.55  ? 93  ILE A CB  1 
ATOM   675  C CG1 . ILE A 1 94  ? 6.898   -9.060  -1.457  1.00 19.36  ? 93  ILE A CG1 1 
ATOM   676  C CG2 . ILE A 1 94  ? 8.646   -8.910  0.387   1.00 21.84  ? 93  ILE A CG2 1 
ATOM   677  C CD1 . ILE A 1 94  ? 5.663   -9.117  -0.516  1.00 18.15  ? 93  ILE A CD1 1 
ATOM   678  N N   . SER A 1 95  ? 9.740   -5.609  -1.076  1.00 21.18  ? 94  SER A N   1 
ATOM   679  C CA  . SER A 1 95  ? 10.852  -4.754  -0.656  1.00 21.71  ? 94  SER A CA  1 
ATOM   680  C C   . SER A 1 95  ? 10.450  -3.477  0.113   1.00 17.69  ? 94  SER A C   1 
ATOM   681  O O   . SER A 1 95  ? 11.108  -3.138  1.152   1.00 18.95  ? 94  SER A O   1 
ATOM   682  C CB  . SER A 1 95  ? 11.684  -4.456  -1.866  1.00 25.39  ? 94  SER A CB  1 
ATOM   683  O OG  . SER A 1 95  ? 12.242  -5.698  -2.266  1.00 31.03  ? 94  SER A OG  1 
ATOM   684  N N   . TRP A 1 96  ? 9.472   -2.778  -0.438  1.00 20.45  ? 95  TRP A N   1 
ATOM   685  C CA  . TRP A 1 96  ? 8.922   -1.559  0.204   1.00 19.69  ? 95  TRP A CA  1 
ATOM   686  C C   . TRP A 1 96  ? 8.446   -1.798  1.592   1.00 21.22  ? 95  TRP A C   1 
ATOM   687  O O   . TRP A 1 96  ? 8.709   -1.056  2.545   1.00 18.74  ? 95  TRP A O   1 
ATOM   688  C CB  . TRP A 1 96  ? 7.897   -0.932  -0.691  1.00 19.46  ? 95  TRP A CB  1 
ATOM   689  C CG  . TRP A 1 96  ? 7.240   0.323   -0.164  1.00 18.73  ? 95  TRP A CG  1 
ATOM   690  C CD1 . TRP A 1 96  ? 7.706   1.604   -0.326  1.00 23.28  ? 95  TRP A CD1 1 
ATOM   691  C CD2 . TRP A 1 96  ? 5.961   0.456   0.503   1.00 23.28  ? 95  TRP A CD2 1 
ATOM   692  N NE1 . TRP A 1 96  ? 6.830   2.541   0.229   1.00 20.76  ? 95  TRP A NE1 1 
ATOM   693  C CE2 . TRP A 1 96  ? 5.737   1.844   0.740   1.00 23.24  ? 95  TRP A CE2 1 
ATOM   694  C CE3 . TRP A 1 96  ? 4.978   -0.456  0.926   1.00 23.72  ? 95  TRP A CE3 1 
ATOM   695  C CZ2 . TRP A 1 96  ? 4.573   2.306   1.351   1.00 22.49  ? 95  TRP A CZ2 1 
ATOM   696  C CZ3 . TRP A 1 96  ? 3.856   0.014   1.542   1.00 22.71  ? 95  TRP A CZ3 1 
ATOM   697  C CH2 . TRP A 1 96  ? 3.643   1.368   1.740   1.00 26.25  ? 95  TRP A CH2 1 
ATOM   698  N N   . GLY A 1 97  ? 7.679   -2.872  1.802   1.00 18.69  ? 96  GLY A N   1 
ATOM   699  C CA  . GLY A 1 97  ? 7.220   -3.156  3.106   1.00 18.59  ? 96  GLY A CA  1 
ATOM   700  C C   . GLY A 1 97  ? 8.233   -3.663  4.105   1.00 17.50  ? 96  GLY A C   1 
ATOM   701  O O   . GLY A 1 97  ? 8.085   -3.434  5.269   1.00 22.39  ? 96  GLY A O   1 
ATOM   702  N N   . LEU A 1 98  ? 9.302   -4.313  3.641   1.00 17.69  ? 97  LEU A N   1 
ATOM   703  C CA  . LEU A 1 98  ? 10.372  -4.684  4.497   1.00 19.90  ? 97  LEU A CA  1 
ATOM   704  C C   . LEU A 1 98  ? 11.229  -3.483  4.867   1.00 20.35  ? 97  LEU A C   1 
ATOM   705  O O   . LEU A 1 98  ? 11.697  -3.380  6.017   1.00 22.33  ? 97  LEU A O   1 
ATOM   706  C CB  . LEU A 1 98  ? 11.213  -5.698  3.813   1.00 21.28  ? 97  LEU A CB  1 
ATOM   707  C CG  . LEU A 1 98  ? 10.617  -7.117  3.825   1.00 21.24  ? 97  LEU A CG  1 
ATOM   708  C CD1 . LEU A 1 98  ? 11.401  -7.961  2.901   1.00 21.16  ? 97  LEU A CD1 1 
ATOM   709  C CD2 . LEU A 1 98  ? 10.540  -7.800  5.113   1.00 26.41  ? 97  LEU A CD2 1 
ATOM   710  N N   . ASN A 1 99  ? 11.332  -2.568  3.929   1.00 21.97  ? 98  ASN A N   1 
ATOM   711  C CA  . ASN A 1 99  ? 12.084  -1.313  4.177   1.00 23.08  ? 98  ASN A CA  1 
ATOM   712  C C   . ASN A 1 99  ? 11.323  -0.364  5.080   1.00 28.03  ? 98  ASN A C   1 
ATOM   713  O O   . ASN A 1 99  ? 11.912  0.445   5.825   1.00 25.09  ? 98  ASN A O   1 
ATOM   714  C CB  . ASN A 1 99  ? 12.411  -0.658  2.895   1.00 24.55  ? 98  ASN A CB  1 
ATOM   715  C CG  . ASN A 1 99  ? 13.481  -1.343  2.131   1.00 32.42  ? 98  ASN A CG  1 
ATOM   716  O OD1 . ASN A 1 99  ? 14.391  -1.928  2.706   1.00 40.47  ? 98  ASN A OD1 1 
ATOM   717  N ND2 . ASN A 1 99  ? 13.411  -1.237  0.809   1.00 40.82  ? 98  ASN A ND2 1 
ATOM   718  N N   . HIS A 1 100 ? 9.994   -0.417  4.990   1.00 22.16  ? 99  HIS A N   1 
ATOM   719  C CA  . HIS A 1 100 ? 9.103   0.511   5.672   1.00 24.87  ? 99  HIS A CA  1 
ATOM   720  C C   . HIS A 1 100 ? 7.894   -0.233  6.305   1.00 20.80  ? 99  HIS A C   1 
ATOM   721  O O   . HIS A 1 100 ? 6.764   -0.106  5.769   1.00 22.28  ? 99  HIS A O   1 
ATOM   722  C CB  . HIS A 1 100 ? 8.560   1.505   4.675   1.00 24.25  ? 99  HIS A CB  1 
ATOM   723  C CG  . HIS A 1 100 ? 9.617   2.287   3.946   1.00 28.02  ? 99  HIS A CG  1 
ATOM   724  N ND1 . HIS A 1 100 ? 10.441  3.199   4.566   1.00 31.86  ? 99  HIS A ND1 1 
ATOM   725  C CD2 . HIS A 1 100 ? 9.982   2.266   2.650   1.00 29.42  ? 99  HIS A CD2 1 
ATOM   726  C CE1 . HIS A 1 100 ? 11.294  3.689   3.681   1.00 29.13  ? 99  HIS A CE1 1 
ATOM   727  N NE2 . HIS A 1 100 ? 11.012  3.177   2.504   1.00 38.65  ? 99  HIS A NE2 1 
ATOM   728  N N   . PRO A 1 101 ? 8.106   -1.003  7.374   1.00 23.32  ? 100 PRO A N   1 
ATOM   729  C CA  . PRO A 1 101 ? 7.017   -1.867  7.830   1.00 25.34  ? 100 PRO A CA  1 
ATOM   730  C C   . PRO A 1 101 ? 5.805   -1.100  8.318   1.00 26.08  ? 100 PRO A C   1 
ATOM   731  O O   . PRO A 1 101 ? 4.717   -1.544  8.096   1.00 25.14  ? 100 PRO A O   1 
ATOM   732  C CB  . PRO A 1 101 ? 7.634   -2.686  8.960   1.00 28.74  ? 100 PRO A CB  1 
ATOM   733  C CG  . PRO A 1 101 ? 9.049   -2.288  9.063   1.00 31.48  ? 100 PRO A CG  1 
ATOM   734  C CD  . PRO A 1 101 ? 9.413   -1.413  7.926   1.00 25.19  ? 100 PRO A CD  1 
ATOM   735  N N   . ALA A 1 102 ? 6.015   0.049   8.947   1.00 24.73  ? 101 ALA A N   1 
ATOM   736  C CA  . ALA A 1 102 ? 4.858   0.845   9.345   1.00 26.70  ? 101 ALA A CA  1 
ATOM   737  C C   . ALA A 1 102 ? 4.049   1.408   8.132   1.00 23.17  ? 101 ALA A C   1 
ATOM   738  O O   . ALA A 1 102 ? 2.787   1.555   8.222   1.00 24.25  ? 101 ALA A O   1 
ATOM   739  C CB  . ALA A 1 102 ? 5.307   1.936   10.320  1.00 29.36  ? 101 ALA A CB  1 
ATOM   740  N N   . ARG A 1 103 ? 4.717   1.744   7.039   1.00 22.23  ? 102 ARG A N   1 
ATOM   741  C CA  . ARG A 1 103 ? 4.032   2.243   5.850   1.00 21.24  ? 102 ARG A CA  1 
ATOM   742  C C   . ARG A 1 103 ? 3.122   1.124   5.352   1.00 21.99  ? 102 ARG A C   1 
ATOM   743  O O   . ARG A 1 103 ? 1.950   1.310   4.964   1.00 19.69  ? 102 ARG A O   1 
ATOM   744  C CB  . ARG A 1 103 ? 4.962   2.758   4.752   1.00 21.91  ? 102 ARG A CB  1 
ATOM   745  C CG  . ARG A 1 103 ? 5.777   3.942   5.255   1.00 23.61  ? 102 ARG A CG  1 
ATOM   746  C CD  . ARG A 1 103 ? 6.615   4.535   4.173   1.00 25.81  ? 102 ARG A CD  1 
ATOM   747  N NE  . ARG A 1 103 ? 7.626   5.402   4.765   1.00 29.48  ? 102 ARG A NE  1 
ATOM   748  C CZ  . ARG A 1 103 ? 8.623   5.971   4.076   1.00 28.20  ? 102 ARG A CZ  1 
ATOM   749  N NH1 . ARG A 1 103 ? 8.736   5.845   2.786   1.00 32.02  ? 102 ARG A NH1 1 
ATOM   750  N NH2 . ARG A 1 103 ? 9.531   6.686   4.729   1.00 34.90  ? 102 ARG A NH2 1 
ATOM   751  N N   . HIS A 1 104 ? 3.696   -0.088  5.280   1.00 19.98  ? 103 HIS A N   1 
ATOM   752  C CA  . HIS A 1 104 ? 2.841   -1.241  4.893   1.00 19.72  ? 103 HIS A CA  1 
ATOM   753  C C   . HIS A 1 104 ? 1.702   -1.521  5.841   1.00 18.81  ? 103 HIS A C   1 
ATOM   754  O O   . HIS A 1 104 ? 0.562   -1.763  5.394   1.00 20.13  ? 103 HIS A O   1 
ATOM   755  C CB  . HIS A 1 104 ? 3.668   -2.547  4.806   1.00 21.18  ? 103 HIS A CB  1 
ATOM   756  C CG  . HIS A 1 104 ? 2.816   -3.767  4.742   1.00 20.81  ? 103 HIS A CG  1 
ATOM   757  N ND1 . HIS A 1 104 ? 2.614   -4.601  5.823   1.00 30.43  ? 103 HIS A ND1 1 
ATOM   758  C CD2 . HIS A 1 104 ? 2.048   -4.253  3.737   1.00 19.42  ? 103 HIS A CD2 1 
ATOM   759  C CE1 . HIS A 1 104 ? 1.709   -5.509  5.489   1.00 22.75  ? 103 HIS A CE1 1 
ATOM   760  N NE2 . HIS A 1 104 ? 1.393   -5.345  4.216   1.00 26.25  ? 103 HIS A NE2 1 
ATOM   761  N N   . ARG A 1 105 ? 1.982   -1.495  7.125   1.00 20.80  ? 104 ARG A N   1 
ATOM   762  C CA  . ARG A 1 105 ? 0.975   -1.762  8.094   1.00 20.23  ? 104 ARG A CA  1 
ATOM   763  C C   . ARG A 1 105 ? -0.157  -0.732  8.043   1.00 21.13  ? 104 ARG A C   1 
ATOM   764  O O   . ARG A 1 105 ? -1.357  -1.105  8.054   1.00 23.88  ? 104 ARG A O   1 
ATOM   765  C CB  . ARG A 1 105 ? 1.578   -1.899  9.452   1.00 23.10  ? 104 ARG A CB  1 
ATOM   766  C CG  . ARG A 1 105 ? 2.378   -3.199  9.583   1.00 28.28  ? 104 ARG A CG  1 
ATOM   767  C CD  . ARG A 1 105 ? 2.745   -3.497  11.048  1.00 36.17  ? 104 ARG A CD  1 
ATOM   768  N NE  . ARG A 1 105 ? 3.903   -4.378  11.143  1.00 43.74  ? 104 ARG A NE  1 
ATOM   769  C CZ  . ARG A 1 105 ? 5.089   -4.001  11.612  1.00 56.48  ? 104 ARG A CZ  1 
ATOM   770  N NH1 . ARG A 1 105 ? 6.082   -4.881  11.663  1.00 60.82  ? 104 ARG A NH1 1 
ATOM   771  N NH2 . ARG A 1 105 ? 5.291   -2.737  12.023  1.00 65.95  ? 104 ARG A NH2 1 
ATOM   772  N N   . ALA A 1 106 ? 0.263   0.488   7.929   1.00 20.29  ? 105 ALA A N   1 
ATOM   773  C CA  . ALA A 1 106 ? -0.738  1.607   7.773   1.00 19.81  ? 105 ALA A CA  1 
ATOM   774  C C   . ALA A 1 106 ? -1.516  1.470   6.483   1.00 21.40  ? 105 ALA A C   1 
ATOM   775  O O   . ALA A 1 106 ? -2.762  1.475   6.460   1.00 22.02  ? 105 ALA A O   1 
ATOM   776  C CB  . ALA A 1 106 ? -0.053  2.922   7.860   1.00 21.14  ? 105 ALA A CB  1 
ATOM   777  N N   . ILE A 1 107 ? -0.852  1.269   5.321   1.00 17.86  ? 106 ILE A N   1 
ATOM   778  C CA  . ILE A 1 107 ? -1.594  1.236   4.127   1.00 19.73  ? 106 ILE A CA  1 
ATOM   779  C C   . ILE A 1 107 ? -2.534  0.042   4.038   1.00 20.62  ? 106 ILE A C   1 
ATOM   780  O O   . ILE A 1 107 ? -3.617  0.105   3.454   1.00 22.28  ? 106 ILE A O   1 
ATOM   781  C CB  . ILE A 1 107 ? -0.693  1.319   2.866   1.00 20.95  ? 106 ILE A CB  1 
ATOM   782  C CG1 . ILE A 1 107 ? -1.482  1.998   1.726   1.00 22.91  ? 106 ILE A CG1 1 
ATOM   783  C CG2 . ILE A 1 107 ? -0.205  -0.055  2.504   1.00 22.66  ? 106 ILE A CG2 1 
ATOM   784  C CD1 . ILE A 1 107 ? -0.728  2.122   0.384   1.00 24.42  ? 106 ILE A CD1 1 
ATOM   785  N N   . ARG A 1 108 ? -2.151  -1.054  4.686   1.00 24.89  ? 107 ARG A N   1 
ATOM   786  C CA  . ARG A 1 108 ? -3.031  -2.163  4.719   1.00 25.46  ? 107 ARG A CA  1 
ATOM   787  C C   . ARG A 1 108 ? -4.357  -1.920  5.427   1.00 22.92  ? 107 ARG A C   1 
ATOM   788  O O   . ARG A 1 108 ? -5.397  -2.355  4.946   1.00 29.34  ? 107 ARG A O   1 
ATOM   789  C CB  . ARG A 1 108 ? -2.298  -3.392  5.277   1.00 25.48  ? 107 ARG A CB  1 
ATOM   790  C CG  . ARG A 1 108 ? -3.187  -4.632  5.372   1.00 33.43  ? 107 ARG A CG  1 
ATOM   791  C CD  . ARG A 1 108 ? -2.476  -5.801  6.105   1.00 30.47  ? 107 ARG A CD  1 
ATOM   792  N NE  . ARG A 1 108 ? -3.345  -6.997  6.048   1.00 35.03  ? 107 ARG A NE  1 
ATOM   793  C CZ  . ARG A 1 108 ? -3.076  -8.175  6.613   1.00 35.56  ? 107 ARG A CZ  1 
ATOM   794  N NH1 . ARG A 1 108 ? -1.955  -8.406  7.229   1.00 36.42  ? 107 ARG A NH1 1 
ATOM   795  N NH2 . ARG A 1 108 ? -3.935  -9.167  6.501   1.00 38.16  ? 107 ARG A NH2 1 
ATOM   796  N N   . GLN A 1 109 ? -4.320  -1.204  6.522   1.00 23.52  ? 108 GLN A N   1 
ATOM   797  C CA  . GLN A 1 109 ? -5.489  -0.814  7.298   1.00 26.60  ? 108 GLN A CA  1 
ATOM   798  C C   . GLN A 1 109 ? -6.282  0.209   6.504   1.00 26.68  ? 108 GLN A C   1 
ATOM   799  O O   . GLN A 1 109 ? -7.501  0.134   6.467   1.00 26.27  ? 108 GLN A O   1 
ATOM   800  C CB  . GLN A 1 109 ? -5.072  -0.201  8.627   1.00 28.32  ? 108 GLN A CB  1 
ATOM   801  C CG  . GLN A 1 109 ? -4.258  -1.119  9.549   1.00 36.26  ? 108 GLN A CG  1 
ATOM   802  C CD  . GLN A 1 109 ? -5.019  -2.369  9.910   1.00 45.79  ? 108 GLN A CD  1 
ATOM   803  O OE1 . GLN A 1 109 ? -6.026  -2.281  10.602  1.00 57.86  ? 108 GLN A OE1 1 
ATOM   804  N NE2 . GLN A 1 109 ? -4.583  -3.539  9.406   1.00 57.42  ? 108 GLN A NE2 1 
ATOM   805  N N   . LEU A 1 110 ? -5.596  1.158   5.852   1.00 21.23  ? 109 LEU A N   1 
ATOM   806  C CA  . LEU A 1 110 ? -6.307  2.199   5.081   1.00 24.59  ? 109 LEU A CA  1 
ATOM   807  C C   . LEU A 1 110 ? -7.023  1.598   3.906   1.00 28.72  ? 109 LEU A C   1 
ATOM   808  O O   . LEU A 1 110 ? -8.206  1.931   3.676   1.00 30.58  ? 109 LEU A O   1 
ATOM   809  C CB  . LEU A 1 110 ? -5.404  3.335   4.628   1.00 22.02  ? 109 LEU A CB  1 
ATOM   810  C CG  . LEU A 1 110 ? -4.704  4.058   5.766   1.00 23.85  ? 109 LEU A CG  1 
ATOM   811  C CD1 . LEU A 1 110 ? -3.558  4.908   5.247   1.00 25.41  ? 109 LEU A CD1 1 
ATOM   812  C CD2 . LEU A 1 110 ? -5.609  4.946   6.568   1.00 28.25  ? 109 LEU A CD2 1 
ATOM   813  N N   . ALA A 1 111 ? -6.381  0.647   3.237   1.00 25.75  ? 110 ALA A N   1 
ATOM   814  C CA  . ALA A 1 111 ? -6.848  0.126   1.985   1.00 28.64  ? 110 ALA A CA  1 
ATOM   815  C C   . ALA A 1 111 ? -8.195  -0.553  2.126   1.00 30.53  ? 110 ALA A C   1 
ATOM   816  O O   . ALA A 1 111 ? -9.014  -0.536  1.161   1.00 35.01  ? 110 ALA A O   1 
ATOM   817  C CB  . ALA A 1 111 ? -5.832  -0.834  1.380   1.00 29.27  ? 110 ALA A CB  1 
ATOM   818  N N   . VAL A 1 112 ? -8.414  -1.149  3.283   1.00 30.13  ? 111 VAL A N   1 
ATOM   819  C CA  . VAL A 1 112 ? -9.635  -1.878  3.542   1.00 38.92  ? 111 VAL A CA  1 
ATOM   820  C C   . VAL A 1 112 ? -10.556 -1.106  4.494   1.00 42.09  ? 111 VAL A C   1 
ATOM   821  O O   . VAL A 1 112 ? -11.469 -1.680  5.078   1.00 44.81  ? 111 VAL A O   1 
ATOM   822  C CB  . VAL A 1 112 ? -9.354  -3.286  4.125   1.00 36.00  ? 111 VAL A CB  1 
ATOM   823  C CG1 . VAL A 1 112 ? -8.589  -4.165  3.130   1.00 38.49  ? 111 VAL A CG1 1 
ATOM   824  C CG2 . VAL A 1 112 ? -8.653  -3.270  5.478   1.00 36.66  ? 111 VAL A CG2 1 
ATOM   825  N N   . SER A 1 113 ? -10.349 0.200   4.670   1.00 39.70  ? 112 SER A N   1 
ATOM   826  C CA  . SER A 1 113 ? -11.075 0.860   5.780   1.00 40.77  ? 112 SER A CA  1 
ATOM   827  C C   . SER A 1 113 ? -12.537 1.258   5.537   1.00 43.47  ? 112 SER A C   1 
ATOM   828  O O   . SER A 1 113 ? -13.240 1.591   6.500   1.00 47.08  ? 112 SER A O   1 
ATOM   829  C CB  . SER A 1 113 ? -10.354 2.128   6.203   1.00 44.76  ? 112 SER A CB  1 
ATOM   830  O OG  . SER A 1 113 ? -10.505 3.029   5.154   1.00 38.25  ? 112 SER A OG  1 
ATOM   831  N N   . GLU A 1 114 ? -12.967 1.318   4.283   1.00 39.68  ? 113 GLU A N   1 
ATOM   832  C CA  . GLU A 1 114 ? -14.336 1.764   3.928   1.00 45.21  ? 113 GLU A CA  1 
ATOM   833  C C   . GLU A 1 114 ? -14.550 3.270   4.109   1.00 42.74  ? 113 GLU A C   1 
ATOM   834  O O   . GLU A 1 114 ? -15.645 3.720   3.959   1.00 45.24  ? 113 GLU A O   1 
ATOM   835  C CB  . GLU A 1 114 ? -15.450 1.010   4.701   1.00 54.43  ? 113 GLU A CB  1 
ATOM   836  C CG  . GLU A 1 114 ? -15.436 -0.507  4.489   1.00 60.81  ? 113 GLU A CG  1 
ATOM   837  C CD  . GLU A 1 114 ? -16.694 -1.220  4.988   1.00 62.32  ? 113 GLU A CD  1 
ATOM   838  O OE1 . GLU A 1 114 ? -17.485 -0.629  5.761   1.00 66.64  ? 113 GLU A OE1 1 
ATOM   839  O OE2 . GLU A 1 114 ? -16.880 -2.394  4.600   1.00 70.14  ? 113 GLU A OE2 1 
ATOM   840  N N   . LYS A 1 115 ? -13.500 4.022   4.421   1.00 41.38  ? 114 LYS A N   1 
ATOM   841  C CA  . LYS A 1 115 ? -13.555 5.505   4.469   1.00 41.07  ? 114 LYS A CA  1 
ATOM   842  C C   . LYS A 1 115 ? -12.889 6.151   3.283   1.00 37.29  ? 114 LYS A C   1 
ATOM   843  O O   . LYS A 1 115 ? -12.891 7.419   3.145   1.00 31.75  ? 114 LYS A O   1 
ATOM   844  C CB  . LYS A 1 115 ? -12.846 5.993   5.725   1.00 45.84  ? 114 LYS A CB  1 
ATOM   845  C CG  . LYS A 1 115 ? -13.354 5.361   7.005   1.00 52.30  ? 114 LYS A CG  1 
ATOM   846  C CD  . LYS A 1 115 ? -14.776 5.819   7.252   1.00 54.28  ? 114 LYS A CD  1 
ATOM   847  C CE  . LYS A 1 115 ? -15.033 6.101   8.730   1.00 60.48  ? 114 LYS A CE  1 
ATOM   848  N NZ  . LYS A 1 115 ? -15.944 7.283   8.839   1.00 60.32  ? 114 LYS A NZ  1 
ATOM   849  N N   . LEU A 1 116 ? -12.293 5.342   2.424   1.00 33.77  ? 115 LEU A N   1 
ATOM   850  C CA  . LEU A 1 116 ? -11.684 5.872   1.185   1.00 37.56  ? 115 LEU A CA  1 
ATOM   851  C C   . LEU A 1 116 ? -12.764 6.319   0.194   1.00 42.13  ? 115 LEU A C   1 
ATOM   852  O O   . LEU A 1 116 ? -13.757 5.633   -0.029  1.00 45.83  ? 115 LEU A O   1 
ATOM   853  C CB  . LEU A 1 116 ? -10.754 4.842   0.514   1.00 38.17  ? 115 LEU A CB  1 
ATOM   854  C CG  . LEU A 1 116 ? -9.482  4.425   1.226   1.00 40.98  ? 115 LEU A CG  1 
ATOM   855  C CD1 . LEU A 1 116 ? -8.583  3.679   0.233   1.00 41.31  ? 115 LEU A CD1 1 
ATOM   856  C CD2 . LEU A 1 116 ? -8.738  5.626   1.833   1.00 39.63  ? 115 LEU A CD2 1 
ATOM   857  N N   . THR A 1 117 ? -12.593 7.499   -0.357  1.00 45.54  ? 116 THR A N   1 
ATOM   858  C CA  . THR A 1 117 ? -13.627 8.115   -1.181  1.00 47.28  ? 116 THR A CA  1 
ATOM   859  C C   . THR A 1 117 ? -13.348 7.722   -2.610  1.00 54.09  ? 116 THR A C   1 
ATOM   860  O O   . THR A 1 117 ? -12.204 7.417   -2.963  1.00 51.68  ? 116 THR A O   1 
ATOM   861  C CB  . THR A 1 117 ? -13.611 9.649   -1.061  1.00 46.69  ? 116 THR A CB  1 
ATOM   862  O OG1 . THR A 1 117 ? -12.352 10.124  -1.502  1.00 41.74  ? 116 THR A OG1 1 
ATOM   863  C CG2 . THR A 1 117 ? -13.799 10.096  0.360   1.00 43.90  ? 116 THR A CG2 1 
ATOM   864  N N   . LYS A 1 118 ? -14.395 7.736   -3.439  1.00 60.51  ? 117 LYS A N   1 
ATOM   865  C CA  . LYS A 1 118 ? -14.245 7.434   -4.861  1.00 62.63  ? 117 LYS A CA  1 
ATOM   866  C C   . LYS A 1 118 ? -13.293 8.455   -5.462  1.00 55.42  ? 117 LYS A C   1 
ATOM   867  O O   . LYS A 1 118 ? -12.467 8.150   -6.320  1.00 58.52  ? 117 LYS A O   1 
ATOM   868  C CB  . LYS A 1 118 ? -15.606 7.474   -5.573  1.00 70.50  ? 117 LYS A CB  1 
ATOM   869  C CG  . LYS A 1 118 ? -15.588 6.874   -6.974  1.00 77.60  ? 117 LYS A CG  1 
ATOM   870  C CD  . LYS A 1 118 ? -14.954 5.476   -7.028  1.00 82.99  ? 117 LYS A CD  1 
ATOM   871  C CE  . LYS A 1 118 ? -15.516 4.509   -5.980  1.00 84.43  ? 117 LYS A CE  1 
ATOM   872  N NZ  . LYS A 1 118 ? -14.970 3.131   -6.121  1.00 82.51  ? 117 LYS A NZ  1 
ATOM   873  N N   . GLU A 1 119 ? -13.377 9.665   -4.937  1.00 54.70  ? 118 GLU A N   1 
ATOM   874  C CA  . GLU A 1 119 ? -12.501 10.750  -5.328  1.00 54.56  ? 118 GLU A CA  1 
ATOM   875  C C   . GLU A 1 119 ? -11.052 10.360  -5.122  1.00 51.93  ? 118 GLU A C   1 
ATOM   876  O O   . GLU A 1 119 ? -10.196 10.647  -5.949  1.00 48.18  ? 118 GLU A O   1 
ATOM   877  C CB  . GLU A 1 119 ? -12.841 12.020  -4.532  1.00 63.92  ? 118 GLU A CB  1 
ATOM   878  C CG  . GLU A 1 119 ? -14.302 12.484  -4.693  1.00 69.45  ? 118 GLU A CG  1 
ATOM   879  C CD  . GLU A 1 119 ? -15.287 11.794  -3.738  1.00 73.32  ? 118 GLU A CD  1 
ATOM   880  O OE1 . GLU A 1 119 ? -15.355 12.205  -2.554  1.00 68.50  ? 118 GLU A OE1 1 
ATOM   881  O OE2 . GLU A 1 119 ? -15.998 10.851  -4.172  1.00 71.18  ? 118 GLU A OE2 1 
ATOM   882  N N   . THR A 1 120 ? -10.779 9.692   -4.005  1.00 45.64  ? 119 THR A N   1 
ATOM   883  C CA  . THR A 1 120 ? -9.403  9.329   -3.656  1.00 44.98  ? 119 THR A CA  1 
ATOM   884  C C   . THR A 1 120 ? -8.816  8.215   -4.562  1.00 44.50  ? 119 THR A C   1 
ATOM   885  O O   . THR A 1 120 ? -7.669  8.316   -5.047  1.00 46.82  ? 119 THR A O   1 
ATOM   886  C CB  . THR A 1 120 ? -9.327  8.943   -2.177  1.00 43.70  ? 119 THR A CB  1 
ATOM   887  O OG1 . THR A 1 120 ? -9.369  10.142  -1.377  1.00 38.22  ? 119 THR A OG1 1 
ATOM   888  C CG2 . THR A 1 120 ? -8.023  8.176   -1.877  1.00 43.09  ? 119 THR A CG2 1 
ATOM   889  N N   . GLU A 1 121 ? -9.632  7.208   -4.810  1.00 50.08  ? 120 GLU A N   1 
ATOM   890  C CA  . GLU A 1 121 ? -9.274  6.123   -5.706  1.00 60.87  ? 120 GLU A CA  1 
ATOM   891  C C   . GLU A 1 121 ? -8.981  6.698   -7.076  1.00 62.21  ? 120 GLU A C   1 
ATOM   892  O O   . GLU A 1 121 ? -7.910  6.449   -7.629  1.00 61.79  ? 120 GLU A O   1 
ATOM   893  C CB  . GLU A 1 121 ? -10.366 5.048   -5.742  1.00 65.80  ? 120 GLU A CB  1 
ATOM   894  C CG  . GLU A 1 121 ? -9.914  3.714   -5.127  1.00 75.05  ? 120 GLU A CG  1 
ATOM   895  C CD  . GLU A 1 121 ? -10.850 3.165   -4.062  1.00 79.70  ? 120 GLU A CD  1 
ATOM   896  O OE1 . GLU A 1 121 ? -12.091 3.340   -4.178  1.00 80.36  ? 120 GLU A OE1 1 
ATOM   897  O OE2 . GLU A 1 121 ? -10.326 2.549   -3.103  1.00 84.53  ? 120 GLU A OE2 1 
ATOM   898  N N   . GLN A 1 122 ? -9.896  7.529   -7.571  1.00 66.56  ? 121 GLN A N   1 
ATOM   899  C CA  . GLN A 1 122 ? -9.639  8.329   -8.768  1.00 70.33  ? 121 GLN A CA  1 
ATOM   900  C C   . GLN A 1 122 ? -8.291  9.027   -8.664  1.00 61.14  ? 121 GLN A C   1 
ATOM   901  O O   . GLN A 1 122 ? -7.485  8.925   -9.579  1.00 64.66  ? 121 GLN A O   1 
ATOM   902  C CB  . GLN A 1 122 ? -10.769 9.352   -9.013  1.00 75.45  ? 121 GLN A CB  1 
ATOM   903  C CG  . GLN A 1 122 ? -10.519 10.429  -10.077 1.00 83.38  ? 121 GLN A CG  1 
ATOM   904  C CD  . GLN A 1 122 ? -10.595 9.921   -11.526 1.00 97.73  ? 121 GLN A CD  1 
ATOM   905  O OE1 . GLN A 1 122 ? -11.366 10.439  -12.348 1.00 101.33 ? 121 GLN A OE1 1 
ATOM   906  N NE2 . GLN A 1 122 ? -9.779  8.919   -11.848 1.00 99.68  ? 121 GLN A NE2 1 
ATOM   907  N N   . ARG A 1 123 ? -8.045  9.729   -7.563  1.00 62.99  ? 122 ARG A N   1 
ATOM   908  C CA  . ARG A 1 123 ? -6.846  10.563  -7.444  1.00 64.76  ? 122 ARG A CA  1 
ATOM   909  C C   . ARG A 1 123 ? -5.586  9.730   -7.529  1.00 73.78  ? 122 ARG A C   1 
ATOM   910  O O   . ARG A 1 123 ? -4.610  10.176  -8.119  1.00 75.79  ? 122 ARG A O   1 
ATOM   911  C CB  . ARG A 1 123 ? -6.835  11.401  -6.155  1.00 73.71  ? 122 ARG A CB  1 
ATOM   912  C CG  . ARG A 1 123 ? -7.344  12.834  -6.296  1.00 75.63  ? 122 ARG A CG  1 
ATOM   913  C CD  . ARG A 1 123 ? -7.436  13.548  -4.937  1.00 86.13  ? 122 ARG A CD  1 
ATOM   914  N NE  . ARG A 1 123 ? -8.700  13.269  -4.223  1.00 98.58  ? 122 ARG A NE  1 
ATOM   915  C CZ  . ARG A 1 123 ? -8.889  13.300  -2.891  1.00 101.97 ? 122 ARG A CZ  1 
ATOM   916  N NH1 . ARG A 1 123 ? -7.907  13.599  -2.035  1.00 96.39  ? 122 ARG A NH1 1 
ATOM   917  N NH2 . ARG A 1 123 ? -10.093 13.018  -2.398  1.00 104.39 ? 122 ARG A NH2 1 
ATOM   918  N N   . ALA A 1 124 ? -5.609  8.529   -6.954  1.00 75.36  ? 123 ALA A N   1 
ATOM   919  C CA  . ALA A 1 124 ? -4.454  7.618   -7.009  1.00 84.77  ? 123 ALA A CA  1 
ATOM   920  C C   . ALA A 1 124 ? -3.910  7.397   -8.439  1.00 87.20  ? 123 ALA A C   1 
ATOM   921  O O   . ALA A 1 124 ? -2.703  7.566   -8.693  1.00 83.28  ? 123 ALA A O   1 
ATOM   922  C CB  . ALA A 1 124 ? -4.821  6.279   -6.385  1.00 82.86  ? 123 ALA A CB  1 
ATOM   923  N N   . ASP A 1 125 ? -4.817  7.041   -9.358  1.00 88.22  ? 124 ASP A N   1 
ATOM   924  C CA  . ASP A 1 125 ? -4.469  6.639   -10.744 1.00 81.73  ? 124 ASP A CA  1 
ATOM   925  C C   . ASP A 1 125 ? -3.962  7.834   -11.558 1.00 82.16  ? 124 ASP A C   1 
ATOM   926  O O   . ASP A 1 125 ? -2.872  7.793   -12.132 1.00 75.45  ? 124 ASP A O   1 
ATOM   927  C CB  . ASP A 1 125 ? -5.678  6.003   -11.447 1.00 74.96  ? 124 ASP A CB  1 
ATOM   928  C CG  . ASP A 1 125 ? -6.454  5.052   -10.543 1.00 75.82  ? 124 ASP A CG  1 
ATOM   929  O OD1 . ASP A 1 125 ? -6.006  4.788   -9.397  1.00 77.72  ? 124 ASP A OD1 1 
ATOM   930  O OD2 . ASP A 1 125 ? -7.521  4.575   -10.974 1.00 73.04  ? 124 ASP A OD2 1 
ATOM   931  N N   . ASP A 1 126 ? -4.759  8.900   -11.575 1.00 84.15  ? 125 ASP A N   1 
ATOM   932  C CA  . ASP A 1 126 ? -4.357  10.193  -12.141 1.00 89.84  ? 125 ASP A CA  1 
ATOM   933  C C   . ASP A 1 126 ? -2.929  10.645  -11.745 1.00 89.08  ? 125 ASP A C   1 
ATOM   934  O O   . ASP A 1 126 ? -2.240  11.320  -12.528 1.00 89.62  ? 125 ASP A O   1 
ATOM   935  C CB  . ASP A 1 126 ? -5.367  11.275  -11.721 1.00 88.23  ? 125 ASP A CB  1 
ATOM   936  C CG  . ASP A 1 126 ? -6.766  11.026  -12.272 1.00 86.91  ? 125 ASP A CG  1 
ATOM   937  O OD1 . ASP A 1 126 ? -7.030  9.882   -12.719 1.00 80.40  ? 125 ASP A OD1 1 
ATOM   938  O OD2 . ASP A 1 126 ? -7.594  11.972  -12.246 1.00 86.69  ? 125 ASP A OD2 1 
ATOM   939  N N   . MET A 1 127 ? -2.489  10.275  -10.541 1.00 88.86  ? 126 MET A N   1 
ATOM   940  C CA  . MET A 1 127 ? -1.168  10.679  -10.059 1.00 84.66  ? 126 MET A CA  1 
ATOM   941  C C   . MET A 1 127 ? -0.018  9.784   -10.601 1.00 72.66  ? 126 MET A C   1 
ATOM   942  O O   . MET A 1 127 ? 1.120   10.261  -10.657 1.00 75.57  ? 126 MET A O   1 
ATOM   943  C CB  . MET A 1 127 ? -1.147  10.792  -8.513  1.00 92.73  ? 126 MET A CB  1 
ATOM   944  C CG  . MET A 1 127 ? -2.314  11.586  -7.874  1.00 99.40  ? 126 MET A CG  1 
ATOM   945  S SD  . MET A 1 127 ? -2.050  13.202  -7.071  1.00 104.45 ? 126 MET A SD  1 
ATOM   946  C CE  . MET A 1 127 ? -3.554  13.424  -6.112  1.00 93.91  ? 126 MET A CE  1 
ATOM   947  N N   . PHE A 1 128 ? -0.275  8.526   -11.008 1.00 60.22  ? 127 PHE A N   1 
ATOM   948  C CA  . PHE A 1 128 ? 0.777   7.714   -11.689 1.00 57.42  ? 127 PHE A CA  1 
ATOM   949  C C   . PHE A 1 128 ? 0.385   7.021   -13.003 1.00 61.63  ? 127 PHE A C   1 
ATOM   950  O O   . PHE A 1 128 ? 0.335   5.791   -13.067 1.00 59.63  ? 127 PHE A O   1 
ATOM   951  C CB  . PHE A 1 128 ? 1.378   6.630   -10.778 1.00 55.56  ? 127 PHE A CB  1 
ATOM   952  C CG  . PHE A 1 128 ? 2.096   7.159   -9.586  1.00 53.67  ? 127 PHE A CG  1 
ATOM   953  C CD1 . PHE A 1 128 ? 3.458   7.432   -9.631  1.00 48.65  ? 127 PHE A CD1 1 
ATOM   954  C CD2 . PHE A 1 128 ? 1.410   7.356   -8.387  1.00 55.54  ? 127 PHE A CD2 1 
ATOM   955  C CE1 . PHE A 1 128 ? 4.131   7.900   -8.505  1.00 51.23  ? 127 PHE A CE1 1 
ATOM   956  C CE2 . PHE A 1 128 ? 2.074   7.838   -7.259  1.00 57.51  ? 127 PHE A CE2 1 
ATOM   957  C CZ  . PHE A 1 128 ? 3.443   8.114   -7.313  1.00 53.17  ? 127 PHE A CZ  1 
ATOM   958  N N   . PRO A 1 129 ? 0.216   7.791   -14.092 1.00 67.65  ? 128 PRO A N   1 
ATOM   959  C CA  . PRO A 1 129 ? -0.126  7.168   -15.399 1.00 70.09  ? 128 PRO A CA  1 
ATOM   960  C C   . PRO A 1 129 ? 0.797   6.021   -15.827 1.00 70.12  ? 128 PRO A C   1 
ATOM   961  O O   . PRO A 1 129 ? 0.335   5.060   -16.452 1.00 63.19  ? 128 PRO A O   1 
ATOM   962  C CB  . PRO A 1 129 ? 0.028   8.324   -16.385 1.00 70.40  ? 128 PRO A CB  1 
ATOM   963  C CG  . PRO A 1 129 ? 0.984   9.262   -15.714 1.00 69.32  ? 128 PRO A CG  1 
ATOM   964  C CD  . PRO A 1 129 ? 0.650   9.188   -14.252 1.00 65.01  ? 128 PRO A CD  1 
ATOM   965  N N   . GLU A 1 130 ? 2.084   6.132   -15.484 1.00 69.83  ? 129 GLU A N   1 
ATOM   966  C CA  . GLU A 1 130 ? 3.093   5.129   -15.843 1.00 71.52  ? 129 GLU A CA  1 
ATOM   967  C C   . GLU A 1 130 ? 2.644   3.696   -15.547 1.00 74.61  ? 129 GLU A C   1 
ATOM   968  O O   . GLU A 1 130 ? 2.935   2.792   -16.336 1.00 74.45  ? 129 GLU A O   1 
ATOM   969  C CB  . GLU A 1 130 ? 4.436   5.396   -15.135 1.00 72.07  ? 129 GLU A CB  1 
ATOM   970  C CG  . GLU A 1 130 ? 4.980   6.816   -15.257 1.00 76.16  ? 129 GLU A CG  1 
ATOM   971  C CD  . GLU A 1 130 ? 4.791   7.654   -13.999 1.00 77.89  ? 129 GLU A CD  1 
ATOM   972  O OE1 . GLU A 1 130 ? 5.531   8.651   -13.833 1.00 81.40  ? 129 GLU A OE1 1 
ATOM   973  O OE2 . GLU A 1 130 ? 3.907   7.326   -13.172 1.00 81.54  ? 129 GLU A OE2 1 
ATOM   974  N N   . LEU A 1 131 ? 1.941   3.500   -14.419 1.00 75.93  ? 130 LEU A N   1 
ATOM   975  C CA  . LEU A 1 131 ? 1.439   2.171   -13.993 1.00 88.55  ? 130 LEU A CA  1 
ATOM   976  C C   . LEU A 1 131 ? 0.225   1.668   -14.806 1.00 93.23  ? 130 LEU A C   1 
ATOM   977  O O   . LEU A 1 131 ? 0.044   0.455   -14.967 1.00 93.19  ? 130 LEU A O   1 
ATOM   978  C CB  . LEU A 1 131 ? 1.079   2.156   -12.485 1.00 84.17  ? 130 LEU A CB  1 
ATOM   979  C CG  . LEU A 1 131 ? 2.152   2.008   -11.382 1.00 82.19  ? 130 LEU A CG  1 
ATOM   980  C CD1 . LEU A 1 131 ? 3.302   1.086   -11.776 1.00 78.32  ? 130 LEU A CD1 1 
ATOM   981  C CD2 . LEU A 1 131 ? 2.677   3.368   -10.964 1.00 83.48  ? 130 LEU A CD2 1 
ATOM   982  N N   . ARG A 1 132 ? -0.594  2.603   -15.293 1.00 101.89 ? 131 ARG A N   1 
ATOM   983  C CA  . ARG A 1 132 ? -1.787  2.286   -16.079 1.00 104.32 ? 131 ARG A CA  1 
ATOM   984  C C   . ARG A 1 132 ? -1.423  1.419   -17.282 1.00 113.16 ? 131 ARG A C   1 
ATOM   985  O O   . ARG A 1 132 ? -1.849  0.264   -17.370 1.00 108.41 ? 131 ARG A O   1 
ATOM   986  C CB  . ARG A 1 132 ? -2.473  3.573   -16.555 1.00 106.92 ? 131 ARG A CB  1 
ATOM   987  C CG  . ARG A 1 132 ? -3.983  3.470   -16.707 1.00 109.87 ? 131 ARG A CG  1 
ATOM   988  C CD  . ARG A 1 132 ? -4.722  4.156   -15.560 1.00 111.42 ? 131 ARG A CD  1 
ATOM   989  N NE  . ARG A 1 132 ? -4.730  5.622   -15.694 1.00 115.96 ? 131 ARG A NE  1 
ATOM   990  C CZ  . ARG A 1 132 ? -3.954  6.479   -15.020 1.00 115.06 ? 131 ARG A CZ  1 
ATOM   991  N NH1 . ARG A 1 132 ? -3.077  6.049   -14.116 1.00 119.75 ? 131 ARG A NH1 1 
ATOM   992  N NH2 . ARG A 1 132 ? -4.062  7.789   -15.242 1.00 108.64 ? 131 ARG A NH2 1 
ATOM   993  N N   . ASP A 1 133 ? -0.613  1.974   -18.188 1.00 128.63 ? 132 ASP A N   1 
ATOM   994  C CA  . ASP A 1 133 ? -0.215  1.275   -19.419 1.00 136.25 ? 132 ASP A CA  1 
ATOM   995  C C   . ASP A 1 133 ? 1.262   1.497   -19.817 1.00 139.33 ? 132 ASP A C   1 
ATOM   996  O O   . ASP A 1 133 ? 1.571   2.032   -20.888 1.00 136.73 ? 132 ASP A O   1 
ATOM   997  C CB  . ASP A 1 133 ? -1.166  1.632   -20.579 1.00 134.20 ? 132 ASP A CB  1 
ATOM   998  C CG  . ASP A 1 133 ? -0.937  0.775   -21.829 1.00 127.96 ? 132 ASP A CG  1 
ATOM   999  O OD1 . ASP A 1 133 ? -0.439  -0.365  -21.720 1.00 124.20 ? 132 ASP A OD1 1 
ATOM   1000 O OD2 . ASP A 1 133 ? -1.257  1.251   -22.935 1.00 125.18 ? 132 ASP A OD2 1 
ATOM   1001 N N   . LEU A 1 134 ? 2.164   1.120   -18.915 1.00 143.21 ? 133 LEU A N   1 
ATOM   1002 C CA  . LEU A 1 134 ? 3.483   0.607   -19.297 1.00 145.84 ? 133 LEU A CA  1 
ATOM   1003 C C   . LEU A 1 134 ? 3.580   -0.865  -18.848 1.00 147.48 ? 133 LEU A C   1 
ATOM   1004 O O   . LEU A 1 134 ? 4.618   -1.513  -19.012 1.00 142.97 ? 133 LEU A O   1 
ATOM   1005 C CB  . LEU A 1 134 ? 4.614   1.453   -18.702 1.00 145.05 ? 133 LEU A CB  1 
ATOM   1006 C CG  . LEU A 1 134 ? 4.736   2.883   -19.246 1.00 141.44 ? 133 LEU A CG  1 
ATOM   1007 C CD1 . LEU A 1 134 ? 5.579   3.749   -18.317 1.00 136.88 ? 133 LEU A CD1 1 
ATOM   1008 C CD2 . LEU A 1 134 ? 5.299   2.889   -20.666 1.00 140.30 ? 133 LEU A CD2 1 
ATOM   1009 N N   . CYS A 1 135 ? 2.479   -1.366  -18.277 1.00 148.55 ? 134 CYS A N   1 
ATOM   1010 C CA  . CYS A 1 135 ? 2.291   -2.779  -17.945 1.00 145.29 ? 134 CYS A CA  1 
ATOM   1011 C C   . CYS A 1 135 ? 1.186   -3.428  -18.820 1.00 149.84 ? 134 CYS A C   1 
ATOM   1012 O O   . CYS A 1 135 ? 1.199   -4.646  -19.024 1.00 145.15 ? 134 CYS A O   1 
ATOM   1013 C CB  . CYS A 1 135 ? 1.909   -2.913  -16.461 1.00 139.95 ? 134 CYS A CB  1 
ATOM   1014 S SG  . CYS A 1 135 ? 2.371   -1.520  -15.395 1.00 124.07 ? 134 CYS A SG  1 
ATOM   1015 N N   . HIS A 1 136 ? 0.269   -2.593  -19.341 1.00 152.36 ? 135 HIS A N   1 
ATOM   1016 C CA  . HIS A 1 136 ? -1.065  -2.981  -19.890 1.00 143.14 ? 135 HIS A CA  1 
ATOM   1017 C C   . HIS A 1 136 ? -2.050  -3.450  -18.797 1.00 137.03 ? 135 HIS A C   1 
ATOM   1018 O O   . HIS A 1 136 ? -3.128  -3.980  -19.087 1.00 119.54 ? 135 HIS A O   1 
ATOM   1019 C CB  . HIS A 1 136 ? -0.952  -3.992  -21.045 1.00 140.79 ? 135 HIS A CB  1 
ATOM   1020 C CG  . HIS A 1 136 ? -0.385  -3.403  -22.300 1.00 144.14 ? 135 HIS A CG  1 
ATOM   1021 N ND1 . HIS A 1 136 ? 0.958   -3.131  -22.456 1.00 145.43 ? 135 HIS A ND1 1 
ATOM   1022 C CD2 . HIS A 1 136 ? -0.983  -3.017  -23.451 1.00 141.85 ? 135 HIS A CD2 1 
ATOM   1023 C CE1 . HIS A 1 136 ? 1.164   -2.609  -23.651 1.00 143.78 ? 135 HIS A CE1 1 
ATOM   1024 N NE2 . HIS A 1 136 ? 0.003   -2.530  -24.277 1.00 144.81 ? 135 HIS A NE2 1 
ATOM   1025 N N   . ARG A 1 137 ? -1.666  -3.156  -17.550 1.00 132.34 ? 136 ARG A N   1 
ATOM   1026 C CA  . ARG A 1 137 ? -2.291  -3.597  -16.287 1.00 119.82 ? 136 ARG A CA  1 
ATOM   1027 C C   . ARG A 1 137 ? -3.123  -4.888  -16.176 1.00 111.02 ? 136 ARG A C   1 
ATOM   1028 O O   . ARG A 1 137 ? -3.545  -5.496  -17.172 1.00 105.63 ? 136 ARG A O   1 
ATOM   1029 C CB  . ARG A 1 137 ? -3.092  -2.439  -15.673 1.00 118.10 ? 136 ARG A CB  1 
ATOM   1030 C CG  . ARG A 1 137 ? -2.315  -1.637  -14.635 1.00 116.42 ? 136 ARG A CG  1 
ATOM   1031 C CD  . ARG A 1 137 ? -3.257  -1.025  -13.620 1.00 114.03 ? 136 ARG A CD  1 
ATOM   1032 N NE  . ARG A 1 137 ? -4.351  -0.352  -14.311 1.00 116.22 ? 136 ARG A NE  1 
ATOM   1033 C CZ  . ARG A 1 137 ? -5.571  -0.163  -13.816 1.00 117.91 ? 136 ARG A CZ  1 
ATOM   1034 N NH1 . ARG A 1 137 ? -5.891  -0.587  -12.597 1.00 123.11 ? 136 ARG A NH1 1 
ATOM   1035 N NH2 . ARG A 1 137 ? -6.484  0.462   -14.551 1.00 115.81 ? 136 ARG A NH2 1 
ATOM   1036 N N   . SER A 1 138 ? -3.312  -5.295  -14.921 1.00 92.50  ? 137 SER A N   1 
ATOM   1037 C CA  . SER A 1 138 ? -4.255  -6.333  -14.544 1.00 82.62  ? 137 SER A CA  1 
ATOM   1038 C C   . SER A 1 138 ? -3.893  -7.727  -15.064 1.00 74.01  ? 137 SER A C   1 
ATOM   1039 O O   . SER A 1 138 ? -2.723  -8.111  -15.037 1.00 76.11  ? 137 SER A O   1 
ATOM   1040 C CB  . SER A 1 138 ? -5.689  -5.946  -14.958 1.00 86.95  ? 137 SER A CB  1 
ATOM   1041 O OG  . SER A 1 138 ? -5.991  -6.371  -16.280 1.00 82.44  ? 137 SER A OG  1 
ATOM   1042 N N   . VAL A 1 139 ? -4.903  -8.415  -15.613 1.00 60.79  ? 138 VAL A N   1 
ATOM   1043 C CA  . VAL A 1 139 ? -5.221  -9.836  -15.328 1.00 54.42  ? 138 VAL A CA  1 
ATOM   1044 C C   . VAL A 1 139 ? -5.476  -10.073 -13.809 1.00 44.48  ? 138 VAL A C   1 
ATOM   1045 O O   . VAL A 1 139 ? -6.229  -10.953 -13.440 1.00 42.29  ? 138 VAL A O   1 
ATOM   1046 C CB  . VAL A 1 139 ? -4.214  -10.868 -15.881 1.00 54.47  ? 138 VAL A CB  1 
ATOM   1047 C CG1 . VAL A 1 139 ? -2.915  -10.903 -15.102 1.00 55.94  ? 138 VAL A CG1 1 
ATOM   1048 C CG2 . VAL A 1 139 ? -4.832  -12.265 -15.841 1.00 60.10  ? 138 VAL A CG2 1 
ATOM   1049 N N   . LEU A 1 140 ? -4.828  -9.290  -12.958 1.00 42.88  ? 139 LEU A N   1 
ATOM   1050 C CA  . LEU A 1 140 ? -5.041  -9.346  -11.515 1.00 43.77  ? 139 LEU A CA  1 
ATOM   1051 C C   . LEU A 1 140 ? -6.477  -8.877  -11.053 1.00 38.66  ? 139 LEU A C   1 
ATOM   1052 O O   . LEU A 1 140 ? -6.915  -7.768  -11.297 1.00 36.36  ? 139 LEU A O   1 
ATOM   1053 C CB  . LEU A 1 140 ? -3.897  -8.580  -10.836 1.00 45.62  ? 139 LEU A CB  1 
ATOM   1054 C CG  . LEU A 1 140 ? -3.315  -9.171  -9.557  1.00 46.55  ? 139 LEU A CG  1 
ATOM   1055 C CD1 . LEU A 1 140 ? -2.755  -10.575 -9.757  1.00 42.37  ? 139 LEU A CD1 1 
ATOM   1056 C CD2 . LEU A 1 140 ? -2.234  -8.246  -9.022  1.00 48.73  ? 139 LEU A CD2 1 
ATOM   1057 N N   . MET A 1 141 ? -7.218  -9.809  -10.460 1.00 34.55  ? 140 MET A N   1 
ATOM   1058 C CA  . MET A 1 141 ? -8.513  -9.590  -9.845  1.00 38.72  ? 140 MET A CA  1 
ATOM   1059 C C   . MET A 1 141 ? -9.616  -9.170  -10.799 1.00 44.92  ? 140 MET A C   1 
ATOM   1060 O O   . MET A 1 141 ? -10.641 -8.616  -10.376 1.00 43.57  ? 140 MET A O   1 
ATOM   1061 C CB  . MET A 1 141 ? -8.405  -8.614  -8.653  1.00 42.09  ? 140 MET A CB  1 
ATOM   1062 C CG  . MET A 1 141 ? -7.407  -9.078  -7.582  1.00 44.16  ? 140 MET A CG  1 
ATOM   1063 S SD  . MET A 1 141 ? -7.303  -7.853  -6.266  1.00 40.88  ? 140 MET A SD  1 
ATOM   1064 C CE  . MET A 1 141 ? -5.649  -7.213  -6.334  1.00 39.79  ? 140 MET A CE  1 
ATOM   1065 N N   . VAL A 1 142 ? -9.406  -9.472  -12.078 1.00 43.11  ? 141 VAL A N   1 
ATOM   1066 C CA  . VAL A 1 142 ? -10.331 -9.012  -13.117 1.00 48.05  ? 141 VAL A CA  1 
ATOM   1067 C C   . VAL A 1 142 ? -11.611 -9.815  -12.975 1.00 47.22  ? 141 VAL A C   1 
ATOM   1068 O O   . VAL A 1 142 ? -12.711 -9.300  -13.211 1.00 48.28  ? 141 VAL A O   1 
ATOM   1069 C CB  . VAL A 1 142 ? -9.698  -9.097  -14.536 1.00 47.00  ? 141 VAL A CB  1 
ATOM   1070 C CG1 . VAL A 1 142 ? -8.512  -8.161  -14.606 1.00 50.37  ? 141 VAL A CG1 1 
ATOM   1071 C CG2 . VAL A 1 142 ? -9.270  -10.522 -14.900 1.00 52.53  ? 141 VAL A CG2 1 
ATOM   1072 N N   . PHE A 1 143 ? -11.458 -11.058 -12.521 1.00 44.61  ? 142 PHE A N   1 
ATOM   1073 C CA  . PHE A 1 143 ? -12.568 -11.997 -12.417 1.00 45.33  ? 142 PHE A CA  1 
ATOM   1074 C C   . PHE A 1 143 ? -13.607 -11.592 -11.344 1.00 42.75  ? 142 PHE A C   1 
ATOM   1075 O O   . PHE A 1 143 ? -14.743 -12.010 -11.385 1.00 42.63  ? 142 PHE A O   1 
ATOM   1076 C CB  . PHE A 1 143 ? -12.023 -13.429 -12.161 1.00 47.31  ? 142 PHE A CB  1 
ATOM   1077 C CG  . PHE A 1 143 ? -11.462 -13.646 -10.761 1.00 42.32  ? 142 PHE A CG  1 
ATOM   1078 C CD1 . PHE A 1 143 ? -10.122 -13.332 -10.464 1.00 42.79  ? 142 PHE A CD1 1 
ATOM   1079 C CD2 . PHE A 1 143 ? -12.274 -14.156 -9.747  1.00 44.18  ? 142 PHE A CD2 1 
ATOM   1080 C CE1 . PHE A 1 143 ? -9.617  -13.522 -9.174  1.00 43.84  ? 142 PHE A CE1 1 
ATOM   1081 C CE2 . PHE A 1 143 ? -11.772 -14.338 -8.440  1.00 46.64  ? 142 PHE A CE2 1 
ATOM   1082 C CZ  . PHE A 1 143 ? -10.433 -14.024 -8.158  1.00 43.93  ? 142 PHE A CZ  1 
ATOM   1083 N N   . MET A 1 144 ? -13.230 -10.751 -10.399 1.00 40.94  ? 143 MET A N   1 
ATOM   1084 C CA  . MET A 1 144 ? -14.107 -10.395 -9.286  1.00 36.90  ? 143 MET A CA  1 
ATOM   1085 C C   . MET A 1 144 ? -15.084 -9.285  -9.669  1.00 39.66  ? 143 MET A C   1 
ATOM   1086 O O   . MET A 1 144 ? -14.658 -8.323  -10.310 1.00 34.76  ? 143 MET A O   1 
ATOM   1087 C CB  . MET A 1 144 ? -13.242 -9.837  -8.136  1.00 38.51  ? 143 MET A CB  1 
ATOM   1088 C CG  . MET A 1 144 ? -12.007 -10.686 -7.889  1.00 43.86  ? 143 MET A CG  1 
ATOM   1089 S SD  . MET A 1 144 ? -11.266 -10.352 -6.279  1.00 44.91  ? 143 MET A SD  1 
ATOM   1090 C CE  . MET A 1 144 ? -12.238 -11.439 -5.239  1.00 42.64  ? 143 MET A CE  1 
ATOM   1091 N N   . SER A 1 145 ? -16.356 -9.376  -9.227  1.00 32.96  ? 144 SER A N   1 
ATOM   1092 C CA  . SER A 1 145 ? -17.277 -8.270  -9.283  1.00 31.86  ? 144 SER A CA  1 
ATOM   1093 C C   . SER A 1 145 ? -16.726 -7.133  -8.506  1.00 31.50  ? 144 SER A C   1 
ATOM   1094 O O   . SER A 1 145 ? -15.980 -7.341  -7.528  1.00 28.60  ? 144 SER A O   1 
ATOM   1095 C CB  . SER A 1 145 ? -18.668 -8.614  -8.668  1.00 34.45  ? 144 SER A CB  1 
ATOM   1096 O OG  . SER A 1 145 ? -19.268 -9.633  -9.446  1.00 40.77  ? 144 SER A OG  1 
ATOM   1097 N N   . ASP A 1 146 ? -17.111 -5.924  -8.883  1.00 31.84  ? 145 ASP A N   1 
ATOM   1098 C CA  . ASP A 1 146 ? -16.666 -4.705  -8.187  1.00 34.48  ? 145 ASP A CA  1 
ATOM   1099 C C   . ASP A 1 146 ? -16.739 -4.686  -6.670  1.00 34.13  ? 145 ASP A C   1 
ATOM   1100 O O   . ASP A 1 146 ? -15.826 -4.186  -6.013  1.00 32.25  ? 145 ASP A O   1 
ATOM   1101 C CB  . ASP A 1 146 ? -17.517 -3.521  -8.616  1.00 43.38  ? 145 ASP A CB  1 
ATOM   1102 C CG  . ASP A 1 146 ? -17.195 -3.052  -10.019 1.00 48.09  ? 145 ASP A CG  1 
ATOM   1103 O OD1 . ASP A 1 146 ? -16.146 -3.462  -10.595 1.00 48.49  ? 145 ASP A OD1 1 
ATOM   1104 O OD2 . ASP A 1 146 ? -18.019 -2.270  -10.522 1.00 54.05  ? 145 ASP A OD2 1 
ATOM   1105 N N   . GLU A 1 147 ? -17.830 -5.216  -6.138  1.00 27.31  ? 146 GLU A N   1 
ATOM   1106 C CA  . GLU A 1 147 ? -18.068 -5.265  -4.711  1.00 27.80  ? 146 GLU A CA  1 
ATOM   1107 C C   . GLU A 1 147 ? -16.968 -6.045  -3.964  1.00 24.19  ? 146 GLU A C   1 
ATOM   1108 O O   . GLU A 1 147 ? -16.851 -5.939  -2.738  1.00 27.65  ? 146 GLU A O   1 
ATOM   1109 C CB  . GLU A 1 147 ? -19.405 -5.918  -4.363  1.00 33.62  ? 146 GLU A CB  1 
ATOM   1110 C CG  . GLU A 1 147 ? -20.633 -5.055  -4.719  1.00 34.97  ? 146 GLU A CG  1 
ATOM   1111 C CD  . GLU A 1 147 ? -21.115 -5.220  -6.162  1.00 36.01  ? 146 GLU A CD  1 
ATOM   1112 O OE1 . GLU A 1 147 ? -20.417 -5.863  -7.000  1.00 29.01  ? 146 GLU A OE1 1 
ATOM   1113 O OE2 . GLU A 1 147 ? -22.235 -4.693  -6.438  1.00 33.33  ? 146 GLU A OE2 1 
ATOM   1114 N N   . TYR A 1 148 ? -16.283 -6.908  -4.634  1.00 24.88  ? 147 TYR A N   1 
ATOM   1115 C CA  . TYR A 1 148 ? -15.273 -7.733  -3.938  1.00 25.99  ? 147 TYR A CA  1 
ATOM   1116 C C   . TYR A 1 148 ? -13.836 -7.269  -4.198  1.00 27.03  ? 147 TYR A C   1 
ATOM   1117 O O   . TYR A 1 148 ? -12.883 -7.974  -3.832  1.00 27.14  ? 147 TYR A O   1 
ATOM   1118 C CB  . TYR A 1 148 ? -15.399 -9.128  -4.438  1.00 25.67  ? 147 TYR A CB  1 
ATOM   1119 C CG  . TYR A 1 148 ? -16.805 -9.734  -4.103  1.00 28.89  ? 147 TYR A CG  1 
ATOM   1120 C CD1 . TYR A 1 148 ? -17.241 -9.840  -2.797  1.00 34.35  ? 147 TYR A CD1 1 
ATOM   1121 C CD2 . TYR A 1 148 ? -17.615 -10.219 -5.077  1.00 29.37  ? 147 TYR A CD2 1 
ATOM   1122 C CE1 . TYR A 1 148 ? -18.493 -10.374 -2.501  1.00 29.01  ? 147 TYR A CE1 1 
ATOM   1123 C CE2 . TYR A 1 148 ? -18.868 -10.745 -4.775  1.00 27.98  ? 147 TYR A CE2 1 
ATOM   1124 C CZ  . TYR A 1 148 ? -19.284 -10.760 -3.475  1.00 28.21  ? 147 TYR A CZ  1 
ATOM   1125 O OH  . TYR A 1 148 ? -20.493 -11.278 -3.119  1.00 32.26  ? 147 TYR A OH  1 
ATOM   1126 N N   A ARG A 1 149 ? -13.658 -6.134  -4.893  0.50 27.30  ? 148 ARG A N   1 
ATOM   1127 N N   B ARG A 1 149 ? -13.647 -6.142  -4.862  0.50 28.26  ? 148 ARG A N   1 
ATOM   1128 C CA  A ARG A 1 149 ? -12.286 -5.651  -5.158  0.50 27.54  ? 148 ARG A CA  1 
ATOM   1129 C CA  B ARG A 1 149 ? -12.277 -5.740  -5.165  0.50 28.52  ? 148 ARG A CA  1 
ATOM   1130 C C   A ARG A 1 149 ? -11.577 -5.404  -3.837  0.50 24.90  ? 148 ARG A C   1 
ATOM   1131 C C   B ARG A 1 149 ? -11.549 -5.299  -3.852  0.50 25.50  ? 148 ARG A C   1 
ATOM   1132 O O   A ARG A 1 149 ? -10.390 -5.715  -3.728  0.50 24.17  ? 148 ARG A O   1 
ATOM   1133 O O   B ARG A 1 149 ? -10.323 -5.411  -3.728  0.50 25.14  ? 148 ARG A O   1 
ATOM   1134 C CB  A ARG A 1 149 ? -12.228 -4.344  -5.969  0.50 28.34  ? 148 ARG A CB  1 
ATOM   1135 C CB  B ARG A 1 149 ? -12.320 -4.685  -6.274  0.50 30.46  ? 148 ARG A CB  1 
ATOM   1136 C CG  A ARG A 1 149 ? -10.807 -3.742  -5.995  0.50 30.24  ? 148 ARG A CG  1 
ATOM   1137 C CG  B ARG A 1 149 ? -12.954 -5.236  -7.572  0.50 34.08  ? 148 ARG A CG  1 
ATOM   1138 C CD  A ARG A 1 149 ? -9.861  -4.480  -6.944  0.50 32.72  ? 148 ARG A CD  1 
ATOM   1139 C CD  B ARG A 1 149 ? -13.056 -4.156  -8.640  0.50 41.50  ? 148 ARG A CD  1 
ATOM   1140 N NE  A ARG A 1 149 ? -8.419  -4.120  -6.865  0.50 31.96  ? 148 ARG A NE  1 
ATOM   1141 N NE  B ARG A 1 149 ? -13.311 -4.709  -9.960  0.50 45.61  ? 148 ARG A NE  1 
ATOM   1142 C CZ  A ARG A 1 149 ? -7.616  -4.149  -7.935  0.50 38.97  ? 148 ARG A CZ  1 
ATOM   1143 C CZ  B ARG A 1 149 ? -12.402 -5.383  -10.651 0.50 47.07  ? 148 ARG A CZ  1 
ATOM   1144 N NH1 A ARG A 1 149 ? -6.329  -3.820  -7.843  0.50 38.24  ? 148 ARG A NH1 1 
ATOM   1145 N NH1 B ARG A 1 149 ? -12.703 -5.866  -11.842 0.50 53.30  ? 148 ARG A NH1 1 
ATOM   1146 N NH2 A ARG A 1 149 ? -8.120  -4.492  -9.127  0.50 41.73  ? 148 ARG A NH2 1 
ATOM   1147 N NH2 B ARG A 1 149 ? -11.193 -5.573  -10.149 0.50 45.10  ? 148 ARG A NH2 1 
ATOM   1148 N N   . ALA A 1 150 ? -12.293 -4.875  -2.842  1.00 23.42  ? 149 ALA A N   1 
ATOM   1149 C CA  . ALA A 1 150 ? -11.665 -4.577  -1.554  1.00 23.73  ? 149 ALA A CA  1 
ATOM   1150 C C   . ALA A 1 150 ? -11.182 -5.857  -0.914  1.00 23.87  ? 149 ALA A C   1 
ATOM   1151 O O   . ALA A 1 150 ? -10.092 -5.916  -0.315  1.00 19.26  ? 149 ALA A O   1 
ATOM   1152 C CB  . ALA A 1 150 ? -12.551 -3.838  -0.614  1.00 27.26  ? 149 ALA A CB  1 
ATOM   1153 N N   . PHE A 1 151 ? -12.009 -6.879  -1.029  1.00 21.69  ? 150 PHE A N   1 
ATOM   1154 C CA  . PHE A 1 151 ? -11.634 -8.168  -0.516  1.00 21.62  ? 150 PHE A CA  1 
ATOM   1155 C C   . PHE A 1 151 ? -10.419 -8.745  -1.242  1.00 21.42  ? 150 PHE A C   1 
ATOM   1156 O O   . PHE A 1 151 ? -9.511  -9.277  -0.644  1.00 18.26  ? 150 PHE A O   1 
ATOM   1157 C CB  . PHE A 1 151 ? -12.833 -9.161  -0.638  1.00 20.39  ? 150 PHE A CB  1 
ATOM   1158 C CG  . PHE A 1 151 ? -12.546 -10.526 -0.094  1.00 21.20  ? 150 PHE A CG  1 
ATOM   1159 C CD1 . PHE A 1 151 ? -12.171 -10.658 1.287   1.00 22.58  ? 150 PHE A CD1 1 
ATOM   1160 C CD2 . PHE A 1 151 ? -12.698 -11.701 -0.829  1.00 21.72  ? 150 PHE A CD2 1 
ATOM   1161 C CE1 . PHE A 1 151 ? -11.950 -11.899 1.850   1.00 21.08  ? 150 PHE A CE1 1 
ATOM   1162 C CE2 . PHE A 1 151 ? -12.509 -12.949 -0.255  1.00 21.49  ? 150 PHE A CE2 1 
ATOM   1163 C CZ  . PHE A 1 151 ? -12.104 -13.040 1.118   1.00 18.53  ? 150 PHE A CZ  1 
ATOM   1164 N N   . GLY A 1 152 ? -10.325 -8.578  -2.560  1.00 19.25  ? 151 GLY A N   1 
ATOM   1165 C CA  . GLY A 1 152 ? -9.191  -9.094  -3.215  1.00 20.85  ? 151 GLY A CA  1 
ATOM   1166 C C   . GLY A 1 152 ? -7.915  -8.301  -2.840  1.00 18.03  ? 151 GLY A C   1 
ATOM   1167 O O   . GLY A 1 152 ? -6.836  -8.919  -2.737  1.00 19.15  ? 151 GLY A O   1 
ATOM   1168 N N   . ASP A 1 153 ? -8.080  -6.998  -2.678  1.00 18.82  ? 152 ASP A N   1 
ATOM   1169 C CA  . ASP A 1 153 ? -6.942  -6.093  -2.163  1.00 17.60  ? 152 ASP A CA  1 
ATOM   1170 C C   . ASP A 1 153 ? -6.533  -6.647  -0.762  1.00 17.35  ? 152 ASP A C   1 
ATOM   1171 O O   . ASP A 1 153 ? -5.327  -6.819  -0.474  1.00 17.72  ? 152 ASP A O   1 
ATOM   1172 C CB  . ASP A 1 153 ? -7.349  -4.687  -2.018  1.00 19.56  ? 152 ASP A CB  1 
ATOM   1173 C CG  . ASP A 1 153 ? -7.521  -3.961  -3.407  1.00 20.66  ? 152 ASP A CG  1 
ATOM   1174 O OD1 . ASP A 1 153 ? -7.016  -4.532  -4.384  1.00 26.85  ? 152 ASP A OD1 1 
ATOM   1175 O OD2 . ASP A 1 153 ? -8.172  -2.931  -3.334  1.00 28.14  ? 152 ASP A OD2 1 
ATOM   1176 N N   . GLY A 1 154 ? -7.504  -7.059  0.056   1.00 18.93  ? 153 GLY A N   1 
ATOM   1177 C CA  . GLY A 1 154 ? -7.190  -7.606  1.360   1.00 18.75  ? 153 GLY A CA  1 
ATOM   1178 C C   . GLY A 1 154 ? -6.408  -8.932  1.309   1.00 15.93  ? 153 GLY A C   1 
ATOM   1179 O O   . GLY A 1 154 ? -5.489  -9.205  2.111   1.00 17.02  ? 153 GLY A O   1 
ATOM   1180 N N   . LEU A 1 155 ? -6.826  -9.791  0.394   1.00 15.62  ? 154 LEU A N   1 
ATOM   1181 C CA  . LEU A 1 155 ? -6.136  -11.045 0.097   1.00 16.66  ? 154 LEU A CA  1 
ATOM   1182 C C   . LEU A 1 155 ? -4.695  -10.840 -0.394  1.00 16.91  ? 154 LEU A C   1 
ATOM   1183 O O   . LEU A 1 155 ? -3.738  -11.448 0.151   1.00 15.92  ? 154 LEU A O   1 
ATOM   1184 C CB  . LEU A 1 155 ? -6.919  -11.915 -0.840  1.00 18.92  ? 154 LEU A CB  1 
ATOM   1185 C CG  . LEU A 1 155 ? -8.283  -12.378 -0.383  1.00 18.46  ? 154 LEU A CG  1 
ATOM   1186 C CD1 . LEU A 1 155 ? -8.987  -13.127 -1.503  1.00 23.34  ? 154 LEU A CD1 1 
ATOM   1187 C CD2 . LEU A 1 155 ? -8.260  -13.229 0.859   1.00 19.47  ? 154 LEU A CD2 1 
ATOM   1188 N N   . PHE A 1 156 ? -4.500  -9.890  -1.316  1.00 16.76  ? 155 PHE A N   1 
ATOM   1189 C CA  . PHE A 1 156 ? -3.186  -9.534  -1.751  1.00 18.58  ? 155 PHE A CA  1 
ATOM   1190 C C   . PHE A 1 156 ? -2.302  -9.104  -0.571  1.00 17.21  ? 155 PHE A C   1 
ATOM   1191 O O   . PHE A 1 156 ? -1.163  -9.614  -0.387  1.00 17.12  ? 155 PHE A O   1 
ATOM   1192 C CB  . PHE A 1 156 ? -3.276  -8.441  -2.809  1.00 17.96  ? 155 PHE A CB  1 
ATOM   1193 C CG  . PHE A 1 156 ? -1.943  -8.018  -3.389  1.00 17.41  ? 155 PHE A CG  1 
ATOM   1194 C CD1 . PHE A 1 156 ? -1.572  -8.418  -4.648  1.00 21.42  ? 155 PHE A CD1 1 
ATOM   1195 C CD2 . PHE A 1 156 ? -1.101  -7.217  -2.658  1.00 18.48  ? 155 PHE A CD2 1 
ATOM   1196 C CE1 . PHE A 1 156 ? -0.334  -8.009  -5.169  1.00 21.98  ? 155 PHE A CE1 1 
ATOM   1197 C CE2 . PHE A 1 156 ? 0.150   -6.818  -3.187  1.00 20.01  ? 155 PHE A CE2 1 
ATOM   1198 C CZ  . PHE A 1 156 ? 0.457   -7.178  -4.450  1.00 20.23  ? 155 PHE A CZ  1 
ATOM   1199 N N   . LEU A 1 157 ? -2.849  -8.208  0.234   1.00 17.28  ? 156 LEU A N   1 
ATOM   1200 C CA  . LEU A 1 157 ? -2.093  -7.581  1.326   1.00 19.94  ? 156 LEU A CA  1 
ATOM   1201 C C   . LEU A 1 157 ? -1.780  -8.685  2.432   1.00 16.65  ? 156 LEU A C   1 
ATOM   1202 O O   . LEU A 1 157 ? -0.693  -8.654  3.061   1.00 16.86  ? 156 LEU A O   1 
ATOM   1203 C CB  . LEU A 1 157 ? -2.877  -6.378  1.892   1.00 19.94  ? 156 LEU A CB  1 
ATOM   1204 C CG  . LEU A 1 157 ? -2.939  -5.151  1.028   1.00 22.68  ? 156 LEU A CG  1 
ATOM   1205 C CD1 . LEU A 1 157 ? -4.104  -4.257  1.472   1.00 22.11  ? 156 LEU A CD1 1 
ATOM   1206 C CD2 . LEU A 1 157 ? -1.563  -4.434  1.108   1.00 26.41  ? 156 LEU A CD2 1 
ATOM   1207 N N   . ALA A 1 158 ? -2.698  -9.626  2.617   1.00 17.34  ? 157 ALA A N   1 
ATOM   1208 C CA  . ALA A 1 158 ? -2.507  -10.735 3.530   1.00 19.62  ? 157 ALA A CA  1 
ATOM   1209 C C   . ALA A 1 158 ? -1.364  -11.670 3.146   1.00 16.70  ? 157 ALA A C   1 
ATOM   1210 O O   . ALA A 1 158 ? -0.467  -11.915 4.011   1.00 16.00  ? 157 ALA A O   1 
ATOM   1211 C CB  . ALA A 1 158 ? -3.808  -11.507 3.688   1.00 20.21  ? 157 ALA A CB  1 
ATOM   1212 N N   . LEU A 1 159 ? -1.348  -11.994 1.868   1.00 15.47  ? 158 LEU A N   1 
ATOM   1213 C CA  . LEU A 1 159 ? -0.275  -12.767 1.280   1.00 15.77  ? 158 LEU A CA  1 
ATOM   1214 C C   . LEU A 1 159 ? 1.046   -12.034 1.355   1.00 13.89  ? 158 LEU A C   1 
ATOM   1215 O O   . LEU A 1 159 ? 2.084   -12.622 1.691   1.00 16.08  ? 158 LEU A O   1 
ATOM   1216 C CB  . LEU A 1 159 ? -0.569  -13.246 -0.100  1.00 15.86  ? 158 LEU A CB  1 
ATOM   1217 C CG  . LEU A 1 159 ? -1.764  -14.222 -0.190  1.00 15.46  ? 158 LEU A CG  1 
ATOM   1218 C CD1 . LEU A 1 159 ? -2.159  -14.352 -1.673  1.00 17.29  ? 158 LEU A CD1 1 
ATOM   1219 C CD2 . LEU A 1 159 ? -1.506  -15.531 0.508   1.00 17.17  ? 158 LEU A CD2 1 
ATOM   1220 N N   . ALA A 1 160 ? 0.985   -10.755 1.098   1.00 16.52  ? 159 ALA A N   1 
ATOM   1221 C CA  . ALA A 1 160 ? 2.270   -9.990  1.045   1.00 17.84  ? 159 ALA A CA  1 
ATOM   1222 C C   . ALA A 1 160 ? 2.829   -9.855  2.441   1.00 17.57  ? 159 ALA A C   1 
ATOM   1223 O O   . ALA A 1 160 ? 3.995   -9.965  2.652   1.00 16.66  ? 159 ALA A O   1 
ATOM   1224 C CB  . ALA A 1 160 ? 1.978   -8.666  0.403   1.00 18.47  ? 159 ALA A CB  1 
ATOM   1225 N N   . GLU A 1 161 ? 1.969   -9.606  3.452   1.00 17.06  ? 160 GLU A N   1 
ATOM   1226 C CA  . GLU A 1 161 ? 2.430   -9.463  4.832   1.00 19.85  ? 160 GLU A CA  1 
ATOM   1227 C C   . GLU A 1 161 ? 3.060   -10.711 5.347   1.00 17.76  ? 160 GLU A C   1 
ATOM   1228 O O   . GLU A 1 161 ? 4.071   -10.668 6.053   1.00 18.37  ? 160 GLU A O   1 
ATOM   1229 C CB  . GLU A 1 161 ? 1.271   -9.056  5.733   1.00 23.01  ? 160 GLU A CB  1 
ATOM   1230 C CG  . GLU A 1 161 ? 1.770   -8.869  7.164   1.00 31.13  ? 160 GLU A CG  1 
ATOM   1231 C CD  . GLU A 1 161 ? 0.961   -7.858  7.972   1.00 39.22  ? 160 GLU A CD  1 
ATOM   1232 O OE1 . GLU A 1 161 ? 0.206   -7.002  7.386   1.00 32.59  ? 160 GLU A OE1 1 
ATOM   1233 O OE2 . GLU A 1 161 ? 1.068   -7.958  9.217   1.00 46.02  ? 160 GLU A OE2 1 
ATOM   1234 N N   . THR A 1 162 ? 2.492   -11.862 4.994   1.00 16.41  ? 161 THR A N   1 
ATOM   1235 C CA  . THR A 1 162 ? 3.061   -13.113 5.432   1.00 18.75  ? 161 THR A CA  1 
ATOM   1236 C C   . THR A 1 162 ? 4.443   -13.376 4.850   1.00 17.79  ? 161 THR A C   1 
ATOM   1237 O O   . THR A 1 162 ? 5.363   -13.795 5.565   1.00 17.11  ? 161 THR A O   1 
ATOM   1238 C CB  . THR A 1 162 ? 2.127   -14.254 5.045   1.00 21.10  ? 161 THR A CB  1 
ATOM   1239 O OG1 . THR A 1 162 ? 0.866   -14.017 5.679   1.00 24.01  ? 161 THR A OG1 1 
ATOM   1240 C CG2 . THR A 1 162 ? 2.638   -15.546 5.600   1.00 21.56  ? 161 THR A CG2 1 
ATOM   1241 N N   . THR A 1 163 ? 4.555   -12.984 3.602   1.00 16.49  ? 162 THR A N   1 
ATOM   1242 C CA  . THR A 1 163 ? 5.767   -13.184 2.753   1.00 14.87  ? 162 THR A CA  1 
ATOM   1243 C C   . THR A 1 163 ? 6.800   -12.280 3.400   1.00 14.33  ? 162 THR A C   1 
ATOM   1244 O O   . THR A 1 163 ? 7.910   -12.672 3.754   1.00 16.33  ? 162 THR A O   1 
ATOM   1245 C CB  . THR A 1 163 ? 5.506   -12.777 1.375   1.00 16.45  ? 162 THR A CB  1 
ATOM   1246 O OG1 . THR A 1 163 ? 4.553   -13.640 0.722   1.00 16.90  ? 162 THR A OG1 1 
ATOM   1247 C CG2 . THR A 1 163 ? 6.741   -12.798 0.482   1.00 17.31  ? 162 THR A CG2 1 
ATOM   1248 N N   . MET A 1 164 ? 6.384   -11.061 3.730   1.00 15.21  ? 163 MET A N   1 
ATOM   1249 C CA  . MET A 1 164 ? 7.334   -10.163 4.488   1.00 16.28  ? 163 MET A CA  1 
ATOM   1250 C C   . MET A 1 164 ? 7.789   -10.710 5.820   1.00 17.21  ? 163 MET A C   1 
ATOM   1251 O O   . MET A 1 164 ? 8.970   -10.636 6.170   1.00 18.24  ? 163 MET A O   1 
ATOM   1252 C CB  . MET A 1 164 ? 6.666   -8.740  4.670   1.00 16.49  ? 163 MET A CB  1 
ATOM   1253 C CG  . MET A 1 164 ? 6.424   -7.958  3.385   1.00 16.02  ? 163 MET A CG  1 
ATOM   1254 S SD  . MET A 1 164 ? 5.389   -6.502  3.894   1.00 21.09  ? 163 MET A SD  1 
ATOM   1255 C CE  . MET A 1 164 ? 4.735   -6.060  2.344   1.00 21.27  ? 163 MET A CE  1 
ATOM   1256 N N   A ASP A 1 165 ? 6.840   -11.233 6.617   0.50 16.97  ? 164 ASP A N   1 
ATOM   1257 N N   B ASP A 1 165 ? 6.867   -11.251 6.614   0.50 17.31  ? 164 ASP A N   1 
ATOM   1258 C CA  A ASP A 1 165 ? 7.078   -11.747 7.950   0.50 17.30  ? 164 ASP A CA  1 
ATOM   1259 C CA  B ASP A 1 165 ? 7.159   -11.699 7.942   0.50 18.60  ? 164 ASP A CA  1 
ATOM   1260 C C   A ASP A 1 165 ? 8.192   -12.809 7.873   0.50 18.07  ? 164 ASP A C   1 
ATOM   1261 C C   B ASP A 1 165 ? 8.179   -12.847 7.912   0.50 18.72  ? 164 ASP A C   1 
ATOM   1262 O O   A ASP A 1 165 ? 9.184   -12.748 8.600   0.50 18.28  ? 164 ASP A O   1 
ATOM   1263 O O   B ASP A 1 165 ? 9.101   -12.882 8.723   0.50 19.42  ? 164 ASP A O   1 
ATOM   1264 C CB  A ASP A 1 165 ? 5.828   -12.387 8.556   0.50 18.89  ? 164 ASP A CB  1 
ATOM   1265 C CB  B ASP A 1 165 ? 5.882   -12.097 8.643   0.50 20.10  ? 164 ASP A CB  1 
ATOM   1266 C CG  A ASP A 1 165 ? 4.818   -11.384 9.085   0.50 21.92  ? 164 ASP A CG  1 
ATOM   1267 C CG  B ASP A 1 165 ? 6.110   -12.750 9.981   0.50 24.84  ? 164 ASP A CG  1 
ATOM   1268 O OD1 A ASP A 1 165 ? 5.203   -10.228 9.264   0.50 25.67  ? 164 ASP A OD1 1 
ATOM   1269 O OD1 B ASP A 1 165 ? 6.591   -12.093 10.917  0.50 27.91  ? 164 ASP A OD1 1 
ATOM   1270 O OD2 A ASP A 1 165 ? 3.687   -11.817 9.373   0.50 23.43  ? 164 ASP A OD2 1 
ATOM   1271 O OD2 B ASP A 1 165 ? 5.797   -13.944 10.103  0.50 30.38  ? 164 ASP A OD2 1 
ATOM   1272 N N   . PHE A 1 166 ? 8.007   -13.754 6.959   1.00 18.73  ? 165 PHE A N   1 
ATOM   1273 C CA  . PHE A 1 166 ? 8.930   -14.900 6.823   1.00 18.49  ? 165 PHE A CA  1 
ATOM   1274 C C   . PHE A 1 166 ? 10.309  -14.432 6.259   1.00 17.10  ? 165 PHE A C   1 
ATOM   1275 O O   . PHE A 1 166 ? 11.364  -14.938 6.729   1.00 21.26  ? 165 PHE A O   1 
ATOM   1276 C CB  . PHE A 1 166 ? 8.344   -16.063 6.051   1.00 19.41  ? 165 PHE A CB  1 
ATOM   1277 C CG  . PHE A 1 166 ? 7.466   -16.912 6.844   1.00 18.63  ? 165 PHE A CG  1 
ATOM   1278 C CD1 . PHE A 1 166 ? 7.890   -18.142 7.260   1.00 21.70  ? 165 PHE A CD1 1 
ATOM   1279 C CD2 . PHE A 1 166 ? 6.218   -16.493 7.167   1.00 15.94  ? 165 PHE A CD2 1 
ATOM   1280 C CE1 . PHE A 1 166 ? 7.022   -18.979 7.998   1.00 22.88  ? 165 PHE A CE1 1 
ATOM   1281 C CE2 . PHE A 1 166 ? 5.326   -17.290 7.909   1.00 20.18  ? 165 PHE A CE2 1 
ATOM   1282 C CZ  . PHE A 1 166 ? 5.768   -18.524 8.319   1.00 20.00  ? 165 PHE A CZ  1 
ATOM   1283 N N   . ALA A 1 167 ? 10.322  -13.586 5.240   1.00 17.96  ? 166 ALA A N   1 
ATOM   1284 C CA  . ALA A 1 167 ? 11.572  -13.029 4.689   1.00 16.24  ? 166 ALA A CA  1 
ATOM   1285 C C   . ALA A 1 167 ? 12.393  -12.235 5.763   1.00 19.84  ? 166 ALA A C   1 
ATOM   1286 O O   . ALA A 1 167 ? 13.637  -12.237 5.745   1.00 20.69  ? 166 ALA A O   1 
ATOM   1287 C CB  . ALA A 1 167 ? 11.276  -12.208 3.520   1.00 18.30  ? 166 ALA A CB  1 
ATOM   1288 N N   . ALA A 1 168 ? 11.686  -11.502 6.622   1.00 18.68  ? 167 ALA A N   1 
ATOM   1289 C CA  . ALA A 1 168 ? 12.354  -10.697 7.680   1.00 21.95  ? 167 ALA A CA  1 
ATOM   1290 C C   . ALA A 1 168 ? 12.933  -11.589 8.764   1.00 24.17  ? 167 ALA A C   1 
ATOM   1291 O O   . ALA A 1 168 ? 14.020  -11.321 9.205   1.00 24.32  ? 167 ALA A O   1 
ATOM   1292 C CB  . ALA A 1 168 ? 11.397  -9.702  8.324   1.00 23.54  ? 167 ALA A CB  1 
ATOM   1293 N N   . ARG A 1 169 ? 12.227  -12.644 9.129   1.00 23.84  ? 168 ARG A N   1 
ATOM   1294 C CA  . ARG A 1 169 ? 12.606  -13.558 10.161  1.00 27.50  ? 168 ARG A CA  1 
ATOM   1295 C C   . ARG A 1 169 ? 13.669  -14.545 9.673   1.00 28.25  ? 168 ARG A C   1 
ATOM   1296 O O   . ARG A 1 169 ? 14.518  -14.985 10.469  1.00 27.16  ? 168 ARG A O   1 
ATOM   1297 C CB  . ARG A 1 169 ? 11.353  -14.223 10.765  1.00 33.49  ? 168 ARG A CB  1 
ATOM   1298 C CG  . ARG A 1 169 ? 11.608  -15.280 11.857  1.00 43.31  ? 168 ARG A CG  1 
ATOM   1299 C CD  . ARG A 1 169 ? 10.501  -16.387 11.921  1.00 53.33  ? 168 ARG A CD  1 
ATOM   1300 N NE  . ARG A 1 169 ? 9.175   -15.951 11.455  1.00 56.51  ? 168 ARG A NE  1 
ATOM   1301 C CZ  . ARG A 1 169 ? 8.204   -16.754 11.032  1.00 60.17  ? 168 ARG A CZ  1 
ATOM   1302 N NH1 . ARG A 1 169 ? 8.340   -18.082 11.024  1.00 64.86  ? 168 ARG A NH1 1 
ATOM   1303 N NH2 . ARG A 1 169 ? 7.076   -16.203 10.608  1.00 54.48  ? 168 ARG A NH2 1 
ATOM   1304 N N   . ASP A 1 170 ? 13.690  -14.828 8.375   1.00 24.94  ? 169 ASP A N   1 
ATOM   1305 C CA  . ASP A 1 170 ? 14.610  -15.856 7.786   1.00 24.01  ? 169 ASP A CA  1 
ATOM   1306 C C   . ASP A 1 170 ? 15.208  -15.337 6.504   1.00 24.80  ? 169 ASP A C   1 
ATOM   1307 O O   . ASP A 1 170 ? 14.928  -15.771 5.427   1.00 22.83  ? 169 ASP A O   1 
ATOM   1308 C CB  . ASP A 1 170 ? 13.914  -17.211 7.664   1.00 24.35  ? 169 ASP A CB  1 
ATOM   1309 C CG  . ASP A 1 170 ? 14.844  -18.287 7.090   1.00 28.80  ? 169 ASP A CG  1 
ATOM   1310 O OD1 . ASP A 1 170 ? 16.078  -18.127 7.248   1.00 29.26  ? 169 ASP A OD1 1 
ATOM   1311 O OD2 . ASP A 1 170 ? 14.317  -19.210 6.420   1.00 28.55  ? 169 ASP A OD2 1 
ATOM   1312 N N   . PRO A 1 171 ? 16.025  -14.279 6.637   1.00 27.62  ? 170 PRO A N   1 
ATOM   1313 C CA  . PRO A 1 171 ? 16.571  -13.577 5.478   1.00 29.92  ? 170 PRO A CA  1 
ATOM   1314 C C   . PRO A 1 171 ? 17.330  -14.463 4.517   1.00 23.99  ? 170 PRO A C   1 
ATOM   1315 O O   . PRO A 1 171 ? 17.358  -14.174 3.314   1.00 23.00  ? 170 PRO A O   1 
ATOM   1316 C CB  . PRO A 1 171 ? 17.467  -12.481 6.073   1.00 30.12  ? 170 PRO A CB  1 
ATOM   1317 C CG  . PRO A 1 171 ? 17.559  -12.727 7.519   1.00 34.27  ? 170 PRO A CG  1 
ATOM   1318 C CD  . PRO A 1 171 ? 16.527  -13.750 7.921   1.00 29.73  ? 170 PRO A CD  1 
ATOM   1319 N N   . ALA A 1 172 ? 17.951  -15.523 5.046   1.00 26.25  ? 171 ALA A N   1 
ATOM   1320 C CA  . ALA A 1 172 ? 18.738  -16.458 4.179   1.00 27.05  ? 171 ALA A CA  1 
ATOM   1321 C C   . ALA A 1 172 ? 17.902  -17.106 3.094   1.00 26.26  ? 171 ALA A C   1 
ATOM   1322 O O   . ALA A 1 172 ? 18.403  -17.394 2.042   1.00 27.42  ? 171 ALA A O   1 
ATOM   1323 C CB  . ALA A 1 172 ? 19.445  -17.491 5.017   1.00 27.94  ? 171 ALA A CB  1 
ATOM   1324 N N   . ARG A 1 173 ? 16.568  -17.222 3.309   1.00 23.25  ? 172 ARG A N   1 
ATOM   1325 C CA  . ARG A 1 173 ? 15.667  -17.758 2.348   1.00 23.34  ? 172 ARG A CA  1 
ATOM   1326 C C   . ARG A 1 173 ? 14.636  -16.703 1.884   1.00 20.35  ? 172 ARG A C   1 
ATOM   1327 O O   . ARG A 1 173 ? 13.611  -17.051 1.354   1.00 19.59  ? 172 ARG A O   1 
ATOM   1328 C CB  . ARG A 1 173 ? 14.928  -18.973 2.977   1.00 21.60  ? 172 ARG A CB  1 
ATOM   1329 C CG  . ARG A 1 173 ? 15.865  -20.085 3.372   1.00 24.47  ? 172 ARG A CG  1 
ATOM   1330 C CD  . ARG A 1 173 ? 14.923  -21.297 3.619   1.00 29.39  ? 172 ARG A CD  1 
ATOM   1331 N NE  . ARG A 1 173 ? 15.518  -22.495 4.200   1.00 31.57  ? 172 ARG A NE  1 
ATOM   1332 C CZ  . ARG A 1 173 ? 15.600  -22.804 5.496   1.00 33.56  ? 172 ARG A CZ  1 
ATOM   1333 N NH1 . ARG A 1 173 ? 15.284  -21.943 6.466   1.00 33.17  ? 172 ARG A NH1 1 
ATOM   1334 N NH2 . ARG A 1 173 ? 16.120  -23.974 5.858   1.00 35.32  ? 172 ARG A NH2 1 
ATOM   1335 N N   . ALA A 1 174 ? 14.954  -15.396 2.031   1.00 21.05  ? 173 ALA A N   1 
ATOM   1336 C CA  . ALA A 1 174 ? 14.035  -14.371 1.584   1.00 21.94  ? 173 ALA A CA  1 
ATOM   1337 C C   . ALA A 1 174 ? 13.581  -14.511 0.187   1.00 19.62  ? 173 ALA A C   1 
ATOM   1338 O O   . ALA A 1 174 ? 12.401  -14.371 -0.077  1.00 21.15  ? 173 ALA A O   1 
ATOM   1339 C CB  . ALA A 1 174 ? 14.586  -12.961 1.821   1.00 22.68  ? 173 ALA A CB  1 
ATOM   1340 N N   . GLY A 1 175 ? 14.466  -14.785 -0.788  1.00 19.96  ? 174 GLY A N   1 
ATOM   1341 C CA  . GLY A 1 175 ? 13.990  -14.905 -2.146  1.00 19.48  ? 174 GLY A CA  1 
ATOM   1342 C C   . GLY A 1 175 ? 13.031  -16.008 -2.441  1.00 18.50  ? 174 GLY A C   1 
ATOM   1343 O O   . GLY A 1 175 ? 12.199  -15.875 -3.289  1.00 20.46  ? 174 GLY A O   1 
ATOM   1344 N N   . GLU A 1 176 ? 13.284  -17.113 -1.727  1.00 21.55  ? 175 GLU A N   1 
ATOM   1345 C CA  . GLU A 1 176 ? 12.445  -18.327 -1.759  1.00 20.17  ? 175 GLU A CA  1 
ATOM   1346 C C   . GLU A 1 176 ? 11.012  -17.981 -1.268  1.00 17.84  ? 175 GLU A C   1 
ATOM   1347 O O   . GLU A 1 176 ? 10.034  -18.349 -1.944  1.00 20.67  ? 175 GLU A O   1 
ATOM   1348 C CB  . GLU A 1 176 ? 13.055  -19.427 -0.877  1.00 27.34  ? 175 GLU A CB  1 
ATOM   1349 C CG  . GLU A 1 176 ? 14.566  -19.606 -1.035  1.00 37.39  ? 175 GLU A CG  1 
ATOM   1350 C CD  . GLU A 1 176 ? 14.949  -19.956 -2.416  1.00 45.56  ? 175 GLU A CD  1 
ATOM   1351 O OE1 . GLU A 1 176 ? 14.166  -20.703 -3.039  1.00 50.69  ? 175 GLU A OE1 1 
ATOM   1352 O OE2 . GLU A 1 176 ? 16.059  -19.535 -2.859  1.00 51.07  ? 175 GLU A OE2 1 
ATOM   1353 N N   . TYR A 1 177 ? 10.893  -17.362 -0.115  1.00 18.23  ? 176 TYR A N   1 
ATOM   1354 C CA  . TYR A 1 177 ? 9.566   -16.892 0.360   1.00 18.64  ? 176 TYR A CA  1 
ATOM   1355 C C   . TYR A 1 177 ? 8.890   -15.947 -0.559  1.00 17.86  ? 176 TYR A C   1 
ATOM   1356 O O   . TYR A 1 177 ? 7.695   -16.012 -0.861  1.00 16.59  ? 176 TYR A O   1 
ATOM   1357 C CB  . TYR A 1 177 ? 9.622   -16.286 1.760   1.00 18.19  ? 176 TYR A CB  1 
ATOM   1358 C CG  . TYR A 1 177 ? 10.176  -17.179 2.830   1.00 18.73  ? 176 TYR A CG  1 
ATOM   1359 C CD1 . TYR A 1 177 ? 9.507   -18.363 3.182   1.00 17.90  ? 176 TYR A CD1 1 
ATOM   1360 C CD2 . TYR A 1 177 ? 11.333  -16.858 3.498   1.00 18.22  ? 176 TYR A CD2 1 
ATOM   1361 C CE1 . TYR A 1 177 ? 10.040  -19.168 4.180   1.00 21.04  ? 176 TYR A CE1 1 
ATOM   1362 C CE2 . TYR A 1 177 ? 11.810  -17.605 4.520   1.00 20.63  ? 176 TYR A CE2 1 
ATOM   1363 C CZ  . TYR A 1 177 ? 11.159  -18.789 4.842   1.00 20.45  ? 176 TYR A CZ  1 
ATOM   1364 O OH  . TYR A 1 177 ? 11.730  -19.565 5.811   1.00 26.03  ? 176 TYR A OH  1 
ATOM   1365 N N   . ILE A 1 178 ? 9.641   -14.983 -1.117  1.00 16.23  ? 177 ILE A N   1 
ATOM   1366 C CA  . ILE A 1 178 ? 9.071   -14.093 -2.077  1.00 17.09  ? 177 ILE A CA  1 
ATOM   1367 C C   . ILE A 1 178 ? 8.534   -14.734 -3.340  1.00 19.54  ? 177 ILE A C   1 
ATOM   1368 O O   . ILE A 1 178 ? 7.465   -14.396 -3.833  1.00 17.34  ? 177 ILE A O   1 
ATOM   1369 C CB  . ILE A 1 178 ? 10.077  -12.913 -2.338  1.00 18.47  ? 177 ILE A CB  1 
ATOM   1370 C CG1 . ILE A 1 178 ? 10.331  -12.213 -1.030  1.00 18.13  ? 177 ILE A CG1 1 
ATOM   1371 C CG2 . ILE A 1 178 ? 9.549   -12.007 -3.458  1.00 18.03  ? 177 ILE A CG2 1 
ATOM   1372 C CD1 . ILE A 1 178 ? 11.495  -11.197 -1.165  1.00 22.42  ? 177 ILE A CD1 1 
ATOM   1373 N N   . ALA A 1 179 ? 9.245   -15.744 -3.824  1.00 18.85  ? 178 ALA A N   1 
ATOM   1374 C CA  . ALA A 1 179 ? 8.849   -16.479 -5.034  1.00 22.07  ? 178 ALA A CA  1 
ATOM   1375 C C   . ALA A 1 179 ? 7.659   -17.393 -4.793  1.00 18.04  ? 178 ALA A C   1 
ATOM   1376 O O   . ALA A 1 179 ? 6.706   -17.350 -5.581  1.00 20.09  ? 178 ALA A O   1 
ATOM   1377 C CB  . ALA A 1 179 ? 10.028  -17.275 -5.541  1.00 22.13  ? 178 ALA A CB  1 
ATOM   1378 N N   . LEU A 1 180 ? 7.655   -17.958 -3.623  1.00 22.90  ? 179 LEU A N   1 
ATOM   1379 C CA  . LEU A 1 180 ? 6.502   -18.854 -3.238  1.00 21.85  ? 179 LEU A CA  1 
ATOM   1380 C C   . LEU A 1 180 ? 5.284   -18.025 -2.967  1.00 22.22  ? 179 LEU A C   1 
ATOM   1381 O O   . LEU A 1 180 ? 4.171   -18.366 -3.416  1.00 21.47  ? 179 LEU A O   1 
ATOM   1382 C CB  . LEU A 1 180 ? 6.893   -19.688 -2.059  1.00 22.99  ? 179 LEU A CB  1 
ATOM   1383 C CG  . LEU A 1 180 ? 7.826   -20.890 -2.178  1.00 28.23  ? 179 LEU A CG  1 
ATOM   1384 C CD1 . LEU A 1 180 ? 8.293   -21.293 -0.799  1.00 29.41  ? 179 LEU A CD1 1 
ATOM   1385 C CD2 . LEU A 1 180 ? 7.073   -22.002 -2.884  1.00 34.30  ? 179 LEU A CD2 1 
ATOM   1386 N N   . GLY A 1 181 ? 5.446   -16.910 -2.241  1.00 18.30  ? 180 GLY A N   1 
ATOM   1387 C CA  . GLY A 1 181 ? 4.323   -16.045 -2.070  1.00 16.51  ? 180 GLY A CA  1 
ATOM   1388 C C   . GLY A 1 181 ? 3.762   -15.470 -3.333  1.00 17.46  ? 180 GLY A C   1 
ATOM   1389 O O   . GLY A 1 181 ? 2.558   -15.267 -3.507  1.00 17.44  ? 180 GLY A O   1 
ATOM   1390 N N   . PHE A 1 182 ? 4.647   -15.116 -4.293  1.00 16.64  ? 181 PHE A N   1 
ATOM   1391 C CA  . PHE A 1 182 ? 4.188   -14.607 -5.541  1.00 16.52  ? 181 PHE A CA  1 
ATOM   1392 C C   . PHE A 1 182 ? 3.255   -15.573 -6.282  1.00 18.81  ? 181 PHE A C   1 
ATOM   1393 O O   . PHE A 1 182 ? 2.217   -15.173 -6.756  1.00 19.24  ? 181 PHE A O   1 
ATOM   1394 C CB  . PHE A 1 182 ? 5.342   -14.322 -6.496  1.00 18.40  ? 181 PHE A CB  1 
ATOM   1395 C CG  . PHE A 1 182 ? 4.853   -13.917 -7.893  1.00 18.95  ? 181 PHE A CG  1 
ATOM   1396 C CD1 . PHE A 1 182 ? 4.187   -12.723 -8.090  1.00 20.97  ? 181 PHE A CD1 1 
ATOM   1397 C CD2 . PHE A 1 182 ? 4.986   -14.789 -8.958  1.00 25.41  ? 181 PHE A CD2 1 
ATOM   1398 C CE1 . PHE A 1 182 ? 3.729   -12.337 -9.328  1.00 23.79  ? 181 PHE A CE1 1 
ATOM   1399 C CE2 . PHE A 1 182 ? 4.444   -14.441 -10.180 1.00 23.52  ? 181 PHE A CE2 1 
ATOM   1400 C CZ  . PHE A 1 182 ? 3.848   -13.251 -10.372 1.00 25.06  ? 181 PHE A CZ  1 
ATOM   1401 N N   . GLU A 1 183 ? 3.735   -16.770 -6.363  1.00 21.10  ? 182 GLU A N   1 
ATOM   1402 C CA  . GLU A 1 183 ? 3.028   -17.865 -7.071  1.00 24.40  ? 182 GLU A CA  1 
ATOM   1403 C C   . GLU A 1 183 ? 1.673   -18.120 -6.407  1.00 21.14  ? 182 GLU A C   1 
ATOM   1404 O O   . GLU A 1 183 ? 0.626   -18.251 -7.087  1.00 23.50  ? 182 GLU A O   1 
ATOM   1405 C CB  . GLU A 1 183 ? 3.879   -19.114 -6.986  1.00 30.93  ? 182 GLU A CB  1 
ATOM   1406 C CG  . GLU A 1 183 ? 4.681   -19.445 -8.220  1.00 44.45  ? 182 GLU A CG  1 
ATOM   1407 C CD  . GLU A 1 183 ? 3.841   -19.492 -9.504  1.00 42.66  ? 182 GLU A CD  1 
ATOM   1408 O OE1 . GLU A 1 183 ? 2.825   -20.222 -9.625  1.00 49.25  ? 182 GLU A OE1 1 
ATOM   1409 O OE2 . GLU A 1 183 ? 4.226   -18.754 -10.399 1.00 46.05  ? 182 GLU A OE2 1 
ATOM   1410 N N   . ALA A 1 184 ? 1.672   -18.046 -5.105  1.00 21.87  ? 183 ALA A N   1 
ATOM   1411 C CA  . ALA A 1 184 ? 0.378   -18.118 -4.363  1.00 23.09  ? 183 ALA A CA  1 
ATOM   1412 C C   . ALA A 1 184 ? -0.570  -16.990 -4.654  1.00 23.05  ? 183 ALA A C   1 
ATOM   1413 O O   . ALA A 1 184 ? -1.769  -17.169 -4.875  1.00 22.88  ? 183 ALA A O   1 
ATOM   1414 C CB  . ALA A 1 184 ? 0.696   -18.211 -2.863  1.00 24.21  ? 183 ALA A CB  1 
ATOM   1415 N N   . MET A 1 185 ? -0.102  -15.749 -4.612  1.00 18.91  ? 184 MET A N   1 
ATOM   1416 C CA  . MET A 1 185 ? -0.843  -14.631 -4.988  1.00 20.44  ? 184 MET A CA  1 
ATOM   1417 C C   . MET A 1 185 ? -1.369  -14.716 -6.414  1.00 19.62  ? 184 MET A C   1 
ATOM   1418 O O   . MET A 1 185 ? -2.515  -14.431 -6.664  1.00 20.59  ? 184 MET A O   1 
ATOM   1419 C CB  . MET A 1 185 ? 0.021   -13.345 -4.830  1.00 18.67  ? 184 MET A CB  1 
ATOM   1420 C CG  . MET A 1 185 ? -0.724  -12.076 -4.985  1.00 19.39  ? 184 MET A CG  1 
ATOM   1421 S SD  . MET A 1 185 ? -0.906  -11.597 -6.714  1.00 23.55  ? 184 MET A SD  1 
ATOM   1422 C CE  . MET A 1 185 ? 0.886   -11.320 -7.077  1.00 24.48  ? 184 MET A CE  1 
ATOM   1423 N N   . TRP A 1 186 ? -0.503  -14.977 -7.323  1.00 21.95  ? 185 TRP A N   1 
ATOM   1424 C CA  . TRP A 1 186 ? -0.884  -15.031 -8.746  1.00 21.74  ? 185 TRP A CA  1 
ATOM   1425 C C   . TRP A 1 186 ? -1.960  -16.121 -9.004  1.00 20.59  ? 185 TRP A C   1 
ATOM   1426 O O   . TRP A 1 186 ? -2.983  -15.838 -9.649  1.00 22.79  ? 185 TRP A O   1 
ATOM   1427 C CB  . TRP A 1 186 ? 0.339   -15.417 -9.512  1.00 26.57  ? 185 TRP A CB  1 
ATOM   1428 C CG  . TRP A 1 186 ? 0.108   -15.529 -10.997 1.00 29.95  ? 185 TRP A CG  1 
ATOM   1429 C CD1 . TRP A 1 186 ? 0.014   -16.681 -11.711 1.00 35.06  ? 185 TRP A CD1 1 
ATOM   1430 C CD2 . TRP A 1 186 ? 0.047   -14.440 -11.974 1.00 31.30  ? 185 TRP A CD2 1 
ATOM   1431 N NE1 . TRP A 1 186 ? -0.191  -16.388 -13.055 1.00 33.60  ? 185 TRP A NE1 1 
ATOM   1432 C CE2 . TRP A 1 186 ? -0.203  -15.030 -13.227 1.00 34.87  ? 185 TRP A CE2 1 
ATOM   1433 C CE3 . TRP A 1 186 ? 0.071   -13.053 -11.881 1.00 32.36  ? 185 TRP A CE3 1 
ATOM   1434 C CZ2 . TRP A 1 186 ? -0.305  -14.263 -14.420 1.00 33.45  ? 185 TRP A CZ2 1 
ATOM   1435 C CZ3 . TRP A 1 186 ? -0.066  -12.276 -13.053 1.00 35.01  ? 185 TRP A CZ3 1 
ATOM   1436 C CH2 . TRP A 1 186 ? -0.270  -12.910 -14.307 1.00 29.94  ? 185 TRP A CH2 1 
ATOM   1437 N N   . ARG A 1 187 ? -1.781  -17.253 -8.433  1.00 24.32  ? 186 ARG A N   1 
ATOM   1438 C CA  . ARG A 1 187 ? -2.840  -18.328 -8.624  1.00 24.93  ? 186 ARG A CA  1 
ATOM   1439 C C   . ARG A 1 187 ? -4.174  -17.941 -7.948  1.00 25.76  ? 186 ARG A C   1 
ATOM   1440 O O   . ARG A 1 187 ? -5.285  -18.175 -8.466  1.00 24.88  ? 186 ARG A O   1 
ATOM   1441 C CB  . ARG A 1 187 ? -2.323  -19.571 -8.111  1.00 28.11  ? 186 ARG A CB  1 
ATOM   1442 C CG  . ARG A 1 187 ? -1.222  -20.192 -8.958  1.00 28.20  ? 186 ARG A CG  1 
ATOM   1443 C CD  . ARG A 1 187 ? -0.730  -21.430 -8.300  1.00 31.19  ? 186 ARG A CD  1 
ATOM   1444 N NE  . ARG A 1 187 ? 0.358   -21.999 -9.113  1.00 44.85  ? 186 ARG A NE  1 
ATOM   1445 C CZ  . ARG A 1 187 ? 0.245   -23.026 -9.951  1.00 45.02  ? 186 ARG A CZ  1 
ATOM   1446 N NH1 . ARG A 1 187 ? -0.896  -23.712 -10.078 1.00 42.65  ? 186 ARG A NH1 1 
ATOM   1447 N NH2 . ARG A 1 187 ? 1.324   -23.408 -10.647 1.00 50.06  ? 186 ARG A NH2 1 
ATOM   1448 N N   . ALA A 1 188 ? -4.081  -17.378 -6.736  1.00 24.13  ? 187 ALA A N   1 
ATOM   1449 C CA  . ALA A 1 188 ? -5.295  -16.832 -6.065  1.00 23.56  ? 187 ALA A CA  1 
ATOM   1450 C C   . ALA A 1 188 ? -6.077  -15.808 -6.818  1.00 24.90  ? 187 ALA A C   1 
ATOM   1451 O O   . ALA A 1 188 ? -7.314  -15.803 -6.788  1.00 27.78  ? 187 ALA A O   1 
ATOM   1452 C CB  . ALA A 1 188 ? -4.952  -16.262 -4.671  1.00 24.19  ? 187 ALA A CB  1 
ATOM   1453 N N   . LEU A 1 189 ? -5.382  -14.855 -7.451  1.00 20.21  ? 188 LEU A N   1 
ATOM   1454 C CA  . LEU A 1 189 ? -5.992  -13.671 -7.855  1.00 21.36  ? 188 LEU A CA  1 
ATOM   1455 C C   . LEU A 1 189 ? -6.056  -13.475 -9.380  1.00 26.05  ? 188 LEU A C   1 
ATOM   1456 O O   . LEU A 1 189 ? -6.539  -12.446 -9.803  1.00 26.81  ? 188 LEU A O   1 
ATOM   1457 C CB  . LEU A 1 189 ? -5.313  -12.442 -7.243  1.00 24.59  ? 188 LEU A CB  1 
ATOM   1458 C CG  . LEU A 1 189 ? -5.417  -12.443 -5.712  1.00 22.84  ? 188 LEU A CG  1 
ATOM   1459 C CD1 . LEU A 1 189 ? -4.662  -11.214 -5.155  1.00 26.32  ? 188 LEU A CD1 1 
ATOM   1460 C CD2 . LEU A 1 189 ? -6.816  -12.508 -5.115  1.00 26.18  ? 188 LEU A CD2 1 
ATOM   1461 N N   . THR A 1 190 ? -5.612  -14.459 -10.119 1.00 29.07  ? 189 THR A N   1 
ATOM   1462 C CA  . THR A 1 190 ? -5.832  -14.454 -11.624 1.00 31.83  ? 189 THR A CA  1 
ATOM   1463 C C   . THR A 1 190 ? -6.639  -15.616 -12.095 1.00 43.63  ? 189 THR A C   1 
ATOM   1464 O O   . THR A 1 190 ? -6.871  -16.548 -11.348 1.00 38.09  ? 189 THR A O   1 
ATOM   1465 C CB  . THR A 1 190 ? -4.520  -14.437 -12.403 1.00 34.61  ? 189 THR A CB  1 
ATOM   1466 O OG1 . THR A 1 190 ? -3.758  -15.652 -12.201 1.00 37.17  ? 189 THR A OG1 1 
ATOM   1467 C CG2 . THR A 1 190 ? -3.735  -13.295 -12.004 1.00 31.13  ? 189 THR A CG2 1 
ATOM   1468 N N   . ARG A 1 191 ? -7.081  -15.512 -13.366 1.00 49.89  ? 190 ARG A N   1 
ATOM   1469 C CA  . ARG A 1 191 ? -7.587  -16.637 -14.161 1.00 57.58  ? 190 ARG A CA  1 
ATOM   1470 C C   . ARG A 1 191 ? -7.011  -16.509 -15.567 1.00 63.61  ? 190 ARG A C   1 
ATOM   1471 O O   . ARG A 1 191 ? -6.799  -15.395 -16.046 1.00 59.77  ? 190 ARG A O   1 
ATOM   1472 C CB  . ARG A 1 191 ? -9.114  -16.631 -14.246 1.00 55.97  ? 190 ARG A CB  1 
ATOM   1473 C CG  . ARG A 1 191 ? -9.851  -16.639 -12.917 1.00 50.03  ? 190 ARG A CG  1 
ATOM   1474 C CD  . ARG A 1 191 ? -9.504  -17.840 -12.081 1.00 47.86  ? 190 ARG A CD  1 
ATOM   1475 N NE  . ARG A 1 191 ? -10.304 -17.923 -10.873 1.00 45.52  ? 190 ARG A NE  1 
ATOM   1476 C CZ  . ARG A 1 191 ? -9.887  -17.588 -9.647  1.00 49.67  ? 190 ARG A CZ  1 
ATOM   1477 N NH1 . ARG A 1 191 ? -10.688 -17.735 -8.604  1.00 48.32  ? 190 ARG A NH1 1 
ATOM   1478 N NH2 . ARG A 1 191 ? -8.651  -17.105 -9.458  1.00 46.92  ? 190 ARG A NH2 1 
ATOM   1479 N N   . GLU A 1 192 ? -6.749  -17.644 -16.213 1.00 78.13  ? 191 GLU A N   1 
ATOM   1480 C CA  . GLU A 1 192 ? -6.248  -17.657 -17.594 1.00 86.20  ? 191 GLU A CA  1 
ATOM   1481 C C   . GLU A 1 192 ? -7.430  -17.854 -18.543 1.00 84.42  ? 191 GLU A C   1 
ATOM   1482 O O   . GLU A 1 192 ? -7.928  -16.894 -19.140 1.00 79.96  ? 191 GLU A O   1 
ATOM   1483 C CB  . GLU A 1 192 ? -5.172  -18.751 -17.783 1.00 89.70  ? 191 GLU A CB  1 
ATOM   1484 C CG  . GLU A 1 192 ? -4.545  -18.832 -19.180 1.00 91.43  ? 191 GLU A CG  1 
ATOM   1485 C CD  . GLU A 1 192 ? -5.329  -19.701 -20.173 1.00 93.63  ? 191 GLU A CD  1 
ATOM   1486 O OE1 . GLU A 1 192 ? -6.276  -20.410 -19.769 1.00 97.03  ? 191 GLU A OE1 1 
ATOM   1487 O OE2 . GLU A 1 192 ? -4.998  -19.682 -21.375 1.00 86.90  ? 191 GLU A OE2 1 
HETATM 1488 C C1  . JN3 B 2 .   ? -1.651  -0.757  -2.393  1.00 30.52  ? 200 JN3 A C1  1 
HETATM 1489 C C2  . JN3 B 2 .   ? -2.856  0.094   -2.683  1.00 27.92  ? 200 JN3 A C2  1 
HETATM 1490 C C3  . JN3 B 2 .   ? -4.022  -0.468  -1.904  1.00 29.61  ? 200 JN3 A C3  1 
HETATM 1491 O O3  . JN3 B 2 .   ? -5.164  0.309   -2.105  1.00 31.86  ? 200 JN3 A O3  1 
HETATM 1492 C C4  . JN3 B 2 .   ? -4.321  -1.857  -2.497  1.00 25.76  ? 200 JN3 A C4  1 
HETATM 1493 C C5  . JN3 B 2 .   ? -3.111  -2.779  -2.332  1.00 26.04  ? 200 JN3 A C5  1 
HETATM 1494 C C6  . JN3 B 2 .   ? -3.363  -4.179  -2.941  1.00 24.57  ? 200 JN3 A C6  1 
HETATM 1495 C C7  . JN3 B 2 .   ? -3.350  -4.224  -4.431  1.00 25.16  ? 200 JN3 A C7  1 
HETATM 1496 O O7  . JN3 B 2 .   ? -4.530  -3.629  -5.051  1.00 22.95  ? 200 JN3 A O7  1 
HETATM 1497 C C8  . JN3 B 2 .   ? -2.081  -3.566  -5.025  1.00 26.76  ? 200 JN3 A C8  1 
HETATM 1498 C C9  . JN3 B 2 .   ? -1.901  -2.178  -4.488  1.00 25.70  ? 200 JN3 A C9  1 
HETATM 1499 C C10 . JN3 B 2 .   ? -1.844  -2.176  -2.968  1.00 25.49  ? 200 JN3 A C10 1 
HETATM 1500 C C11 . JN3 B 2 .   ? -0.751  -1.444  -5.263  1.00 25.23  ? 200 JN3 A C11 1 
HETATM 1501 C C12 . JN3 B 2 .   ? -0.834  -1.599  -6.801  1.00 30.00  ? 200 JN3 A C12 1 
HETATM 1502 C C13 . JN3 B 2 .   ? -0.903  -3.056  -7.276  1.00 29.94  ? 200 JN3 A C13 1 
HETATM 1503 C C14 . JN3 B 2 .   ? -2.142  -3.549  -6.557  1.00 28.63  ? 200 JN3 A C14 1 
HETATM 1504 C C15 . JN3 B 2 .   ? -2.444  -4.871  -7.263  1.00 31.63  ? 200 JN3 A C15 1 
HETATM 1505 C C16 . JN3 B 2 .   ? -2.100  -4.621  -8.739  1.00 32.01  ? 200 JN3 A C16 1 
HETATM 1506 C C17 . JN3 B 2 .   ? -1.314  -3.301  -8.752  1.00 32.63  ? 200 JN3 A C17 1 
HETATM 1507 C C18 . JN3 B 2 .   ? 0.369   -3.854  -6.886  1.00 32.22  ? 200 JN3 A C18 1 
HETATM 1508 C C19 . JN3 B 2 .   ? -0.628  -2.976  -2.435  1.00 24.95  ? 200 JN3 A C19 1 
HETATM 1509 C C20 . JN3 B 2 .   ? -0.283  -3.272  -9.919  1.00 32.61  ? 200 JN3 A C20 1 
HETATM 1510 C C21 . JN3 B 2 .   ? 0.461   -1.923  -9.867  1.00 31.26  ? 200 JN3 A C21 1 
HETATM 1511 C C22 . JN3 B 2 .   ? -1.042  -3.572  -11.251 1.00 42.46  ? 200 JN3 A C22 1 
HETATM 1512 C C23 . JN3 B 2 .   ? -0.222  -4.242  -12.382 1.00 48.82  ? 200 JN3 A C23 1 
HETATM 1513 O O25 . JN3 B 2 .   ? 0.656   -6.316  -13.205 1.00 55.49  ? 200 JN3 A O25 1 
HETATM 1514 C C24 . JN3 B 2 .   ? -0.318  -5.766  -12.642 1.00 54.15  ? 200 JN3 A C24 1 
HETATM 1515 O O26 . JN3 B 2 .   ? -1.325  -6.442  -12.339 1.00 58.94  ? 200 JN3 A O26 1 
HETATM 1516 S S   . SO4 C 3 .   ? 8.852   2.720   8.620   1.00 44.44  ? 201 SO4 A S   1 
HETATM 1517 O O1  . SO4 C 3 .   ? 10.144  2.869   7.861   1.00 41.88  ? 201 SO4 A O1  1 
HETATM 1518 O O2  . SO4 C 3 .   ? 8.590   3.900   9.467   1.00 49.67  ? 201 SO4 A O2  1 
HETATM 1519 O O3  . SO4 C 3 .   ? 7.785   2.480   7.628   1.00 36.25  ? 201 SO4 A O3  1 
HETATM 1520 O O4  . SO4 C 3 .   ? 8.743   1.601   9.590   1.00 35.76  ? 201 SO4 A O4  1 
HETATM 1521 O O   . HOH D 4 .   ? 12.220  -14.191 -5.392  1.00 39.65  ? 301 HOH A O   1 
HETATM 1522 O O   . HOH D 4 .   ? -8.709  19.623  6.084   1.00 51.08  ? 302 HOH A O   1 
HETATM 1523 O O   . HOH D 4 .   ? -9.213  -17.389 -6.542  1.00 36.93  ? 303 HOH A O   1 
HETATM 1524 O O   . HOH D 4 .   ? -13.881 18.730  6.366   1.00 32.17  ? 304 HOH A O   1 
HETATM 1525 O O   . HOH D 4 .   ? 1.749   13.137  0.429   1.00 48.15  ? 305 HOH A O   1 
HETATM 1526 O O   . HOH D 4 .   ? 18.026  -16.576 7.836   1.00 32.41  ? 306 HOH A O   1 
HETATM 1527 O O   . HOH D 4 .   ? -6.314  30.003  15.294  1.00 65.23  ? 307 HOH A O   1 
HETATM 1528 O O   . HOH D 4 .   ? -9.235  -0.838  8.159   1.00 38.17  ? 308 HOH A O   1 
HETATM 1529 O O   A HOH D 4 .   ? -15.053 -6.508  -0.871  0.50 15.91  ? 309 HOH A O   1 
HETATM 1530 O O   B HOH D 4 .   ? -16.202 -5.611  1.150   0.50 26.09  ? 309 HOH A O   1 
HETATM 1531 O O   . HOH D 4 .   ? -1.545  2.165   -8.941  1.00 45.05  ? 310 HOH A O   1 
HETATM 1532 O O   . HOH D 4 .   ? -7.869  -1.512  -5.571  1.00 45.90  ? 311 HOH A O   1 
HETATM 1533 O O   . HOH D 4 .   ? 15.348  -9.017  8.702   1.00 47.05  ? 312 HOH A O   1 
HETATM 1534 O O   . HOH D 4 .   ? 11.735  -5.384  7.851   1.00 34.02  ? 313 HOH A O   1 
HETATM 1535 O O   . HOH D 4 .   ? -5.526  -19.648 -10.745 1.00 36.16  ? 314 HOH A O   1 
HETATM 1536 O O   . HOH D 4 .   ? -5.036  -2.766  -10.056 1.00 51.19  ? 315 HOH A O   1 
HETATM 1537 O O   . HOH D 4 .   ? -5.576  -7.735  4.474   1.00 33.03  ? 316 HOH A O   1 
HETATM 1538 O O   . HOH D 4 .   ? 15.028  -10.059 4.699   1.00 40.99  ? 317 HOH A O   1 
HETATM 1539 O O   . HOH D 4 .   ? -8.423  15.363  11.845  1.00 35.88  ? 318 HOH A O   1 
HETATM 1540 O O   . HOH D 4 .   ? -21.520 -6.249  -9.584  1.00 26.77  ? 319 HOH A O   1 
HETATM 1541 O O   . HOH D 4 .   ? 17.044  -15.956 -1.007  1.00 32.62  ? 320 HOH A O   1 
HETATM 1542 O O   . HOH D 4 .   ? -18.877 -5.768  -11.103 1.00 39.77  ? 321 HOH A O   1 
HETATM 1543 O O   . HOH D 4 .   ? 7.517   -17.959 -8.242  1.00 37.85  ? 322 HOH A O   1 
HETATM 1544 O O   . HOH D 4 .   ? 10.527  7.466   0.776   1.00 52.65  ? 323 HOH A O   1 
HETATM 1545 O O   . HOH D 4 .   ? 1.994   -14.176 -18.665 1.00 50.08  ? 324 HOH A O   1 
HETATM 1546 O O   . HOH D 4 .   ? 8.037   -15.242 -11.050 1.00 37.43  ? 325 HOH A O   1 
HETATM 1547 O O   . HOH D 4 .   ? -14.768 -3.348  -3.184  1.00 30.18  ? 326 HOH A O   1 
HETATM 1548 O O   . HOH D 4 .   ? 7.170   -5.562  7.105   1.00 38.48  ? 327 HOH A O   1 
HETATM 1549 O O   . HOH D 4 .   ? 9.539   4.508   -1.141  1.00 58.55  ? 328 HOH A O   1 
HETATM 1550 O O   . HOH D 4 .   ? 3.901   -12.217 -23.104 1.00 50.31  ? 329 HOH A O   1 
HETATM 1551 O O   . HOH D 4 .   ? -8.670  14.090  2.191   1.00 39.17  ? 330 HOH A O   1 
HETATM 1552 O O   . HOH D 4 .   ? 11.559  0.544   -1.009  1.00 43.19  ? 331 HOH A O   1 
HETATM 1553 O O   . HOH D 4 .   ? -17.100 -12.165 -7.942  1.00 46.10  ? 332 HOH A O   1 
HETATM 1554 O O   . HOH D 4 .   ? 0.669   -10.624 -21.261 1.00 54.72  ? 333 HOH A O   1 
HETATM 1555 O O   . HOH D 4 .   ? -13.674 -17.542 -7.222  1.00 39.78  ? 334 HOH A O   1 
HETATM 1556 O O   . HOH D 4 .   ? -21.241 -2.957  -9.843  1.00 49.90  ? 335 HOH A O   1 
# 
loop_
_pdbx_poly_seq_scheme.asym_id 
_pdbx_poly_seq_scheme.entity_id 
_pdbx_poly_seq_scheme.seq_id 
_pdbx_poly_seq_scheme.mon_id 
_pdbx_poly_seq_scheme.ndb_seq_num 
_pdbx_poly_seq_scheme.pdb_seq_num 
_pdbx_poly_seq_scheme.auth_seq_num 
_pdbx_poly_seq_scheme.pdb_mon_id 
_pdbx_poly_seq_scheme.auth_mon_id 
_pdbx_poly_seq_scheme.pdb_strand_id 
_pdbx_poly_seq_scheme.pdb_ins_code 
_pdbx_poly_seq_scheme.hetero 
A 1 1   MET 1   0   ?   ?   ?   A . n 
A 1 2   VAL 2   1   ?   ?   ?   A . n 
A 1 3   ALA 3   2   ?   ?   ?   A . n 
A 1 4   ARG 4   3   ?   ?   ?   A . n 
A 1 5   PRO 5   4   ?   ?   ?   A . n 
A 1 6   LYS 6   5   ?   ?   ?   A . n 
A 1 7   SER 7   6   ?   ?   ?   A . n 
A 1 8   GLU 8   7   ?   ?   ?   A . n 
A 1 9   ASP 9   8   8   ASP ASP A . n 
A 1 10  LYS 10  9   9   LYS LYS A . n 
A 1 11  LYS 11  10  10  LYS LYS A . n 
A 1 12  GLN 12  11  11  GLN GLN A . n 
A 1 13  ALA 13  12  12  ALA ALA A . n 
A 1 14  LEU 14  13  13  LEU LEU A . n 
A 1 15  LEU 15  14  14  LEU LEU A . n 
A 1 16  GLU 16  15  15  GLU GLU A . n 
A 1 17  ALA 17  16  16  ALA ALA A . n 
A 1 18  ALA 18  17  17  ALA ALA A . n 
A 1 19  THR 19  18  18  THR THR A . n 
A 1 20  GLN 20  19  19  GLN GLN A . n 
A 1 21  ALA 21  20  20  ALA ALA A . n 
A 1 22  ILE 22  21  21  ILE ILE A . n 
A 1 23  ALA 23  22  22  ALA ALA A . n 
A 1 24  GLN 24  23  23  GLN GLN A . n 
A 1 25  SER 25  24  24  SER SER A . n 
A 1 26  GLY 26  25  25  GLY GLY A . n 
A 1 27  ILE 27  26  26  ILE ILE A . n 
A 1 28  ALA 28  27  27  ALA ALA A . n 
A 1 29  ALA 29  28  28  ALA ALA A . n 
A 1 30  SER 30  29  29  SER SER A . n 
A 1 31  THR 31  30  30  THR THR A . n 
A 1 32  ALA 32  31  31  ALA ALA A . n 
A 1 33  VAL 33  32  32  VAL VAL A . n 
A 1 34  ILE 34  33  33  ILE ILE A . n 
A 1 35  ALA 35  34  34  ALA ALA A . n 
A 1 36  ARG 36  35  35  ARG ARG A . n 
A 1 37  ASN 37  36  36  ASN ASN A . n 
A 1 38  ALA 38  37  37  ALA ALA A . n 
A 1 39  GLY 39  38  38  GLY GLY A . n 
A 1 40  VAL 40  39  39  VAL VAL A . n 
A 1 41  ALA 41  40  40  ALA ALA A . n 
A 1 42  GLU 42  41  41  GLU GLU A . n 
A 1 43  GLY 43  42  42  GLY GLY A . n 
A 1 44  THR 44  43  43  THR THR A . n 
A 1 45  LEU 45  44  44  LEU LEU A . n 
A 1 46  PHE 46  45  45  PHE PHE A . n 
A 1 47  ARG 47  46  46  ARG ARG A . n 
A 1 48  TYR 48  47  47  TYR TYR A . n 
A 1 49  PHE 49  48  48  PHE PHE A . n 
A 1 50  ALA 50  49  49  ALA ALA A . n 
A 1 51  THR 51  50  50  THR THR A . n 
A 1 52  LYS 52  51  51  LYS LYS A . n 
A 1 53  ASP 53  52  52  ASP ASP A . n 
A 1 54  GLU 54  53  53  GLU GLU A . n 
A 1 55  LEU 55  54  54  LEU LEU A . n 
A 1 56  ILE 56  55  55  ILE ILE A . n 
A 1 57  ASN 57  56  56  ASN ASN A . n 
A 1 58  THR 58  57  57  THR THR A . n 
A 1 59  LEU 59  58  58  LEU LEU A . n 
A 1 60  TYR 60  59  59  TYR TYR A . n 
A 1 61  LEU 61  60  60  LEU LEU A . n 
A 1 62  HIS 62  61  61  HIS HIS A . n 
A 1 63  LEU 63  62  62  LEU LEU A . n 
A 1 64  LYS 64  63  63  LYS LYS A . n 
A 1 65  GLN 65  64  64  GLN GLN A . n 
A 1 66  ASP 66  65  65  ASP ASP A . n 
A 1 67  LEU 67  66  66  LEU LEU A . n 
A 1 68  CYS 68  67  67  CYS CYS A . n 
A 1 69  GLN 69  68  68  GLN GLN A . n 
A 1 70  SER 70  69  69  SER SER A . n 
A 1 71  MET 71  70  70  MET MET A . n 
A 1 72  ILE 72  71  71  ILE ILE A . n 
A 1 73  MET 73  72  72  MET MET A . n 
A 1 74  GLU 74  73  73  GLU GLU A . n 
A 1 75  LEU 75  74  74  LEU LEU A . n 
A 1 76  ASP 76  75  75  ASP ASP A . n 
A 1 77  ARG 77  76  76  ARG ARG A . n 
A 1 78  SER 78  77  77  SER SER A . n 
A 1 79  ILE 79  78  78  ILE ILE A . n 
A 1 80  THR 80  79  79  THR THR A . n 
A 1 81  ASP 81  80  80  ASP ASP A . n 
A 1 82  ALA 82  81  81  ALA ALA A . n 
A 1 83  LYS 83  82  82  LYS LYS A . n 
A 1 84  MET 84  83  83  MET MET A . n 
A 1 85  MET 85  84  84  MET MET A . n 
A 1 86  THR 86  85  85  THR THR A . n 
A 1 87  ARG 87  86  86  ARG ARG A . n 
A 1 88  PHE 88  87  87  PHE PHE A . n 
A 1 89  ILE 89  88  88  ILE ILE A . n 
A 1 90  TRP 90  89  89  TRP TRP A . n 
A 1 91  ASN 91  90  90  ASN ASN A . n 
A 1 92  SER 92  91  91  SER SER A . n 
A 1 93  TYR 93  92  92  TYR TYR A . n 
A 1 94  ILE 94  93  93  ILE ILE A . n 
A 1 95  SER 95  94  94  SER SER A . n 
A 1 96  TRP 96  95  95  TRP TRP A . n 
A 1 97  GLY 97  96  96  GLY GLY A . n 
A 1 98  LEU 98  97  97  LEU LEU A . n 
A 1 99  ASN 99  98  98  ASN ASN A . n 
A 1 100 HIS 100 99  99  HIS HIS A . n 
A 1 101 PRO 101 100 100 PRO PRO A . n 
A 1 102 ALA 102 101 101 ALA ALA A . n 
A 1 103 ARG 103 102 102 ARG ARG A . n 
A 1 104 HIS 104 103 103 HIS HIS A . n 
A 1 105 ARG 105 104 104 ARG ARG A . n 
A 1 106 ALA 106 105 105 ALA ALA A . n 
A 1 107 ILE 107 106 106 ILE ILE A . n 
A 1 108 ARG 108 107 107 ARG ARG A . n 
A 1 109 GLN 109 108 108 GLN GLN A . n 
A 1 110 LEU 110 109 109 LEU LEU A . n 
A 1 111 ALA 111 110 110 ALA ALA A . n 
A 1 112 VAL 112 111 111 VAL VAL A . n 
A 1 113 SER 113 112 112 SER SER A . n 
A 1 114 GLU 114 113 113 GLU GLU A . n 
A 1 115 LYS 115 114 114 LYS LYS A . n 
A 1 116 LEU 116 115 115 LEU LEU A . n 
A 1 117 THR 117 116 116 THR THR A . n 
A 1 118 LYS 118 117 117 LYS LYS A . n 
A 1 119 GLU 119 118 118 GLU GLU A . n 
A 1 120 THR 120 119 119 THR THR A . n 
A 1 121 GLU 121 120 120 GLU GLU A . n 
A 1 122 GLN 122 121 121 GLN GLN A . n 
A 1 123 ARG 123 122 122 ARG ARG A . n 
A 1 124 ALA 124 123 123 ALA ALA A . n 
A 1 125 ASP 125 124 124 ASP ASP A . n 
A 1 126 ASP 126 125 125 ASP ASP A . n 
A 1 127 MET 127 126 126 MET MET A . n 
A 1 128 PHE 128 127 127 PHE PHE A . n 
A 1 129 PRO 129 128 128 PRO PRO A . n 
A 1 130 GLU 130 129 129 GLU GLU A . n 
A 1 131 LEU 131 130 130 LEU LEU A . n 
A 1 132 ARG 132 131 131 ARG ARG A . n 
A 1 133 ASP 133 132 132 ASP ASP A . n 
A 1 134 LEU 134 133 133 LEU LEU A . n 
A 1 135 CYS 135 134 134 CYS CYS A . n 
A 1 136 HIS 136 135 135 HIS HIS A . n 
A 1 137 ARG 137 136 136 ARG ARG A . n 
A 1 138 SER 138 137 137 SER SER A . n 
A 1 139 VAL 139 138 138 VAL VAL A . n 
A 1 140 LEU 140 139 139 LEU LEU A . n 
A 1 141 MET 141 140 140 MET MET A . n 
A 1 142 VAL 142 141 141 VAL VAL A . n 
A 1 143 PHE 143 142 142 PHE PHE A . n 
A 1 144 MET 144 143 143 MET MET A . n 
A 1 145 SER 145 144 144 SER SER A . n 
A 1 146 ASP 146 145 145 ASP ASP A . n 
A 1 147 GLU 147 146 146 GLU GLU A . n 
A 1 148 TYR 148 147 147 TYR TYR A . n 
A 1 149 ARG 149 148 148 ARG ARG A . n 
A 1 150 ALA 150 149 149 ALA ALA A . n 
A 1 151 PHE 151 150 150 PHE PHE A . n 
A 1 152 GLY 152 151 151 GLY GLY A . n 
A 1 153 ASP 153 152 152 ASP ASP A . n 
A 1 154 GLY 154 153 153 GLY GLY A . n 
A 1 155 LEU 155 154 154 LEU LEU A . n 
A 1 156 PHE 156 155 155 PHE PHE A . n 
A 1 157 LEU 157 156 156 LEU LEU A . n 
A 1 158 ALA 158 157 157 ALA ALA A . n 
A 1 159 LEU 159 158 158 LEU LEU A . n 
A 1 160 ALA 160 159 159 ALA ALA A . n 
A 1 161 GLU 161 160 160 GLU GLU A . n 
A 1 162 THR 162 161 161 THR THR A . n 
A 1 163 THR 163 162 162 THR THR A . n 
A 1 164 MET 164 163 163 MET MET A . n 
A 1 165 ASP 165 164 164 ASP ASP A . n 
A 1 166 PHE 166 165 165 PHE PHE A . n 
A 1 167 ALA 167 166 166 ALA ALA A . n 
A 1 168 ALA 168 167 167 ALA ALA A . n 
A 1 169 ARG 169 168 168 ARG ARG A . n 
A 1 170 ASP 170 169 169 ASP ASP A . n 
A 1 171 PRO 171 170 170 PRO PRO A . n 
A 1 172 ALA 172 171 171 ALA ALA A . n 
A 1 173 ARG 173 172 172 ARG ARG A . n 
A 1 174 ALA 174 173 173 ALA ALA A . n 
A 1 175 GLY 175 174 174 GLY GLY A . n 
A 1 176 GLU 176 175 175 GLU GLU A . n 
A 1 177 TYR 177 176 176 TYR TYR A . n 
A 1 178 ILE 178 177 177 ILE ILE A . n 
A 1 179 ALA 179 178 178 ALA ALA A . n 
A 1 180 LEU 180 179 179 LEU LEU A . n 
A 1 181 GLY 181 180 180 GLY GLY A . n 
A 1 182 PHE 182 181 181 PHE PHE A . n 
A 1 183 GLU 183 182 182 GLU GLU A . n 
A 1 184 ALA 184 183 183 ALA ALA A . n 
A 1 185 MET 185 184 184 MET MET A . n 
A 1 186 TRP 186 185 185 TRP TRP A . n 
A 1 187 ARG 187 186 186 ARG ARG A . n 
A 1 188 ALA 188 187 187 ALA ALA A . n 
A 1 189 LEU 189 188 188 LEU LEU A . n 
A 1 190 THR 190 189 189 THR THR A . n 
A 1 191 ARG 191 190 190 ARG ARG A . n 
A 1 192 GLU 192 191 191 GLU GLU A . n 
A 1 193 GLU 193 192 ?   ?   ?   A . n 
A 1 194 GLN 194 193 ?   ?   ?   A . n 
# 
loop_
_pdbx_nonpoly_scheme.asym_id 
_pdbx_nonpoly_scheme.entity_id 
_pdbx_nonpoly_scheme.mon_id 
_pdbx_nonpoly_scheme.ndb_seq_num 
_pdbx_nonpoly_scheme.pdb_seq_num 
_pdbx_nonpoly_scheme.auth_seq_num 
_pdbx_nonpoly_scheme.pdb_mon_id 
_pdbx_nonpoly_scheme.auth_mon_id 
_pdbx_nonpoly_scheme.pdb_strand_id 
_pdbx_nonpoly_scheme.pdb_ins_code 
B 2 JN3 1  200 200 JN3 JN3 A . 
C 3 SO4 1  201 201 SO4 SO4 A . 
D 4 HOH 1  301 219 HOH HOH A . 
D 4 HOH 2  302 211 HOH HOH A . 
D 4 HOH 3  303 205 HOH HOH A . 
D 4 HOH 4  304 230 HOH HOH A . 
D 4 HOH 5  305 217 HOH HOH A . 
D 4 HOH 6  306 210 HOH HOH A . 
D 4 HOH 7  307 222 HOH HOH A . 
D 4 HOH 8  308 221 HOH HOH A . 
D 4 HOH 9  309 223 HOH HOH A . 
D 4 HOH 10 310 233 HOH HOH A . 
D 4 HOH 11 311 203 HOH HOH A . 
D 4 HOH 12 312 209 HOH HOH A . 
D 4 HOH 13 313 229 HOH HOH A . 
D 4 HOH 14 314 228 HOH HOH A . 
D 4 HOH 15 315 232 HOH HOH A . 
D 4 HOH 16 316 215 HOH HOH A . 
D 4 HOH 17 317 208 HOH HOH A . 
D 4 HOH 18 318 237 HOH HOH A . 
D 4 HOH 19 319 214 HOH HOH A . 
D 4 HOH 20 320 220 HOH HOH A . 
D 4 HOH 21 321 225 HOH HOH A . 
D 4 HOH 22 322 231 HOH HOH A . 
D 4 HOH 23 323 218 HOH HOH A . 
D 4 HOH 24 324 234 HOH HOH A . 
D 4 HOH 25 325 227 HOH HOH A . 
D 4 HOH 26 326 216 HOH HOH A . 
D 4 HOH 27 327 207 HOH HOH A . 
D 4 HOH 28 328 213 HOH HOH A . 
D 4 HOH 29 329 235 HOH HOH A . 
D 4 HOH 30 330 226 HOH HOH A . 
D 4 HOH 31 331 212 HOH HOH A . 
D 4 HOH 32 332 204 HOH HOH A . 
D 4 HOH 33 333 236 HOH HOH A . 
D 4 HOH 34 334 206 HOH HOH A . 
D 4 HOH 35 335 224 HOH HOH A . 
# 
_pdbx_struct_assembly.id                   1 
_pdbx_struct_assembly.details              author_and_software_defined_assembly 
_pdbx_struct_assembly.method_details       PISA 
_pdbx_struct_assembly.oligomeric_details   dimeric 
_pdbx_struct_assembly.oligomeric_count     2 
# 
_pdbx_struct_assembly_gen.assembly_id       1 
_pdbx_struct_assembly_gen.oper_expression   1,2 
_pdbx_struct_assembly_gen.asym_id_list      A,B,C,D 
# 
loop_
_pdbx_struct_assembly_prop.biol_id 
_pdbx_struct_assembly_prop.type 
_pdbx_struct_assembly_prop.value 
_pdbx_struct_assembly_prop.details 
1 'ABSA (A^2)' 2470  ? 
1 MORE         -17   ? 
1 'SSA (A^2)'  18430 ? 
# 
loop_
_pdbx_struct_oper_list.id 
_pdbx_struct_oper_list.type 
_pdbx_struct_oper_list.name 
_pdbx_struct_oper_list.symmetry_operation 
_pdbx_struct_oper_list.matrix[1][1] 
_pdbx_struct_oper_list.matrix[1][2] 
_pdbx_struct_oper_list.matrix[1][3] 
_pdbx_struct_oper_list.vector[1] 
_pdbx_struct_oper_list.matrix[2][1] 
_pdbx_struct_oper_list.matrix[2][2] 
_pdbx_struct_oper_list.matrix[2][3] 
_pdbx_struct_oper_list.vector[2] 
_pdbx_struct_oper_list.matrix[3][1] 
_pdbx_struct_oper_list.matrix[3][2] 
_pdbx_struct_oper_list.matrix[3][3] 
_pdbx_struct_oper_list.vector[3] 
1 'identity operation'         1_555 x,y,z     1.0000000000  0.0000000000 0.0000000000 0.0000000000  0.0000000000 1.0000000000  0.0000000000 0.0000000000   0.0000000000 0.0000000000 1.0000000000 0.0000000000  
2 'crystal symmetry operation' 2_556 -x,y,-z+1 -0.9870346737 0.0824646216 0.1377030829 -5.5971179793 0.0824646216 -0.4754922722 0.8758462681 -23.2009125873 0.1377030829 0.8758462681 0.4625269459 14.4210492433 
# 
loop_
_pdbx_audit_revision_history.ordinal 
_pdbx_audit_revision_history.data_content_type 
_pdbx_audit_revision_history.major_revision 
_pdbx_audit_revision_history.minor_revision 
_pdbx_audit_revision_history.revision_date 
1 'Structure model' 1 0 2019-02-13 
2 'Structure model' 1 1 2023-11-22 
# 
_pdbx_audit_revision_details.ordinal             1 
_pdbx_audit_revision_details.revision_ordinal    1 
_pdbx_audit_revision_details.data_content_type   'Structure model' 
_pdbx_audit_revision_details.provider            repository 
_pdbx_audit_revision_details.type                'Initial release' 
_pdbx_audit_revision_details.description         ? 
_pdbx_audit_revision_details.details             ? 
# 
loop_
_pdbx_audit_revision_group.ordinal 
_pdbx_audit_revision_group.revision_ordinal 
_pdbx_audit_revision_group.data_content_type 
_pdbx_audit_revision_group.group 
1 2 'Structure model' 'Data collection'        
2 2 'Structure model' 'Database references'    
3 2 'Structure model' 'Refinement description' 
# 
loop_
_pdbx_audit_revision_category.ordinal 
_pdbx_audit_revision_category.revision_ordinal 
_pdbx_audit_revision_category.data_content_type 
_pdbx_audit_revision_category.category 
1 2 'Structure model' chem_comp_atom                
2 2 'Structure model' chem_comp_bond                
3 2 'Structure model' database_2                    
4 2 'Structure model' pdbx_initial_refinement_model 
# 
loop_
_pdbx_audit_revision_item.ordinal 
_pdbx_audit_revision_item.revision_ordinal 
_pdbx_audit_revision_item.data_content_type 
_pdbx_audit_revision_item.item 
1 2 'Structure model' '_database_2.pdbx_DOI'                
2 2 'Structure model' '_database_2.pdbx_database_accession' 
# 
_pdbx_phasing_MR.entry_id                     6IE9 
_pdbx_phasing_MR.method_rotation              ? 
_pdbx_phasing_MR.method_translation           ? 
_pdbx_phasing_MR.model_details                ? 
_pdbx_phasing_MR.R_factor                     ? 
_pdbx_phasing_MR.R_rigid_body                 ? 
_pdbx_phasing_MR.correlation_coeff_Fo_to_Fc   ? 
_pdbx_phasing_MR.correlation_coeff_Io_to_Ic   ? 
_pdbx_phasing_MR.d_res_high_rotation          2.030 
_pdbx_phasing_MR.d_res_low_rotation           32.080 
_pdbx_phasing_MR.d_res_high_translation       2.030 
_pdbx_phasing_MR.d_res_low_translation        32.080 
_pdbx_phasing_MR.packing                      ? 
_pdbx_phasing_MR.reflns_percent_rotation      ? 
_pdbx_phasing_MR.reflns_percent_translation   ? 
_pdbx_phasing_MR.sigma_F_rotation             ? 
_pdbx_phasing_MR.sigma_F_translation          ? 
_pdbx_phasing_MR.sigma_I_rotation             ? 
_pdbx_phasing_MR.sigma_I_translation          ? 
# 
_phasing.method   MR 
# 
loop_
_software.citation_id 
_software.classification 
_software.compiler_name 
_software.compiler_version 
_software.contact_author 
_software.contact_author_email 
_software.date 
_software.description 
_software.dependencies 
_software.hardware 
_software.language 
_software.location 
_software.mods 
_software.name 
_software.os 
_software.os_version 
_software.type 
_software.version 
_software.pdbx_ordinal 
? 'data reduction'  ? ? ? ? ? ? ? ? ? ? ? HKL-2000    ? ? ? .        1 
? 'data scaling'    ? ? ? ? ? ? ? ? ? ? ? HKL-2000    ? ? ? .        2 
? phasing           ? ? ? ? ? ? ? ? ? ? ? MOLREP      ? ? ? 10.2.35  3 
? refinement        ? ? ? ? ? ? ? ? ? ? ? REFMAC      ? ? ? 5.7.0029 4 
? 'data extraction' ? ? ? ? ? ? ? ? ? ? ? PDB_EXTRACT ? ? ? 3.15     5 
# 
loop_
_pdbx_validate_torsion.id 
_pdbx_validate_torsion.PDB_model_num 
_pdbx_validate_torsion.auth_comp_id 
_pdbx_validate_torsion.auth_asym_id 
_pdbx_validate_torsion.auth_seq_id 
_pdbx_validate_torsion.PDB_ins_code 
_pdbx_validate_torsion.label_alt_id 
_pdbx_validate_torsion.phi 
_pdbx_validate_torsion.psi 
1 1 ASP A 132 ? ? -140.55 58.93   
2 1 ARG A 136 ? ? 25.39   163.71  
3 1 SER A 137 ? ? 66.59   -134.25 
4 1 VAL A 138 ? ? 57.48   -30.29  
# 
loop_
_pdbx_validate_peptide_omega.id 
_pdbx_validate_peptide_omega.PDB_model_num 
_pdbx_validate_peptide_omega.auth_comp_id_1 
_pdbx_validate_peptide_omega.auth_asym_id_1 
_pdbx_validate_peptide_omega.auth_seq_id_1 
_pdbx_validate_peptide_omega.PDB_ins_code_1 
_pdbx_validate_peptide_omega.label_alt_id_1 
_pdbx_validate_peptide_omega.auth_comp_id_2 
_pdbx_validate_peptide_omega.auth_asym_id_2 
_pdbx_validate_peptide_omega.auth_seq_id_2 
_pdbx_validate_peptide_omega.PDB_ins_code_2 
_pdbx_validate_peptide_omega.label_alt_id_2 
_pdbx_validate_peptide_omega.omega 
1 1 ASP A 132 ? ? LEU A 133 ? ? 147.90  
2 1 SER A 137 ? ? VAL A 138 ? ? -133.59 
# 
loop_
_pdbx_unobs_or_zero_occ_residues.id 
_pdbx_unobs_or_zero_occ_residues.PDB_model_num 
_pdbx_unobs_or_zero_occ_residues.polymer_flag 
_pdbx_unobs_or_zero_occ_residues.occupancy_flag 
_pdbx_unobs_or_zero_occ_residues.auth_asym_id 
_pdbx_unobs_or_zero_occ_residues.auth_comp_id 
_pdbx_unobs_or_zero_occ_residues.auth_seq_id 
_pdbx_unobs_or_zero_occ_residues.PDB_ins_code 
_pdbx_unobs_or_zero_occ_residues.label_asym_id 
_pdbx_unobs_or_zero_occ_residues.label_comp_id 
_pdbx_unobs_or_zero_occ_residues.label_seq_id 
1  1 Y 1 A MET 0   ? A MET 1   
2  1 Y 1 A VAL 1   ? A VAL 2   
3  1 Y 1 A ALA 2   ? A ALA 3   
4  1 Y 1 A ARG 3   ? A ARG 4   
5  1 Y 1 A PRO 4   ? A PRO 5   
6  1 Y 1 A LYS 5   ? A LYS 6   
7  1 Y 1 A SER 6   ? A SER 7   
8  1 Y 1 A GLU 7   ? A GLU 8   
9  1 Y 1 A GLU 192 ? A GLU 193 
10 1 Y 1 A GLN 193 ? A GLN 194 
# 
loop_
_chem_comp_atom.comp_id 
_chem_comp_atom.atom_id 
_chem_comp_atom.type_symbol 
_chem_comp_atom.pdbx_aromatic_flag 
_chem_comp_atom.pdbx_stereo_config 
_chem_comp_atom.pdbx_ordinal 
ALA N    N N N 1   
ALA CA   C N S 2   
ALA C    C N N 3   
ALA O    O N N 4   
ALA CB   C N N 5   
ALA OXT  O N N 6   
ALA H    H N N 7   
ALA H2   H N N 8   
ALA HA   H N N 9   
ALA HB1  H N N 10  
ALA HB2  H N N 11  
ALA HB3  H N N 12  
ALA HXT  H N N 13  
ARG N    N N N 14  
ARG CA   C N S 15  
ARG C    C N N 16  
ARG O    O N N 17  
ARG CB   C N N 18  
ARG CG   C N N 19  
ARG CD   C N N 20  
ARG NE   N N N 21  
ARG CZ   C N N 22  
ARG NH1  N N N 23  
ARG NH2  N N N 24  
ARG OXT  O N N 25  
ARG H    H N N 26  
ARG H2   H N N 27  
ARG HA   H N N 28  
ARG HB2  H N N 29  
ARG HB3  H N N 30  
ARG HG2  H N N 31  
ARG HG3  H N N 32  
ARG HD2  H N N 33  
ARG HD3  H N N 34  
ARG HE   H N N 35  
ARG HH11 H N N 36  
ARG HH12 H N N 37  
ARG HH21 H N N 38  
ARG HH22 H N N 39  
ARG HXT  H N N 40  
ASN N    N N N 41  
ASN CA   C N S 42  
ASN C    C N N 43  
ASN O    O N N 44  
ASN CB   C N N 45  
ASN CG   C N N 46  
ASN OD1  O N N 47  
ASN ND2  N N N 48  
ASN OXT  O N N 49  
ASN H    H N N 50  
ASN H2   H N N 51  
ASN HA   H N N 52  
ASN HB2  H N N 53  
ASN HB3  H N N 54  
ASN HD21 H N N 55  
ASN HD22 H N N 56  
ASN HXT  H N N 57  
ASP N    N N N 58  
ASP CA   C N S 59  
ASP C    C N N 60  
ASP O    O N N 61  
ASP CB   C N N 62  
ASP CG   C N N 63  
ASP OD1  O N N 64  
ASP OD2  O N N 65  
ASP OXT  O N N 66  
ASP H    H N N 67  
ASP H2   H N N 68  
ASP HA   H N N 69  
ASP HB2  H N N 70  
ASP HB3  H N N 71  
ASP HD2  H N N 72  
ASP HXT  H N N 73  
CYS N    N N N 74  
CYS CA   C N R 75  
CYS C    C N N 76  
CYS O    O N N 77  
CYS CB   C N N 78  
CYS SG   S N N 79  
CYS OXT  O N N 80  
CYS H    H N N 81  
CYS H2   H N N 82  
CYS HA   H N N 83  
CYS HB2  H N N 84  
CYS HB3  H N N 85  
CYS HG   H N N 86  
CYS HXT  H N N 87  
GLN N    N N N 88  
GLN CA   C N S 89  
GLN C    C N N 90  
GLN O    O N N 91  
GLN CB   C N N 92  
GLN CG   C N N 93  
GLN CD   C N N 94  
GLN OE1  O N N 95  
GLN NE2  N N N 96  
GLN OXT  O N N 97  
GLN H    H N N 98  
GLN H2   H N N 99  
GLN HA   H N N 100 
GLN HB2  H N N 101 
GLN HB3  H N N 102 
GLN HG2  H N N 103 
GLN HG3  H N N 104 
GLN HE21 H N N 105 
GLN HE22 H N N 106 
GLN HXT  H N N 107 
GLU N    N N N 108 
GLU CA   C N S 109 
GLU C    C N N 110 
GLU O    O N N 111 
GLU CB   C N N 112 
GLU CG   C N N 113 
GLU CD   C N N 114 
GLU OE1  O N N 115 
GLU OE2  O N N 116 
GLU OXT  O N N 117 
GLU H    H N N 118 
GLU H2   H N N 119 
GLU HA   H N N 120 
GLU HB2  H N N 121 
GLU HB3  H N N 122 
GLU HG2  H N N 123 
GLU HG3  H N N 124 
GLU HE2  H N N 125 
GLU HXT  H N N 126 
GLY N    N N N 127 
GLY CA   C N N 128 
GLY C    C N N 129 
GLY O    O N N 130 
GLY OXT  O N N 131 
GLY H    H N N 132 
GLY H2   H N N 133 
GLY HA2  H N N 134 
GLY HA3  H N N 135 
GLY HXT  H N N 136 
HIS N    N N N 137 
HIS CA   C N S 138 
HIS C    C N N 139 
HIS O    O N N 140 
HIS CB   C N N 141 
HIS CG   C Y N 142 
HIS ND1  N Y N 143 
HIS CD2  C Y N 144 
HIS CE1  C Y N 145 
HIS NE2  N Y N 146 
HIS OXT  O N N 147 
HIS H    H N N 148 
HIS H2   H N N 149 
HIS HA   H N N 150 
HIS HB2  H N N 151 
HIS HB3  H N N 152 
HIS HD1  H N N 153 
HIS HD2  H N N 154 
HIS HE1  H N N 155 
HIS HE2  H N N 156 
HIS HXT  H N N 157 
HOH O    O N N 158 
HOH H1   H N N 159 
HOH H2   H N N 160 
ILE N    N N N 161 
ILE CA   C N S 162 
ILE C    C N N 163 
ILE O    O N N 164 
ILE CB   C N S 165 
ILE CG1  C N N 166 
ILE CG2  C N N 167 
ILE CD1  C N N 168 
ILE OXT  O N N 169 
ILE H    H N N 170 
ILE H2   H N N 171 
ILE HA   H N N 172 
ILE HB   H N N 173 
ILE HG12 H N N 174 
ILE HG13 H N N 175 
ILE HG21 H N N 176 
ILE HG22 H N N 177 
ILE HG23 H N N 178 
ILE HD11 H N N 179 
ILE HD12 H N N 180 
ILE HD13 H N N 181 
ILE HXT  H N N 182 
JN3 C1   C N N 183 
JN3 C2   C N N 184 
JN3 C3   C N R 185 
JN3 O3   O N N 186 
JN3 C4   C N N 187 
JN3 C5   C N S 188 
JN3 C6   C N N 189 
JN3 C7   C N R 190 
JN3 O7   O N N 191 
JN3 C8   C N S 192 
JN3 C9   C N S 193 
JN3 C10  C N S 194 
JN3 C11  C N N 195 
JN3 C12  C N N 196 
JN3 C13  C N R 197 
JN3 C14  C N S 198 
JN3 C15  C N N 199 
JN3 C16  C N N 200 
JN3 C17  C N R 201 
JN3 C18  C N N 202 
JN3 C19  C N N 203 
JN3 C20  C N R 204 
JN3 C21  C N N 205 
JN3 C22  C N N 206 
JN3 C23  C N N 207 
JN3 O25  O N N 208 
JN3 C24  C N N 209 
JN3 O26  O N N 210 
JN3 H11  H N N 211 
JN3 H12  H N N 212 
JN3 H21  H N N 213 
JN3 H22  H N N 214 
JN3 H3   H N N 215 
JN3 HO3  H N N 216 
JN3 H41  H N N 217 
JN3 H42  H N N 218 
JN3 H5   H N N 219 
JN3 H61  H N N 220 
JN3 H62  H N N 221 
JN3 H7   H N N 222 
JN3 HO7  H N N 223 
JN3 H8   H N N 224 
JN3 H9   H N N 225 
JN3 H111 H N N 226 
JN3 H112 H N N 227 
JN3 H121 H N N 228 
JN3 H122 H N N 229 
JN3 H14  H N N 230 
JN3 H151 H N N 231 
JN3 H152 H N N 232 
JN3 H161 H N N 233 
JN3 H162 H N N 234 
JN3 H17  H N N 235 
JN3 H181 H N N 236 
JN3 H182 H N N 237 
JN3 H183 H N N 238 
JN3 H191 H N N 239 
JN3 H192 H N N 240 
JN3 H193 H N N 241 
JN3 H20  H N N 242 
JN3 H211 H N N 243 
JN3 H212 H N N 244 
JN3 H213 H N N 245 
JN3 H221 H N N 246 
JN3 H222 H N N 247 
JN3 H231 H N N 248 
JN3 H232 H N N 249 
JN3 HO26 H N N 250 
LEU N    N N N 251 
LEU CA   C N S 252 
LEU C    C N N 253 
LEU O    O N N 254 
LEU CB   C N N 255 
LEU CG   C N N 256 
LEU CD1  C N N 257 
LEU CD2  C N N 258 
LEU OXT  O N N 259 
LEU H    H N N 260 
LEU H2   H N N 261 
LEU HA   H N N 262 
LEU HB2  H N N 263 
LEU HB3  H N N 264 
LEU HG   H N N 265 
LEU HD11 H N N 266 
LEU HD12 H N N 267 
LEU HD13 H N N 268 
LEU HD21 H N N 269 
LEU HD22 H N N 270 
LEU HD23 H N N 271 
LEU HXT  H N N 272 
LYS N    N N N 273 
LYS CA   C N S 274 
LYS C    C N N 275 
LYS O    O N N 276 
LYS CB   C N N 277 
LYS CG   C N N 278 
LYS CD   C N N 279 
LYS CE   C N N 280 
LYS NZ   N N N 281 
LYS OXT  O N N 282 
LYS H    H N N 283 
LYS H2   H N N 284 
LYS HA   H N N 285 
LYS HB2  H N N 286 
LYS HB3  H N N 287 
LYS HG2  H N N 288 
LYS HG3  H N N 289 
LYS HD2  H N N 290 
LYS HD3  H N N 291 
LYS HE2  H N N 292 
LYS HE3  H N N 293 
LYS HZ1  H N N 294 
LYS HZ2  H N N 295 
LYS HZ3  H N N 296 
LYS HXT  H N N 297 
MET N    N N N 298 
MET CA   C N S 299 
MET C    C N N 300 
MET O    O N N 301 
MET CB   C N N 302 
MET CG   C N N 303 
MET SD   S N N 304 
MET CE   C N N 305 
MET OXT  O N N 306 
MET H    H N N 307 
MET H2   H N N 308 
MET HA   H N N 309 
MET HB2  H N N 310 
MET HB3  H N N 311 
MET HG2  H N N 312 
MET HG3  H N N 313 
MET HE1  H N N 314 
MET HE2  H N N 315 
MET HE3  H N N 316 
MET HXT  H N N 317 
PHE N    N N N 318 
PHE CA   C N S 319 
PHE C    C N N 320 
PHE O    O N N 321 
PHE CB   C N N 322 
PHE CG   C Y N 323 
PHE CD1  C Y N 324 
PHE CD2  C Y N 325 
PHE CE1  C Y N 326 
PHE CE2  C Y N 327 
PHE CZ   C Y N 328 
PHE OXT  O N N 329 
PHE H    H N N 330 
PHE H2   H N N 331 
PHE HA   H N N 332 
PHE HB2  H N N 333 
PHE HB3  H N N 334 
PHE HD1  H N N 335 
PHE HD2  H N N 336 
PHE HE1  H N N 337 
PHE HE2  H N N 338 
PHE HZ   H N N 339 
PHE HXT  H N N 340 
PRO N    N N N 341 
PRO CA   C N S 342 
PRO C    C N N 343 
PRO O    O N N 344 
PRO CB   C N N 345 
PRO CG   C N N 346 
PRO CD   C N N 347 
PRO OXT  O N N 348 
PRO H    H N N 349 
PRO HA   H N N 350 
PRO HB2  H N N 351 
PRO HB3  H N N 352 
PRO HG2  H N N 353 
PRO HG3  H N N 354 
PRO HD2  H N N 355 
PRO HD3  H N N 356 
PRO HXT  H N N 357 
SER N    N N N 358 
SER CA   C N S 359 
SER C    C N N 360 
SER O    O N N 361 
SER CB   C N N 362 
SER OG   O N N 363 
SER OXT  O N N 364 
SER H    H N N 365 
SER H2   H N N 366 
SER HA   H N N 367 
SER HB2  H N N 368 
SER HB3  H N N 369 
SER HG   H N N 370 
SER HXT  H N N 371 
SO4 S    S N N 372 
SO4 O1   O N N 373 
SO4 O2   O N N 374 
SO4 O3   O N N 375 
SO4 O4   O N N 376 
THR N    N N N 377 
THR CA   C N S 378 
THR C    C N N 379 
THR O    O N N 380 
THR CB   C N R 381 
THR OG1  O N N 382 
THR CG2  C N N 383 
THR OXT  O N N 384 
THR H    H N N 385 
THR H2   H N N 386 
THR HA   H N N 387 
THR HB   H N N 388 
THR HG1  H N N 389 
THR HG21 H N N 390 
THR HG22 H N N 391 
THR HG23 H N N 392 
THR HXT  H N N 393 
TRP N    N N N 394 
TRP CA   C N S 395 
TRP C    C N N 396 
TRP O    O N N 397 
TRP CB   C N N 398 
TRP CG   C Y N 399 
TRP CD1  C Y N 400 
TRP CD2  C Y N 401 
TRP NE1  N Y N 402 
TRP CE2  C Y N 403 
TRP CE3  C Y N 404 
TRP CZ2  C Y N 405 
TRP CZ3  C Y N 406 
TRP CH2  C Y N 407 
TRP OXT  O N N 408 
TRP H    H N N 409 
TRP H2   H N N 410 
TRP HA   H N N 411 
TRP HB2  H N N 412 
TRP HB3  H N N 413 
TRP HD1  H N N 414 
TRP HE1  H N N 415 
TRP HE3  H N N 416 
TRP HZ2  H N N 417 
TRP HZ3  H N N 418 
TRP HH2  H N N 419 
TRP HXT  H N N 420 
TYR N    N N N 421 
TYR CA   C N S 422 
TYR C    C N N 423 
TYR O    O N N 424 
TYR CB   C N N 425 
TYR CG   C Y N 426 
TYR CD1  C Y N 427 
TYR CD2  C Y N 428 
TYR CE1  C Y N 429 
TYR CE2  C Y N 430 
TYR CZ   C Y N 431 
TYR OH   O N N 432 
TYR OXT  O N N 433 
TYR H    H N N 434 
TYR H2   H N N 435 
TYR HA   H N N 436 
TYR HB2  H N N 437 
TYR HB3  H N N 438 
TYR HD1  H N N 439 
TYR HD2  H N N 440 
TYR HE1  H N N 441 
TYR HE2  H N N 442 
TYR HH   H N N 443 
TYR HXT  H N N 444 
VAL N    N N N 445 
VAL CA   C N S 446 
VAL C    C N N 447 
VAL O    O N N 448 
VAL CB   C N N 449 
VAL CG1  C N N 450 
VAL CG2  C N N 451 
VAL OXT  O N N 452 
VAL H    H N N 453 
VAL H2   H N N 454 
VAL HA   H N N 455 
VAL HB   H N N 456 
VAL HG11 H N N 457 
VAL HG12 H N N 458 
VAL HG13 H N N 459 
VAL HG21 H N N 460 
VAL HG22 H N N 461 
VAL HG23 H N N 462 
VAL HXT  H N N 463 
# 
loop_
_chem_comp_bond.comp_id 
_chem_comp_bond.atom_id_1 
_chem_comp_bond.atom_id_2 
_chem_comp_bond.value_order 
_chem_comp_bond.pdbx_aromatic_flag 
_chem_comp_bond.pdbx_stereo_config 
_chem_comp_bond.pdbx_ordinal 
ALA N   CA   sing N N 1   
ALA N   H    sing N N 2   
ALA N   H2   sing N N 3   
ALA CA  C    sing N N 4   
ALA CA  CB   sing N N 5   
ALA CA  HA   sing N N 6   
ALA C   O    doub N N 7   
ALA C   OXT  sing N N 8   
ALA CB  HB1  sing N N 9   
ALA CB  HB2  sing N N 10  
ALA CB  HB3  sing N N 11  
ALA OXT HXT  sing N N 12  
ARG N   CA   sing N N 13  
ARG N   H    sing N N 14  
ARG N   H2   sing N N 15  
ARG CA  C    sing N N 16  
ARG CA  CB   sing N N 17  
ARG CA  HA   sing N N 18  
ARG C   O    doub N N 19  
ARG C   OXT  sing N N 20  
ARG CB  CG   sing N N 21  
ARG CB  HB2  sing N N 22  
ARG CB  HB3  sing N N 23  
ARG CG  CD   sing N N 24  
ARG CG  HG2  sing N N 25  
ARG CG  HG3  sing N N 26  
ARG CD  NE   sing N N 27  
ARG CD  HD2  sing N N 28  
ARG CD  HD3  sing N N 29  
ARG NE  CZ   sing N N 30  
ARG NE  HE   sing N N 31  
ARG CZ  NH1  sing N N 32  
ARG CZ  NH2  doub N N 33  
ARG NH1 HH11 sing N N 34  
ARG NH1 HH12 sing N N 35  
ARG NH2 HH21 sing N N 36  
ARG NH2 HH22 sing N N 37  
ARG OXT HXT  sing N N 38  
ASN N   CA   sing N N 39  
ASN N   H    sing N N 40  
ASN N   H2   sing N N 41  
ASN CA  C    sing N N 42  
ASN CA  CB   sing N N 43  
ASN CA  HA   sing N N 44  
ASN C   O    doub N N 45  
ASN C   OXT  sing N N 46  
ASN CB  CG   sing N N 47  
ASN CB  HB2  sing N N 48  
ASN CB  HB3  sing N N 49  
ASN CG  OD1  doub N N 50  
ASN CG  ND2  sing N N 51  
ASN ND2 HD21 sing N N 52  
ASN ND2 HD22 sing N N 53  
ASN OXT HXT  sing N N 54  
ASP N   CA   sing N N 55  
ASP N   H    sing N N 56  
ASP N   H2   sing N N 57  
ASP CA  C    sing N N 58  
ASP CA  CB   sing N N 59  
ASP CA  HA   sing N N 60  
ASP C   O    doub N N 61  
ASP C   OXT  sing N N 62  
ASP CB  CG   sing N N 63  
ASP CB  HB2  sing N N 64  
ASP CB  HB3  sing N N 65  
ASP CG  OD1  doub N N 66  
ASP CG  OD2  sing N N 67  
ASP OD2 HD2  sing N N 68  
ASP OXT HXT  sing N N 69  
CYS N   CA   sing N N 70  
CYS N   H    sing N N 71  
CYS N   H2   sing N N 72  
CYS CA  C    sing N N 73  
CYS CA  CB   sing N N 74  
CYS CA  HA   sing N N 75  
CYS C   O    doub N N 76  
CYS C   OXT  sing N N 77  
CYS CB  SG   sing N N 78  
CYS CB  HB2  sing N N 79  
CYS CB  HB3  sing N N 80  
CYS SG  HG   sing N N 81  
CYS OXT HXT  sing N N 82  
GLN N   CA   sing N N 83  
GLN N   H    sing N N 84  
GLN N   H2   sing N N 85  
GLN CA  C    sing N N 86  
GLN CA  CB   sing N N 87  
GLN CA  HA   sing N N 88  
GLN C   O    doub N N 89  
GLN C   OXT  sing N N 90  
GLN CB  CG   sing N N 91  
GLN CB  HB2  sing N N 92  
GLN CB  HB3  sing N N 93  
GLN CG  CD   sing N N 94  
GLN CG  HG2  sing N N 95  
GLN CG  HG3  sing N N 96  
GLN CD  OE1  doub N N 97  
GLN CD  NE2  sing N N 98  
GLN NE2 HE21 sing N N 99  
GLN NE2 HE22 sing N N 100 
GLN OXT HXT  sing N N 101 
GLU N   CA   sing N N 102 
GLU N   H    sing N N 103 
GLU N   H2   sing N N 104 
GLU CA  C    sing N N 105 
GLU CA  CB   sing N N 106 
GLU CA  HA   sing N N 107 
GLU C   O    doub N N 108 
GLU C   OXT  sing N N 109 
GLU CB  CG   sing N N 110 
GLU CB  HB2  sing N N 111 
GLU CB  HB3  sing N N 112 
GLU CG  CD   sing N N 113 
GLU CG  HG2  sing N N 114 
GLU CG  HG3  sing N N 115 
GLU CD  OE1  doub N N 116 
GLU CD  OE2  sing N N 117 
GLU OE2 HE2  sing N N 118 
GLU OXT HXT  sing N N 119 
GLY N   CA   sing N N 120 
GLY N   H    sing N N 121 
GLY N   H2   sing N N 122 
GLY CA  C    sing N N 123 
GLY CA  HA2  sing N N 124 
GLY CA  HA3  sing N N 125 
GLY C   O    doub N N 126 
GLY C   OXT  sing N N 127 
GLY OXT HXT  sing N N 128 
HIS N   CA   sing N N 129 
HIS N   H    sing N N 130 
HIS N   H2   sing N N 131 
HIS CA  C    sing N N 132 
HIS CA  CB   sing N N 133 
HIS CA  HA   sing N N 134 
HIS C   O    doub N N 135 
HIS C   OXT  sing N N 136 
HIS CB  CG   sing N N 137 
HIS CB  HB2  sing N N 138 
HIS CB  HB3  sing N N 139 
HIS CG  ND1  sing Y N 140 
HIS CG  CD2  doub Y N 141 
HIS ND1 CE1  doub Y N 142 
HIS ND1 HD1  sing N N 143 
HIS CD2 NE2  sing Y N 144 
HIS CD2 HD2  sing N N 145 
HIS CE1 NE2  sing Y N 146 
HIS CE1 HE1  sing N N 147 
HIS NE2 HE2  sing N N 148 
HIS OXT HXT  sing N N 149 
HOH O   H1   sing N N 150 
HOH O   H2   sing N N 151 
ILE N   CA   sing N N 152 
ILE N   H    sing N N 153 
ILE N   H2   sing N N 154 
ILE CA  C    sing N N 155 
ILE CA  CB   sing N N 156 
ILE CA  HA   sing N N 157 
ILE C   O    doub N N 158 
ILE C   OXT  sing N N 159 
ILE CB  CG1  sing N N 160 
ILE CB  CG2  sing N N 161 
ILE CB  HB   sing N N 162 
ILE CG1 CD1  sing N N 163 
ILE CG1 HG12 sing N N 164 
ILE CG1 HG13 sing N N 165 
ILE CG2 HG21 sing N N 166 
ILE CG2 HG22 sing N N 167 
ILE CG2 HG23 sing N N 168 
ILE CD1 HD11 sing N N 169 
ILE CD1 HD12 sing N N 170 
ILE CD1 HD13 sing N N 171 
ILE OXT HXT  sing N N 172 
JN3 C1  C2   sing N N 173 
JN3 C1  C10  sing N N 174 
JN3 C1  H11  sing N N 175 
JN3 C1  H12  sing N N 176 
JN3 C2  C3   sing N N 177 
JN3 C2  H21  sing N N 178 
JN3 C2  H22  sing N N 179 
JN3 C3  O3   sing N N 180 
JN3 C3  C4   sing N N 181 
JN3 C3  H3   sing N N 182 
JN3 O3  HO3  sing N N 183 
JN3 C4  C5   sing N N 184 
JN3 C4  H41  sing N N 185 
JN3 C4  H42  sing N N 186 
JN3 C5  C10  sing N N 187 
JN3 C5  C6   sing N N 188 
JN3 C5  H5   sing N N 189 
JN3 C6  C7   sing N N 190 
JN3 C6  H61  sing N N 191 
JN3 C6  H62  sing N N 192 
JN3 C7  C8   sing N N 193 
JN3 C7  O7   sing N N 194 
JN3 C7  H7   sing N N 195 
JN3 O7  HO7  sing N N 196 
JN3 C8  C9   sing N N 197 
JN3 C8  C14  sing N N 198 
JN3 C8  H8   sing N N 199 
JN3 C9  C11  sing N N 200 
JN3 C9  C10  sing N N 201 
JN3 C9  H9   sing N N 202 
JN3 C10 C19  sing N N 203 
JN3 C11 C12  sing N N 204 
JN3 C11 H111 sing N N 205 
JN3 C11 H112 sing N N 206 
JN3 C12 C13  sing N N 207 
JN3 C12 H121 sing N N 208 
JN3 C12 H122 sing N N 209 
JN3 C13 C18  sing N N 210 
JN3 C13 C17  sing N N 211 
JN3 C13 C14  sing N N 212 
JN3 C14 C15  sing N N 213 
JN3 C14 H14  sing N N 214 
JN3 C15 C16  sing N N 215 
JN3 C15 H151 sing N N 216 
JN3 C15 H152 sing N N 217 
JN3 C16 C17  sing N N 218 
JN3 C16 H161 sing N N 219 
JN3 C16 H162 sing N N 220 
JN3 C17 C20  sing N N 221 
JN3 C17 H17  sing N N 222 
JN3 C18 H181 sing N N 223 
JN3 C18 H182 sing N N 224 
JN3 C18 H183 sing N N 225 
JN3 C19 H191 sing N N 226 
JN3 C19 H192 sing N N 227 
JN3 C19 H193 sing N N 228 
JN3 C20 C21  sing N N 229 
JN3 C20 C22  sing N N 230 
JN3 C20 H20  sing N N 231 
JN3 C21 H211 sing N N 232 
JN3 C21 H212 sing N N 233 
JN3 C21 H213 sing N N 234 
JN3 C22 C23  sing N N 235 
JN3 C22 H221 sing N N 236 
JN3 C22 H222 sing N N 237 
JN3 C23 C24  sing N N 238 
JN3 C23 H231 sing N N 239 
JN3 C23 H232 sing N N 240 
JN3 O25 C24  doub N N 241 
JN3 C24 O26  sing N N 242 
JN3 O26 HO26 sing N N 243 
LEU N   CA   sing N N 244 
LEU N   H    sing N N 245 
LEU N   H2   sing N N 246 
LEU CA  C    sing N N 247 
LEU CA  CB   sing N N 248 
LEU CA  HA   sing N N 249 
LEU C   O    doub N N 250 
LEU C   OXT  sing N N 251 
LEU CB  CG   sing N N 252 
LEU CB  HB2  sing N N 253 
LEU CB  HB3  sing N N 254 
LEU CG  CD1  sing N N 255 
LEU CG  CD2  sing N N 256 
LEU CG  HG   sing N N 257 
LEU CD1 HD11 sing N N 258 
LEU CD1 HD12 sing N N 259 
LEU CD1 HD13 sing N N 260 
LEU CD2 HD21 sing N N 261 
LEU CD2 HD22 sing N N 262 
LEU CD2 HD23 sing N N 263 
LEU OXT HXT  sing N N 264 
LYS N   CA   sing N N 265 
LYS N   H    sing N N 266 
LYS N   H2   sing N N 267 
LYS CA  C    sing N N 268 
LYS CA  CB   sing N N 269 
LYS CA  HA   sing N N 270 
LYS C   O    doub N N 271 
LYS C   OXT  sing N N 272 
LYS CB  CG   sing N N 273 
LYS CB  HB2  sing N N 274 
LYS CB  HB3  sing N N 275 
LYS CG  CD   sing N N 276 
LYS CG  HG2  sing N N 277 
LYS CG  HG3  sing N N 278 
LYS CD  CE   sing N N 279 
LYS CD  HD2  sing N N 280 
LYS CD  HD3  sing N N 281 
LYS CE  NZ   sing N N 282 
LYS CE  HE2  sing N N 283 
LYS CE  HE3  sing N N 284 
LYS NZ  HZ1  sing N N 285 
LYS NZ  HZ2  sing N N 286 
LYS NZ  HZ3  sing N N 287 
LYS OXT HXT  sing N N 288 
MET N   CA   sing N N 289 
MET N   H    sing N N 290 
MET N   H2   sing N N 291 
MET CA  C    sing N N 292 
MET CA  CB   sing N N 293 
MET CA  HA   sing N N 294 
MET C   O    doub N N 295 
MET C   OXT  sing N N 296 
MET CB  CG   sing N N 297 
MET CB  HB2  sing N N 298 
MET CB  HB3  sing N N 299 
MET CG  SD   sing N N 300 
MET CG  HG2  sing N N 301 
MET CG  HG3  sing N N 302 
MET SD  CE   sing N N 303 
MET CE  HE1  sing N N 304 
MET CE  HE2  sing N N 305 
MET CE  HE3  sing N N 306 
MET OXT HXT  sing N N 307 
PHE N   CA   sing N N 308 
PHE N   H    sing N N 309 
PHE N   H2   sing N N 310 
PHE CA  C    sing N N 311 
PHE CA  CB   sing N N 312 
PHE CA  HA   sing N N 313 
PHE C   O    doub N N 314 
PHE C   OXT  sing N N 315 
PHE CB  CG   sing N N 316 
PHE CB  HB2  sing N N 317 
PHE CB  HB3  sing N N 318 
PHE CG  CD1  doub Y N 319 
PHE CG  CD2  sing Y N 320 
PHE CD1 CE1  sing Y N 321 
PHE CD1 HD1  sing N N 322 
PHE CD2 CE2  doub Y N 323 
PHE CD2 HD2  sing N N 324 
PHE CE1 CZ   doub Y N 325 
PHE CE1 HE1  sing N N 326 
PHE CE2 CZ   sing Y N 327 
PHE CE2 HE2  sing N N 328 
PHE CZ  HZ   sing N N 329 
PHE OXT HXT  sing N N 330 
PRO N   CA   sing N N 331 
PRO N   CD   sing N N 332 
PRO N   H    sing N N 333 
PRO CA  C    sing N N 334 
PRO CA  CB   sing N N 335 
PRO CA  HA   sing N N 336 
PRO C   O    doub N N 337 
PRO C   OXT  sing N N 338 
PRO CB  CG   sing N N 339 
PRO CB  HB2  sing N N 340 
PRO CB  HB3  sing N N 341 
PRO CG  CD   sing N N 342 
PRO CG  HG2  sing N N 343 
PRO CG  HG3  sing N N 344 
PRO CD  HD2  sing N N 345 
PRO CD  HD3  sing N N 346 
PRO OXT HXT  sing N N 347 
SER N   CA   sing N N 348 
SER N   H    sing N N 349 
SER N   H2   sing N N 350 
SER CA  C    sing N N 351 
SER CA  CB   sing N N 352 
SER CA  HA   sing N N 353 
SER C   O    doub N N 354 
SER C   OXT  sing N N 355 
SER CB  OG   sing N N 356 
SER CB  HB2  sing N N 357 
SER CB  HB3  sing N N 358 
SER OG  HG   sing N N 359 
SER OXT HXT  sing N N 360 
SO4 S   O1   doub N N 361 
SO4 S   O2   doub N N 362 
SO4 S   O3   sing N N 363 
SO4 S   O4   sing N N 364 
THR N   CA   sing N N 365 
THR N   H    sing N N 366 
THR N   H2   sing N N 367 
THR CA  C    sing N N 368 
THR CA  CB   sing N N 369 
THR CA  HA   sing N N 370 
THR C   O    doub N N 371 
THR C   OXT  sing N N 372 
THR CB  OG1  sing N N 373 
THR CB  CG2  sing N N 374 
THR CB  HB   sing N N 375 
THR OG1 HG1  sing N N 376 
THR CG2 HG21 sing N N 377 
THR CG2 HG22 sing N N 378 
THR CG2 HG23 sing N N 379 
THR OXT HXT  sing N N 380 
TRP N   CA   sing N N 381 
TRP N   H    sing N N 382 
TRP N   H2   sing N N 383 
TRP CA  C    sing N N 384 
TRP CA  CB   sing N N 385 
TRP CA  HA   sing N N 386 
TRP C   O    doub N N 387 
TRP C   OXT  sing N N 388 
TRP CB  CG   sing N N 389 
TRP CB  HB2  sing N N 390 
TRP CB  HB3  sing N N 391 
TRP CG  CD1  doub Y N 392 
TRP CG  CD2  sing Y N 393 
TRP CD1 NE1  sing Y N 394 
TRP CD1 HD1  sing N N 395 
TRP CD2 CE2  doub Y N 396 
TRP CD2 CE3  sing Y N 397 
TRP NE1 CE2  sing Y N 398 
TRP NE1 HE1  sing N N 399 
TRP CE2 CZ2  sing Y N 400 
TRP CE3 CZ3  doub Y N 401 
TRP CE3 HE3  sing N N 402 
TRP CZ2 CH2  doub Y N 403 
TRP CZ2 HZ2  sing N N 404 
TRP CZ3 CH2  sing Y N 405 
TRP CZ3 HZ3  sing N N 406 
TRP CH2 HH2  sing N N 407 
TRP OXT HXT  sing N N 408 
TYR N   CA   sing N N 409 
TYR N   H    sing N N 410 
TYR N   H2   sing N N 411 
TYR CA  C    sing N N 412 
TYR CA  CB   sing N N 413 
TYR CA  HA   sing N N 414 
TYR C   O    doub N N 415 
TYR C   OXT  sing N N 416 
TYR CB  CG   sing N N 417 
TYR CB  HB2  sing N N 418 
TYR CB  HB3  sing N N 419 
TYR CG  CD1  doub Y N 420 
TYR CG  CD2  sing Y N 421 
TYR CD1 CE1  sing Y N 422 
TYR CD1 HD1  sing N N 423 
TYR CD2 CE2  doub Y N 424 
TYR CD2 HD2  sing N N 425 
TYR CE1 CZ   doub Y N 426 
TYR CE1 HE1  sing N N 427 
TYR CE2 CZ   sing Y N 428 
TYR CE2 HE2  sing N N 429 
TYR CZ  OH   sing N N 430 
TYR OH  HH   sing N N 431 
TYR OXT HXT  sing N N 432 
VAL N   CA   sing N N 433 
VAL N   H    sing N N 434 
VAL N   H2   sing N N 435 
VAL CA  C    sing N N 436 
VAL CA  CB   sing N N 437 
VAL CA  HA   sing N N 438 
VAL C   O    doub N N 439 
VAL C   OXT  sing N N 440 
VAL CB  CG1  sing N N 441 
VAL CB  CG2  sing N N 442 
VAL CB  HB   sing N N 443 
VAL CG1 HG11 sing N N 444 
VAL CG1 HG12 sing N N 445 
VAL CG1 HG13 sing N N 446 
VAL CG2 HG21 sing N N 447 
VAL CG2 HG22 sing N N 448 
VAL CG2 HG23 sing N N 449 
VAL OXT HXT  sing N N 450 
# 
_pdbx_entity_instance_feature.ordinal        1 
_pdbx_entity_instance_feature.comp_id        JN3 
_pdbx_entity_instance_feature.asym_id        ? 
_pdbx_entity_instance_feature.seq_num        ? 
_pdbx_entity_instance_feature.auth_comp_id   JN3 
_pdbx_entity_instance_feature.auth_asym_id   ? 
_pdbx_entity_instance_feature.auth_seq_num   ? 
_pdbx_entity_instance_feature.feature_type   'SUBJECT OF INVESTIGATION' 
_pdbx_entity_instance_feature.details        ? 
# 
loop_
_pdbx_entity_nonpoly.entity_id 
_pdbx_entity_nonpoly.name 
_pdbx_entity_nonpoly.comp_id 
2 'CHENODEOXYCHOLIC ACID' JN3 
3 'SULFATE ION'           SO4 
4 water                   HOH 
# 
_pdbx_initial_refinement_model.id               1 
_pdbx_initial_refinement_model.entity_id_list   ? 
_pdbx_initial_refinement_model.type             'experimental model' 
_pdbx_initial_refinement_model.source_name      PDB 
_pdbx_initial_refinement_model.accession_code   3VVX 
_pdbx_initial_refinement_model.details          ? 
# 
_pdbx_struct_assembly_auth_evidence.id                     1 
_pdbx_struct_assembly_auth_evidence.assembly_id            1 
_pdbx_struct_assembly_auth_evidence.experimental_support   'gel filtration' 
_pdbx_struct_assembly_auth_evidence.details                ? 
# 
